data_2KLX
#
_entry.id   2KLX
#
_entity_poly.entity_id   1
_entity_poly.type   'polypeptide(L)'
_entity_poly.pdbx_seq_one_letter_code
;GPGSMKEIILYTRPNCPYCKRARDLLDKKGVKYTDIDASTSLRQEMVQRANGRNTFPQIFIGDYHVGGCDDLYALENKGK
LDSLLQDVH
;
_entity_poly.pdbx_strand_id   A
#
# COMPACT_ATOMS: atom_id res chain seq x y z
N GLY A 1 -16.60 -22.54 -2.05
CA GLY A 1 -15.78 -22.09 -3.16
C GLY A 1 -14.34 -21.83 -2.74
N PRO A 2 -13.51 -21.39 -3.69
CA PRO A 2 -12.10 -21.10 -3.44
C PRO A 2 -11.90 -19.86 -2.57
N GLY A 3 -10.67 -19.65 -2.13
CA GLY A 3 -10.37 -18.49 -1.30
C GLY A 3 -10.07 -17.25 -2.11
N SER A 4 -9.74 -16.16 -1.42
CA SER A 4 -9.43 -14.90 -2.09
C SER A 4 -8.64 -13.98 -1.17
N MET A 5 -7.44 -13.63 -1.59
CA MET A 5 -6.57 -12.74 -0.81
C MET A 5 -5.99 -11.64 -1.67
N LYS A 6 -6.05 -10.41 -1.17
CA LYS A 6 -5.51 -9.26 -1.90
C LYS A 6 -4.04 -9.02 -1.55
N GLU A 7 -3.45 -8.03 -2.19
CA GLU A 7 -2.05 -7.69 -1.94
C GLU A 7 -1.87 -6.19 -1.80
N ILE A 8 -0.92 -5.79 -0.96
CA ILE A 8 -0.64 -4.38 -0.72
C ILE A 8 0.63 -3.94 -1.43
N ILE A 9 0.59 -2.77 -2.05
CA ILE A 9 1.74 -2.23 -2.77
C ILE A 9 2.01 -0.79 -2.38
N LEU A 10 3.24 -0.51 -1.96
CA LEU A 10 3.63 0.84 -1.56
C LEU A 10 4.52 1.48 -2.61
N TYR A 11 4.13 2.67 -3.05
CA TYR A 11 4.90 3.40 -4.06
C TYR A 11 5.66 4.56 -3.43
N THR A 12 6.99 4.41 -3.33
CA THR A 12 7.83 5.44 -2.75
C THR A 12 9.29 5.02 -2.75
N ARG A 13 10.16 5.88 -2.23
CA ARG A 13 11.59 5.60 -2.17
C ARG A 13 11.94 4.84 -0.89
N PRO A 14 13.08 4.14 -0.91
CA PRO A 14 13.56 3.36 0.23
C PRO A 14 14.01 4.25 1.39
N ASN A 15 14.06 5.55 1.15
CA ASN A 15 14.47 6.51 2.17
C ASN A 15 13.26 7.20 2.79
N CYS A 16 12.32 6.40 3.28
CA CYS A 16 11.11 6.93 3.90
C CYS A 16 11.06 6.59 5.39
N PRO A 17 11.46 7.55 6.23
CA PRO A 17 11.48 7.37 7.69
C PRO A 17 10.06 7.31 8.27
N TYR A 18 9.07 7.56 7.43
CA TYR A 18 7.68 7.53 7.87
C TYR A 18 6.99 6.26 7.41
N CYS A 19 7.27 5.84 6.18
CA CYS A 19 6.68 4.63 5.62
C CYS A 19 6.93 3.43 6.53
N LYS A 20 7.99 3.52 7.34
CA LYS A 20 8.35 2.45 8.26
C LYS A 20 7.12 1.98 9.05
N ARG A 21 6.22 2.90 9.33
CA ARG A 21 5.01 2.59 10.08
C ARG A 21 4.10 1.65 9.28
N ALA A 22 3.89 1.99 8.00
CA ALA A 22 3.05 1.17 7.14
C ALA A 22 3.62 -0.23 6.98
N ARG A 23 4.89 -0.30 6.57
CA ARG A 23 5.55 -1.59 6.37
C ARG A 23 5.58 -2.40 7.67
N ASP A 24 5.76 -1.69 8.78
CA ASP A 24 5.80 -2.34 10.09
C ASP A 24 4.47 -3.02 10.41
N LEU A 25 3.38 -2.29 10.22
CA LEU A 25 2.05 -2.82 10.49
C LEU A 25 1.77 -4.04 9.62
N LEU A 26 2.07 -3.93 8.33
CA LEU A 26 1.85 -5.02 7.39
C LEU A 26 2.58 -6.28 7.84
N ASP A 27 3.90 -6.17 8.00
CA ASP A 27 4.71 -7.30 8.43
C ASP A 27 4.25 -7.82 9.79
N LYS A 28 3.74 -6.92 10.62
CA LYS A 28 3.27 -7.28 11.94
C LYS A 28 2.02 -8.16 11.86
N LYS A 29 1.13 -7.83 10.92
CA LYS A 29 -0.09 -8.59 10.73
C LYS A 29 0.20 -9.95 10.10
N GLY A 30 1.24 -10.00 9.26
CA GLY A 30 1.60 -11.24 8.60
C GLY A 30 1.18 -11.27 7.15
N VAL A 31 1.46 -10.20 6.42
CA VAL A 31 1.10 -10.11 5.02
C VAL A 31 2.34 -9.83 4.15
N LYS A 32 2.14 -9.85 2.84
CA LYS A 32 3.23 -9.61 1.90
C LYS A 32 3.05 -8.27 1.19
N TYR A 33 3.92 -7.32 1.51
CA TYR A 33 3.85 -5.99 0.90
C TYR A 33 4.93 -5.82 -0.16
N THR A 34 4.56 -5.20 -1.28
CA THR A 34 5.50 -4.99 -2.38
C THR A 34 6.02 -3.55 -2.38
N ASP A 35 7.32 -3.40 -2.21
CA ASP A 35 7.95 -2.09 -2.19
C ASP A 35 8.30 -1.64 -3.59
N ILE A 36 7.60 -0.61 -4.08
CA ILE A 36 7.85 -0.08 -5.42
C ILE A 36 8.75 1.14 -5.36
N ASP A 37 9.88 1.07 -6.06
CA ASP A 37 10.84 2.18 -6.09
C ASP A 37 10.17 3.44 -6.63
N ALA A 38 10.56 4.59 -6.07
CA ALA A 38 10.01 5.87 -6.49
C ALA A 38 10.23 6.09 -7.98
N SER A 39 11.19 5.38 -8.55
CA SER A 39 11.51 5.51 -9.97
C SER A 39 10.25 5.40 -10.82
N THR A 40 9.80 6.55 -11.35
CA THR A 40 8.60 6.58 -12.18
C THR A 40 8.72 5.62 -13.35
N SER A 41 9.95 5.31 -13.75
CA SER A 41 10.19 4.40 -14.85
C SER A 41 9.41 3.11 -14.69
N LEU A 42 9.21 2.71 -13.44
CA LEU A 42 8.47 1.48 -13.13
C LEU A 42 7.26 1.78 -12.25
N ARG A 43 7.37 2.82 -11.42
CA ARG A 43 6.30 3.21 -10.53
C ARG A 43 5.13 3.80 -11.31
N GLN A 44 5.44 4.66 -12.27
CA GLN A 44 4.41 5.30 -13.09
C GLN A 44 3.60 4.25 -13.85
N GLU A 45 4.30 3.31 -14.46
CA GLU A 45 3.65 2.24 -15.22
C GLU A 45 2.86 1.32 -14.30
N MET A 46 3.45 0.98 -13.16
CA MET A 46 2.79 0.10 -12.19
C MET A 46 1.52 0.75 -11.64
N VAL A 47 1.65 1.98 -11.15
CA VAL A 47 0.51 2.70 -10.60
C VAL A 47 -0.54 2.98 -11.67
N GLN A 48 -0.07 3.22 -12.89
CA GLN A 48 -0.97 3.50 -14.01
C GLN A 48 -1.88 2.30 -14.29
N ARG A 49 -1.28 1.12 -14.40
CA ARG A 49 -2.03 -0.10 -14.67
C ARG A 49 -2.64 -0.65 -13.39
N ALA A 50 -2.23 -0.11 -12.25
CA ALA A 50 -2.73 -0.54 -10.96
C ALA A 50 -4.10 0.06 -10.67
N ASN A 51 -4.24 1.35 -10.98
CA ASN A 51 -5.50 2.05 -10.74
C ASN A 51 -6.14 2.46 -12.07
N GLY A 52 -5.32 2.87 -13.02
CA GLY A 52 -5.82 3.28 -14.32
C GLY A 52 -5.10 4.50 -14.86
N ARG A 53 -4.72 5.41 -13.97
CA ARG A 53 -4.02 6.63 -14.37
C ARG A 53 -3.49 7.37 -13.15
N ASN A 54 -2.17 7.43 -13.03
CA ASN A 54 -1.53 8.11 -11.90
C ASN A 54 -0.02 8.14 -12.07
N THR A 55 0.62 9.15 -11.48
CA THR A 55 2.06 9.30 -11.57
C THR A 55 2.61 10.05 -10.37
N PHE A 56 2.28 9.56 -9.17
CA PHE A 56 2.75 10.18 -7.94
C PHE A 56 2.89 9.14 -6.83
N PRO A 57 3.71 9.47 -5.82
CA PRO A 57 3.96 8.58 -4.68
C PRO A 57 2.73 8.44 -3.77
N GLN A 58 2.49 7.23 -3.29
CA GLN A 58 1.35 6.98 -2.41
C GLN A 58 1.32 5.51 -1.98
N ILE A 59 0.38 5.19 -1.09
CA ILE A 59 0.24 3.83 -0.60
C ILE A 59 -0.93 3.11 -1.27
N PHE A 60 -0.61 2.09 -2.07
CA PHE A 60 -1.64 1.33 -2.77
C PHE A 60 -2.02 0.08 -1.98
N ILE A 61 -3.30 -0.25 -1.97
CA ILE A 61 -3.79 -1.42 -1.26
C ILE A 61 -4.88 -2.14 -2.04
N GLY A 62 -4.59 -3.34 -2.51
CA GLY A 62 -5.55 -4.11 -3.27
C GLY A 62 -5.99 -3.39 -4.53
N ASP A 63 -7.13 -2.71 -4.45
CA ASP A 63 -7.66 -1.98 -5.60
C ASP A 63 -8.01 -0.54 -5.21
N TYR A 64 -7.26 0.00 -4.26
CA TYR A 64 -7.49 1.36 -3.79
C TYR A 64 -6.17 2.06 -3.48
N HIS A 65 -6.13 3.37 -3.71
CA HIS A 65 -4.93 4.16 -3.45
C HIS A 65 -5.14 5.11 -2.27
N VAL A 66 -4.56 4.76 -1.13
CA VAL A 66 -4.69 5.57 0.07
C VAL A 66 -4.05 6.95 -0.13
N GLY A 67 -2.72 6.99 -0.15
CA GLY A 67 -2.02 8.25 -0.33
C GLY A 67 -0.93 8.46 0.69
N GLY A 68 -1.32 8.80 1.91
CA GLY A 68 -0.35 9.02 2.97
C GLY A 68 -0.13 7.80 3.83
N CYS A 69 0.99 7.77 4.55
CA CYS A 69 1.32 6.64 5.41
C CYS A 69 0.40 6.60 6.63
N ASP A 70 0.44 7.66 7.43
CA ASP A 70 -0.39 7.75 8.63
C ASP A 70 -1.86 7.55 8.28
N ASP A 71 -2.23 7.86 7.05
CA ASP A 71 -3.60 7.71 6.60
C ASP A 71 -4.12 6.30 6.88
N LEU A 72 -3.36 5.30 6.46
CA LEU A 72 -3.73 3.91 6.67
C LEU A 72 -3.92 3.61 8.16
N TYR A 73 -3.09 4.23 8.98
CA TYR A 73 -3.16 4.03 10.43
C TYR A 73 -4.44 4.65 10.99
N ALA A 74 -4.66 5.91 10.69
CA ALA A 74 -5.86 6.62 11.17
C ALA A 74 -7.12 5.87 10.77
N LEU A 75 -7.26 5.57 9.49
CA LEU A 75 -8.42 4.86 8.98
C LEU A 75 -8.58 3.51 9.67
N GLU A 76 -7.49 2.76 9.73
CA GLU A 76 -7.51 1.44 10.37
C GLU A 76 -8.00 1.54 11.81
N ASN A 77 -7.65 2.64 12.47
CA ASN A 77 -8.05 2.86 13.85
C ASN A 77 -9.46 3.45 13.93
N LYS A 78 -9.89 4.06 12.83
CA LYS A 78 -11.21 4.66 12.77
C LYS A 78 -12.29 3.60 12.51
N GLY A 79 -11.86 2.48 11.94
CA GLY A 79 -12.80 1.40 11.64
C GLY A 79 -12.59 0.82 10.25
N LYS A 80 -11.64 1.39 9.51
CA LYS A 80 -11.34 0.92 8.17
C LYS A 80 -10.37 -0.25 8.20
N LEU A 81 -10.04 -0.70 9.41
CA LEU A 81 -9.12 -1.82 9.58
C LEU A 81 -9.56 -3.02 8.74
N ASP A 82 -10.86 -3.28 8.73
CA ASP A 82 -11.40 -4.40 7.95
C ASP A 82 -10.95 -4.33 6.50
N SER A 83 -11.06 -3.14 5.91
CA SER A 83 -10.67 -2.95 4.52
C SER A 83 -9.15 -3.10 4.35
N LEU A 84 -8.41 -2.40 5.19
CA LEU A 84 -6.95 -2.46 5.14
C LEU A 84 -6.46 -3.90 5.24
N LEU A 85 -6.92 -4.61 6.26
CA LEU A 85 -6.53 -5.99 6.47
C LEU A 85 -6.98 -6.87 5.30
N GLN A 86 -8.17 -6.60 4.80
CA GLN A 86 -8.72 -7.36 3.68
C GLN A 86 -7.94 -7.09 2.40
N ASP A 87 -7.30 -5.93 2.34
CA ASP A 87 -6.51 -5.54 1.17
C ASP A 87 -5.09 -6.11 1.27
N VAL A 88 -4.46 -5.90 2.41
CA VAL A 88 -3.11 -6.38 2.64
C VAL A 88 -3.06 -7.90 2.72
N HIS A 89 -4.19 -8.50 3.12
CA HIS A 89 -4.28 -9.94 3.24
C HIS A 89 -3.85 -10.62 1.94
N GLY A 1 -4.42 -26.43 -1.29
CA GLY A 1 -3.44 -25.78 -0.44
C GLY A 1 -3.70 -24.30 -0.28
N PRO A 2 -2.87 -23.62 0.53
CA PRO A 2 -3.00 -22.19 0.80
C PRO A 2 -2.65 -21.35 -0.43
N GLY A 3 -3.46 -20.33 -0.69
CA GLY A 3 -3.21 -19.45 -1.83
C GLY A 3 -3.80 -18.07 -1.63
N SER A 4 -2.94 -17.06 -1.67
CA SER A 4 -3.37 -15.68 -1.49
C SER A 4 -4.10 -15.18 -2.74
N MET A 5 -4.92 -14.14 -2.56
CA MET A 5 -5.66 -13.56 -3.66
C MET A 5 -5.39 -12.06 -3.78
N LYS A 6 -5.39 -11.38 -2.63
CA LYS A 6 -5.14 -9.94 -2.60
C LYS A 6 -3.68 -9.65 -2.26
N GLU A 7 -3.17 -8.52 -2.77
CA GLU A 7 -1.79 -8.13 -2.50
C GLU A 7 -1.69 -6.64 -2.23
N ILE A 8 -0.76 -6.26 -1.36
CA ILE A 8 -0.57 -4.86 -1.00
C ILE A 8 0.75 -4.33 -1.55
N ILE A 9 0.73 -3.12 -2.08
CA ILE A 9 1.94 -2.50 -2.63
C ILE A 9 2.12 -1.08 -2.10
N LEU A 10 3.37 -0.69 -1.89
CA LEU A 10 3.68 0.64 -1.38
C LEU A 10 4.55 1.41 -2.37
N TYR A 11 4.01 2.48 -2.93
CA TYR A 11 4.74 3.30 -3.89
C TYR A 11 5.40 4.48 -3.20
N THR A 12 6.74 4.47 -3.19
CA THR A 12 7.51 5.54 -2.56
C THR A 12 9.00 5.32 -2.72
N ARG A 13 9.80 6.24 -2.20
CA ARG A 13 11.25 6.14 -2.29
C ARG A 13 11.81 5.34 -1.12
N PRO A 14 13.01 4.76 -1.31
CA PRO A 14 13.67 3.96 -0.28
C PRO A 14 14.17 4.80 0.89
N ASN A 15 14.08 6.12 0.74
CA ASN A 15 14.51 7.04 1.78
C ASN A 15 13.33 7.52 2.62
N CYS A 16 12.54 6.58 3.11
CA CYS A 16 11.38 6.89 3.92
C CYS A 16 11.53 6.35 5.35
N PRO A 17 11.99 7.23 6.26
CA PRO A 17 12.20 6.86 7.66
C PRO A 17 10.88 6.64 8.40
N TYR A 18 9.78 6.95 7.74
CA TYR A 18 8.46 6.78 8.34
C TYR A 18 7.81 5.48 7.85
N CYS A 19 8.39 4.88 6.83
CA CYS A 19 7.87 3.65 6.27
C CYS A 19 7.72 2.58 7.35
N LYS A 20 8.49 2.72 8.42
CA LYS A 20 8.45 1.77 9.53
C LYS A 20 7.02 1.52 9.97
N ARG A 21 6.21 2.58 9.99
CA ARG A 21 4.81 2.47 10.39
C ARG A 21 4.05 1.54 9.45
N ALA A 22 4.11 1.84 8.16
CA ALA A 22 3.42 1.04 7.15
C ALA A 22 3.88 -0.42 7.21
N ARG A 23 5.19 -0.63 7.02
CA ARG A 23 5.76 -1.97 7.05
C ARG A 23 5.39 -2.69 8.34
N ASP A 24 5.25 -1.93 9.42
CA ASP A 24 4.90 -2.49 10.72
C ASP A 24 3.47 -3.03 10.71
N LEU A 25 2.55 -2.25 10.13
CA LEU A 25 1.15 -2.66 10.06
C LEU A 25 0.99 -3.94 9.26
N LEU A 26 1.53 -3.95 8.05
CA LEU A 26 1.46 -5.12 7.18
C LEU A 26 2.16 -6.32 7.81
N ASP A 27 3.41 -6.11 8.23
CA ASP A 27 4.18 -7.17 8.86
C ASP A 27 3.47 -7.72 10.10
N LYS A 28 2.85 -6.81 10.86
CA LYS A 28 2.13 -7.20 12.07
C LYS A 28 0.94 -8.10 11.73
N LYS A 29 0.26 -7.78 10.63
CA LYS A 29 -0.90 -8.56 10.19
C LYS A 29 -0.47 -9.92 9.67
N GLY A 30 0.71 -9.97 9.05
CA GLY A 30 1.22 -11.21 8.51
C GLY A 30 0.89 -11.38 7.04
N VAL A 31 1.10 -10.33 6.26
CA VAL A 31 0.83 -10.36 4.83
C VAL A 31 2.08 -10.08 4.02
N LYS A 32 1.96 -10.16 2.70
CA LYS A 32 3.10 -9.92 1.81
C LYS A 32 2.95 -8.58 1.11
N TYR A 33 3.84 -7.64 1.41
CA TYR A 33 3.82 -6.33 0.80
C TYR A 33 4.94 -6.17 -0.22
N THR A 34 4.67 -5.40 -1.27
CA THR A 34 5.66 -5.16 -2.33
C THR A 34 6.06 -3.69 -2.38
N ASP A 35 7.33 -3.42 -2.12
CA ASP A 35 7.84 -2.05 -2.16
C ASP A 35 8.17 -1.63 -3.59
N ILE A 36 7.73 -0.43 -3.95
CA ILE A 36 7.99 0.09 -5.29
C ILE A 36 8.80 1.38 -5.23
N ASP A 37 9.97 1.36 -5.86
CA ASP A 37 10.84 2.54 -5.88
C ASP A 37 10.09 3.77 -6.39
N ALA A 38 10.41 4.93 -5.81
CA ALA A 38 9.75 6.17 -6.19
C ALA A 38 9.98 6.46 -7.68
N SER A 39 10.98 5.83 -8.26
CA SER A 39 11.30 6.03 -9.67
C SER A 39 10.05 5.87 -10.53
N THR A 40 9.53 7.00 -11.00
CA THR A 40 8.33 6.99 -11.84
C THR A 40 8.50 6.06 -13.02
N SER A 41 9.74 5.86 -13.45
CA SER A 41 10.04 4.99 -14.58
C SER A 41 9.37 3.63 -14.41
N LEU A 42 9.21 3.21 -13.15
CA LEU A 42 8.59 1.92 -12.85
C LEU A 42 7.34 2.12 -11.99
N ARG A 43 7.39 3.12 -11.11
CA ARG A 43 6.26 3.40 -10.23
C ARG A 43 5.05 3.89 -11.03
N GLN A 44 5.29 4.86 -11.91
CA GLN A 44 4.23 5.42 -12.74
C GLN A 44 3.57 4.34 -13.59
N GLU A 45 4.40 3.45 -14.15
CA GLU A 45 3.90 2.36 -14.99
C GLU A 45 3.06 1.38 -14.16
N MET A 46 3.58 1.01 -13.00
CA MET A 46 2.89 0.08 -12.11
C MET A 46 1.58 0.68 -11.61
N VAL A 47 1.66 1.89 -11.06
CA VAL A 47 0.48 2.57 -10.53
C VAL A 47 -0.53 2.83 -11.64
N GLN A 48 -0.05 3.02 -12.86
CA GLN A 48 -0.92 3.28 -14.00
C GLN A 48 -1.70 2.02 -14.37
N ARG A 49 -0.99 0.91 -14.49
CA ARG A 49 -1.63 -0.37 -14.84
C ARG A 49 -2.33 -0.98 -13.64
N ALA A 50 -2.07 -0.42 -12.46
CA ALA A 50 -2.67 -0.92 -11.22
C ALA A 50 -3.94 -0.15 -10.89
N ASN A 51 -3.90 1.17 -11.08
CA ASN A 51 -5.06 2.01 -10.81
C ASN A 51 -5.74 2.45 -12.10
N GLY A 52 -4.94 2.89 -13.07
CA GLY A 52 -5.49 3.33 -14.34
C GLY A 52 -4.86 4.61 -14.83
N ARG A 53 -4.71 5.59 -13.94
CA ARG A 53 -4.12 6.86 -14.30
C ARG A 53 -3.62 7.60 -13.05
N ASN A 54 -2.34 7.43 -12.73
CA ASN A 54 -1.75 8.07 -11.57
C ASN A 54 -0.24 8.18 -11.71
N THR A 55 0.34 9.24 -11.16
CA THR A 55 1.77 9.47 -11.23
C THR A 55 2.29 10.15 -9.98
N PHE A 56 1.98 9.57 -8.81
CA PHE A 56 2.41 10.13 -7.55
C PHE A 56 2.58 9.03 -6.49
N PRO A 57 3.41 9.31 -5.47
CA PRO A 57 3.68 8.35 -4.39
C PRO A 57 2.46 8.15 -3.49
N GLN A 58 2.20 6.90 -3.13
CA GLN A 58 1.08 6.58 -2.27
C GLN A 58 1.07 5.10 -1.91
N ILE A 59 0.13 4.70 -1.07
CA ILE A 59 0.02 3.31 -0.64
C ILE A 59 -1.12 2.60 -1.37
N PHE A 60 -0.77 1.58 -2.16
CA PHE A 60 -1.76 0.82 -2.91
C PHE A 60 -2.14 -0.45 -2.17
N ILE A 61 -3.42 -0.82 -2.27
CA ILE A 61 -3.91 -2.02 -1.61
C ILE A 61 -4.91 -2.77 -2.49
N GLY A 62 -4.45 -3.86 -3.09
CA GLY A 62 -5.32 -4.64 -3.96
C GLY A 62 -5.76 -3.88 -5.18
N ASP A 63 -6.91 -3.20 -5.08
CA ASP A 63 -7.44 -2.43 -6.19
C ASP A 63 -7.86 -1.03 -5.73
N TYR A 64 -7.28 -0.59 -4.61
CA TYR A 64 -7.59 0.73 -4.06
C TYR A 64 -6.31 1.52 -3.80
N HIS A 65 -6.39 2.83 -3.96
CA HIS A 65 -5.25 3.71 -3.74
C HIS A 65 -5.52 4.70 -2.62
N VAL A 66 -4.73 4.62 -1.55
CA VAL A 66 -4.89 5.50 -0.41
C VAL A 66 -4.50 6.93 -0.77
N GLY A 67 -3.19 7.17 -0.87
CA GLY A 67 -2.70 8.50 -1.19
C GLY A 67 -1.69 9.02 -0.19
N GLY A 68 -2.02 8.90 1.10
CA GLY A 68 -1.12 9.37 2.14
C GLY A 68 -0.92 8.33 3.22
N CYS A 69 0.33 8.11 3.60
CA CYS A 69 0.66 7.14 4.64
C CYS A 69 -0.14 7.42 5.91
N ASP A 70 -0.25 8.70 6.26
CA ASP A 70 -0.97 9.10 7.46
C ASP A 70 -2.45 8.70 7.35
N ASP A 71 -2.94 8.59 6.13
CA ASP A 71 -4.33 8.23 5.89
C ASP A 71 -4.58 6.78 6.28
N LEU A 72 -3.64 5.91 5.95
CA LEU A 72 -3.77 4.48 6.28
C LEU A 72 -3.62 4.25 7.78
N TYR A 73 -2.78 5.06 8.42
CA TYR A 73 -2.56 4.94 9.86
C TYR A 73 -3.77 5.44 10.63
N ALA A 74 -4.19 6.67 10.34
CA ALA A 74 -5.34 7.27 11.01
C ALA A 74 -6.61 6.44 10.78
N LEU A 75 -6.86 6.09 9.52
CA LEU A 75 -8.03 5.31 9.16
C LEU A 75 -8.02 3.96 9.87
N GLU A 76 -6.88 3.27 9.80
CA GLU A 76 -6.74 1.97 10.44
C GLU A 76 -7.05 2.05 11.93
N ASN A 77 -6.57 3.12 12.56
CA ASN A 77 -6.79 3.32 13.99
C ASN A 77 -8.18 3.90 14.25
N LYS A 78 -8.80 4.41 13.20
CA LYS A 78 -10.13 5.00 13.30
C LYS A 78 -11.21 3.92 13.21
N GLY A 79 -10.86 2.79 12.61
CA GLY A 79 -11.80 1.70 12.46
C GLY A 79 -11.74 1.06 11.09
N LYS A 80 -10.93 1.64 10.20
CA LYS A 80 -10.79 1.12 8.84
C LYS A 80 -9.85 -0.07 8.81
N LEU A 81 -9.34 -0.44 9.98
CA LEU A 81 -8.42 -1.57 10.09
C LEU A 81 -8.98 -2.80 9.40
N ASP A 82 -10.28 -3.03 9.56
CA ASP A 82 -10.96 -4.17 8.94
C ASP A 82 -10.71 -4.20 7.44
N SER A 83 -10.94 -3.06 6.78
CA SER A 83 -10.75 -2.95 5.34
C SER A 83 -9.29 -3.12 4.98
N LEU A 84 -8.42 -2.40 5.67
CA LEU A 84 -6.98 -2.47 5.42
C LEU A 84 -6.49 -3.91 5.50
N LEU A 85 -7.06 -4.67 6.43
CA LEU A 85 -6.68 -6.07 6.61
C LEU A 85 -7.18 -6.93 5.45
N GLN A 86 -8.47 -6.80 5.15
CA GLN A 86 -9.08 -7.57 4.07
C GLN A 86 -8.41 -7.25 2.74
N ASP A 87 -7.82 -6.05 2.64
CA ASP A 87 -7.15 -5.63 1.42
C ASP A 87 -5.73 -6.19 1.37
N VAL A 88 -4.96 -5.95 2.43
CA VAL A 88 -3.59 -6.43 2.50
C VAL A 88 -3.53 -7.96 2.56
N HIS A 89 -4.65 -8.57 2.95
CA HIS A 89 -4.74 -10.01 3.04
C HIS A 89 -4.28 -10.67 1.74
N GLY A 1 -9.91 -25.53 -3.95
CA GLY A 1 -10.64 -24.62 -4.82
C GLY A 1 -9.91 -23.31 -5.03
N PRO A 2 -10.57 -22.36 -5.71
CA PRO A 2 -10.00 -21.04 -6.00
C PRO A 2 -9.88 -20.18 -4.74
N GLY A 3 -8.72 -19.54 -4.58
CA GLY A 3 -8.50 -18.71 -3.42
C GLY A 3 -8.57 -17.22 -3.76
N SER A 4 -9.27 -16.47 -2.93
CA SER A 4 -9.42 -15.03 -3.14
C SER A 4 -8.67 -14.24 -2.09
N MET A 5 -7.52 -13.68 -2.46
CA MET A 5 -6.70 -12.90 -1.55
C MET A 5 -6.12 -11.67 -2.25
N LYS A 6 -6.19 -10.53 -1.58
CA LYS A 6 -5.66 -9.29 -2.14
C LYS A 6 -4.19 -9.10 -1.78
N GLU A 7 -3.59 -8.03 -2.27
CA GLU A 7 -2.20 -7.73 -1.99
C GLU A 7 -1.98 -6.24 -1.76
N ILE A 8 -1.05 -5.92 -0.87
CA ILE A 8 -0.75 -4.52 -0.56
C ILE A 8 0.55 -4.07 -1.22
N ILE A 9 0.55 -2.87 -1.78
CA ILE A 9 1.73 -2.33 -2.44
C ILE A 9 2.01 -0.89 -1.98
N LEU A 10 3.27 -0.51 -1.99
CA LEU A 10 3.68 0.83 -1.57
C LEU A 10 4.59 1.47 -2.62
N TYR A 11 4.13 2.54 -3.23
CA TYR A 11 4.90 3.25 -4.24
C TYR A 11 5.69 4.40 -3.62
N THR A 12 7.01 4.24 -3.52
CA THR A 12 7.87 5.26 -2.95
C THR A 12 9.32 4.82 -2.96
N ARG A 13 10.20 5.68 -2.44
CA ARG A 13 11.62 5.38 -2.40
C ARG A 13 11.98 4.62 -1.13
N PRO A 14 13.11 3.90 -1.17
CA PRO A 14 13.59 3.11 -0.03
C PRO A 14 14.06 3.98 1.13
N ASN A 15 14.14 5.30 0.89
CA ASN A 15 14.58 6.24 1.90
C ASN A 15 13.39 7.00 2.48
N CYS A 16 12.41 6.26 3.00
CA CYS A 16 11.23 6.87 3.59
C CYS A 16 11.16 6.58 5.08
N PRO A 17 11.56 7.56 5.90
CA PRO A 17 11.55 7.43 7.36
C PRO A 17 10.14 7.43 7.92
N TYR A 18 9.16 7.68 7.07
CA TYR A 18 7.76 7.71 7.48
C TYR A 18 7.05 6.42 7.08
N CYS A 19 7.33 5.94 5.88
CA CYS A 19 6.73 4.71 5.37
C CYS A 19 6.98 3.55 6.34
N LYS A 20 8.02 3.68 7.14
CA LYS A 20 8.37 2.64 8.10
C LYS A 20 7.15 2.20 8.91
N ARG A 21 6.24 3.14 9.14
CA ARG A 21 5.03 2.86 9.90
C ARG A 21 4.12 1.90 9.14
N ALA A 22 4.01 2.12 7.83
CA ALA A 22 3.18 1.27 6.98
C ALA A 22 3.76 -0.13 6.86
N ARG A 23 5.01 -0.21 6.44
CA ARG A 23 5.69 -1.49 6.29
C ARG A 23 5.74 -2.25 7.60
N ASP A 24 5.82 -1.51 8.71
CA ASP A 24 5.87 -2.11 10.03
C ASP A 24 4.51 -2.69 10.41
N LEU A 25 3.45 -1.96 10.11
CA LEU A 25 2.10 -2.40 10.42
C LEU A 25 1.76 -3.69 9.68
N LEU A 26 2.02 -3.70 8.38
CA LEU A 26 1.76 -4.88 7.56
C LEU A 26 2.63 -6.06 7.98
N ASP A 27 3.94 -5.84 7.96
CA ASP A 27 4.89 -6.88 8.35
C ASP A 27 4.52 -7.46 9.72
N LYS A 28 4.05 -6.61 10.61
CA LYS A 28 3.68 -7.03 11.95
C LYS A 28 2.32 -7.73 11.95
N LYS A 29 1.48 -7.35 10.99
CA LYS A 29 0.15 -7.93 10.86
C LYS A 29 0.22 -9.36 10.37
N GLY A 30 1.24 -9.65 9.55
CA GLY A 30 1.41 -10.99 9.02
C GLY A 30 1.05 -11.08 7.56
N VAL A 31 1.51 -10.10 6.78
CA VAL A 31 1.23 -10.07 5.34
C VAL A 31 2.50 -9.78 4.55
N LYS A 32 2.39 -9.86 3.23
CA LYS A 32 3.53 -9.61 2.35
C LYS A 32 3.28 -8.37 1.49
N TYR A 33 3.93 -7.27 1.84
CA TYR A 33 3.78 -6.03 1.10
C TYR A 33 4.84 -5.90 0.02
N THR A 34 4.47 -5.31 -1.11
CA THR A 34 5.39 -5.13 -2.23
C THR A 34 5.89 -3.70 -2.29
N ASP A 35 7.20 -3.52 -2.04
CA ASP A 35 7.80 -2.20 -2.08
C ASP A 35 8.19 -1.82 -3.51
N ILE A 36 7.53 -0.80 -4.05
CA ILE A 36 7.81 -0.35 -5.41
C ILE A 36 8.76 0.84 -5.40
N ASP A 37 9.90 0.68 -6.05
CA ASP A 37 10.90 1.74 -6.12
C ASP A 37 10.27 3.05 -6.59
N ALA A 38 10.75 4.16 -6.03
CA ALA A 38 10.24 5.48 -6.39
C ALA A 38 10.46 5.76 -7.87
N SER A 39 11.35 5.00 -8.50
CA SER A 39 11.66 5.18 -9.91
C SER A 39 10.38 5.24 -10.74
N THR A 40 10.08 6.41 -11.27
CA THR A 40 8.88 6.60 -12.08
C THR A 40 8.95 5.79 -13.37
N SER A 41 10.18 5.48 -13.79
CA SER A 41 10.38 4.70 -15.02
C SER A 41 9.50 3.46 -15.02
N LEU A 42 9.26 2.91 -13.84
CA LEU A 42 8.44 1.71 -13.70
C LEU A 42 7.29 1.94 -12.73
N ARG A 43 7.55 2.74 -11.69
CA ARG A 43 6.53 3.04 -10.69
C ARG A 43 5.32 3.72 -11.33
N GLN A 44 5.59 4.57 -12.32
CA GLN A 44 4.52 5.29 -13.02
C GLN A 44 3.65 4.32 -13.83
N GLU A 45 4.29 3.32 -14.42
CA GLU A 45 3.57 2.33 -15.21
C GLU A 45 2.75 1.39 -14.32
N MET A 46 3.29 1.08 -13.16
CA MET A 46 2.62 0.19 -12.22
C MET A 46 1.48 0.93 -11.50
N VAL A 47 1.77 2.14 -11.02
CA VAL A 47 0.78 2.94 -10.32
C VAL A 47 -0.37 3.32 -11.25
N GLN A 48 -0.04 3.63 -12.50
CA GLN A 48 -1.04 4.01 -13.49
C GLN A 48 -1.83 2.79 -13.97
N ARG A 49 -1.14 1.66 -14.08
CA ARG A 49 -1.76 0.43 -14.53
C ARG A 49 -2.56 -0.22 -13.40
N ALA A 50 -2.26 0.19 -12.16
CA ALA A 50 -2.95 -0.36 -11.00
C ALA A 50 -4.15 0.49 -10.62
N ASN A 51 -3.98 1.81 -10.70
CA ASN A 51 -5.05 2.74 -10.36
C ASN A 51 -5.78 3.21 -11.60
N GLY A 52 -5.02 3.61 -12.61
CA GLY A 52 -5.60 4.08 -13.85
C GLY A 52 -4.94 5.35 -14.38
N ARG A 53 -4.41 6.15 -13.46
CA ARG A 53 -3.75 7.39 -13.84
C ARG A 53 -3.19 8.10 -12.60
N ASN A 54 -1.89 7.92 -12.37
CA ASN A 54 -1.23 8.54 -11.22
C ASN A 54 0.18 8.98 -11.58
N THR A 55 0.65 10.04 -10.94
CA THR A 55 1.99 10.56 -11.19
C THR A 55 2.66 11.02 -9.90
N PHE A 56 2.32 10.36 -8.79
CA PHE A 56 2.88 10.71 -7.50
C PHE A 56 2.95 9.49 -6.59
N PRO A 57 3.88 9.51 -5.62
CA PRO A 57 4.07 8.42 -4.67
C PRO A 57 2.92 8.31 -3.68
N GLN A 58 2.58 7.07 -3.30
CA GLN A 58 1.50 6.83 -2.36
C GLN A 58 1.40 5.35 -2.00
N ILE A 59 0.48 5.02 -1.10
CA ILE A 59 0.30 3.64 -0.67
C ILE A 59 -0.91 3.02 -1.35
N PHE A 60 -0.72 1.84 -1.94
CA PHE A 60 -1.79 1.14 -2.62
C PHE A 60 -2.23 -0.09 -1.83
N ILE A 61 -3.52 -0.41 -1.89
CA ILE A 61 -4.06 -1.55 -1.18
C ILE A 61 -4.99 -2.37 -2.08
N GLY A 62 -4.43 -3.36 -2.76
CA GLY A 62 -5.22 -4.20 -3.63
C GLY A 62 -5.95 -3.40 -4.69
N ASP A 63 -7.23 -3.10 -4.45
CA ASP A 63 -8.03 -2.34 -5.39
C ASP A 63 -8.45 -1.00 -4.79
N TYR A 64 -7.62 -0.47 -3.90
CA TYR A 64 -7.91 0.80 -3.25
C TYR A 64 -6.62 1.54 -2.91
N HIS A 65 -6.48 2.75 -3.47
CA HIS A 65 -5.29 3.56 -3.23
C HIS A 65 -5.53 4.53 -2.08
N VAL A 66 -4.71 4.39 -1.03
CA VAL A 66 -4.84 5.26 0.14
C VAL A 66 -4.38 6.68 -0.18
N GLY A 67 -3.07 6.86 -0.28
CA GLY A 67 -2.53 8.18 -0.59
C GLY A 67 -1.33 8.53 0.26
N GLY A 68 -1.51 8.51 1.58
CA GLY A 68 -0.41 8.83 2.48
C GLY A 68 -0.11 7.70 3.44
N CYS A 69 0.97 7.84 4.21
CA CYS A 69 1.37 6.82 5.17
C CYS A 69 0.42 6.79 6.37
N ASP A 70 0.44 7.87 7.15
CA ASP A 70 -0.41 7.97 8.32
C ASP A 70 -1.88 7.73 7.96
N ASP A 71 -2.22 8.01 6.70
CA ASP A 71 -3.59 7.82 6.23
C ASP A 71 -4.07 6.41 6.52
N LEU A 72 -3.25 5.42 6.21
CA LEU A 72 -3.60 4.03 6.44
C LEU A 72 -3.84 3.76 7.92
N TYR A 73 -3.03 4.40 8.77
CA TYR A 73 -3.16 4.24 10.21
C TYR A 73 -4.47 4.82 10.71
N ALA A 74 -4.74 6.07 10.35
CA ALA A 74 -5.98 6.74 10.75
C ALA A 74 -7.20 5.97 10.28
N LEU A 75 -7.13 5.42 9.07
CA LEU A 75 -8.24 4.67 8.50
C LEU A 75 -8.50 3.40 9.31
N GLU A 76 -7.47 2.57 9.46
CA GLU A 76 -7.59 1.33 10.21
C GLU A 76 -8.07 1.60 11.64
N ASN A 77 -7.76 2.79 12.15
CA ASN A 77 -8.16 3.17 13.50
C ASN A 77 -9.55 3.77 13.50
N LYS A 78 -9.98 4.29 12.35
CA LYS A 78 -11.30 4.89 12.23
C LYS A 78 -12.36 3.82 11.98
N GLY A 79 -11.93 2.66 11.49
CA GLY A 79 -12.85 1.57 11.23
C GLY A 79 -12.60 0.92 9.89
N LYS A 80 -11.59 1.40 9.17
CA LYS A 80 -11.26 0.85 7.87
C LYS A 80 -10.30 -0.34 8.00
N LEU A 81 -10.11 -0.79 9.24
CA LEU A 81 -9.22 -1.91 9.50
C LEU A 81 -9.70 -3.18 8.79
N ASP A 82 -11.01 -3.40 8.83
CA ASP A 82 -11.60 -4.57 8.19
C ASP A 82 -11.15 -4.68 6.74
N SER A 83 -11.17 -3.55 6.03
CA SER A 83 -10.75 -3.51 4.63
C SER A 83 -9.25 -3.69 4.50
N LEU A 84 -8.50 -2.98 5.34
CA LEU A 84 -7.05 -3.05 5.31
C LEU A 84 -6.57 -4.50 5.47
N LEU A 85 -7.06 -5.17 6.52
CA LEU A 85 -6.69 -6.55 6.78
C LEU A 85 -7.19 -7.46 5.68
N GLN A 86 -8.49 -7.36 5.37
CA GLN A 86 -9.09 -8.18 4.33
C GLN A 86 -8.38 -8.00 3.00
N ASP A 87 -7.71 -6.86 2.84
CA ASP A 87 -6.98 -6.56 1.62
C ASP A 87 -5.56 -7.10 1.70
N VAL A 88 -4.76 -6.55 2.62
CA VAL A 88 -3.39 -6.96 2.79
C VAL A 88 -3.28 -8.48 2.94
N HIS A 89 -4.34 -9.08 3.48
CA HIS A 89 -4.37 -10.53 3.68
C HIS A 89 -4.03 -11.27 2.39
N GLY A 1 -17.92 -10.60 8.35
CA GLY A 1 -16.51 -10.93 8.39
C GLY A 1 -15.87 -10.91 7.03
N PRO A 2 -14.53 -10.92 6.99
CA PRO A 2 -13.76 -10.90 5.74
C PRO A 2 -13.88 -12.21 4.97
N GLY A 3 -13.12 -12.33 3.88
CA GLY A 3 -13.16 -13.53 3.08
C GLY A 3 -12.73 -13.28 1.65
N SER A 4 -11.44 -13.04 1.45
CA SER A 4 -10.90 -12.79 0.12
C SER A 4 -9.38 -12.76 0.14
N MET A 5 -8.78 -12.54 -1.03
CA MET A 5 -7.33 -12.49 -1.14
C MET A 5 -6.88 -11.24 -1.89
N LYS A 6 -6.05 -10.44 -1.22
CA LYS A 6 -5.54 -9.21 -1.82
C LYS A 6 -4.05 -9.03 -1.53
N GLU A 7 -3.47 -7.95 -2.07
CA GLU A 7 -2.06 -7.68 -1.86
C GLU A 7 -1.83 -6.19 -1.59
N ILE A 8 -0.82 -5.90 -0.76
CA ILE A 8 -0.50 -4.52 -0.43
C ILE A 8 0.79 -4.08 -1.09
N ILE A 9 0.79 -2.85 -1.62
CA ILE A 9 1.97 -2.31 -2.28
C ILE A 9 2.24 -0.88 -1.83
N LEU A 10 3.51 -0.53 -1.72
CA LEU A 10 3.91 0.81 -1.30
C LEU A 10 4.72 1.51 -2.39
N TYR A 11 4.20 2.61 -2.89
CA TYR A 11 4.88 3.37 -3.94
C TYR A 11 5.61 4.58 -3.35
N THR A 12 6.93 4.50 -3.33
CA THR A 12 7.76 5.58 -2.79
C THR A 12 9.24 5.27 -2.94
N ARG A 13 10.08 6.18 -2.47
CA ARG A 13 11.52 6.01 -2.55
C ARG A 13 12.05 5.27 -1.32
N PRO A 14 13.20 4.62 -1.48
CA PRO A 14 13.84 3.85 -0.40
C PRO A 14 14.39 4.77 0.70
N ASN A 15 14.82 4.16 1.81
CA ASN A 15 15.37 4.92 2.92
C ASN A 15 14.32 5.85 3.52
N CYS A 16 13.06 5.59 3.20
CA CYS A 16 11.95 6.39 3.71
C CYS A 16 11.60 5.99 5.14
N PRO A 17 11.83 6.91 6.09
CA PRO A 17 11.54 6.68 7.51
C PRO A 17 10.04 6.61 7.79
N TYR A 18 9.24 7.06 6.83
CA TYR A 18 7.79 7.06 6.97
C TYR A 18 7.22 5.67 6.69
N CYS A 19 7.81 4.98 5.74
CA CYS A 19 7.36 3.64 5.36
C CYS A 19 7.48 2.69 6.55
N LYS A 20 8.37 3.00 7.48
CA LYS A 20 8.57 2.18 8.66
C LYS A 20 7.23 1.85 9.34
N ARG A 21 6.36 2.85 9.40
CA ARG A 21 5.05 2.67 10.02
C ARG A 21 4.21 1.67 9.24
N ALA A 22 4.07 1.91 7.94
CA ALA A 22 3.29 1.03 7.08
C ALA A 22 3.84 -0.40 7.12
N ARG A 23 5.13 -0.54 6.83
CA ARG A 23 5.77 -1.85 6.83
C ARG A 23 5.64 -2.52 8.20
N ASP A 24 5.66 -1.71 9.25
CA ASP A 24 5.54 -2.22 10.61
C ASP A 24 4.17 -2.87 10.83
N LEU A 25 3.12 -2.14 10.44
CA LEU A 25 1.76 -2.65 10.60
C LEU A 25 1.55 -3.92 9.80
N LEU A 26 1.93 -3.88 8.53
CA LEU A 26 1.79 -5.04 7.64
C LEU A 26 2.62 -6.21 8.16
N ASP A 27 3.92 -5.99 8.30
CA ASP A 27 4.82 -7.03 8.78
C ASP A 27 4.34 -7.60 10.11
N LYS A 28 3.69 -6.75 10.91
CA LYS A 28 3.17 -7.17 12.21
C LYS A 28 1.93 -8.04 12.05
N LYS A 29 1.11 -7.72 11.06
CA LYS A 29 -0.11 -8.47 10.80
C LYS A 29 0.21 -9.85 10.22
N GLY A 30 1.30 -9.92 9.45
CA GLY A 30 1.70 -11.18 8.86
C GLY A 30 1.35 -11.25 7.39
N VAL A 31 1.62 -10.18 6.65
CA VAL A 31 1.34 -10.13 5.22
C VAL A 31 2.59 -9.82 4.41
N LYS A 32 2.49 -9.98 3.10
CA LYS A 32 3.61 -9.71 2.21
C LYS A 32 3.39 -8.43 1.41
N TYR A 33 4.13 -7.38 1.75
CA TYR A 33 4.00 -6.11 1.07
C TYR A 33 5.08 -5.96 -0.01
N THR A 34 4.72 -5.30 -1.10
CA THR A 34 5.64 -5.08 -2.21
C THR A 34 6.10 -3.63 -2.28
N ASP A 35 7.40 -3.42 -2.19
CA ASP A 35 7.96 -2.07 -2.25
C ASP A 35 8.22 -1.66 -3.69
N ILE A 36 7.70 -0.49 -4.07
CA ILE A 36 7.88 0.03 -5.42
C ILE A 36 8.74 1.28 -5.42
N ASP A 37 9.85 1.24 -6.14
CA ASP A 37 10.76 2.38 -6.23
C ASP A 37 10.01 3.63 -6.68
N ALA A 38 10.39 4.76 -6.11
CA ALA A 38 9.76 6.04 -6.45
C ALA A 38 9.95 6.37 -7.93
N SER A 39 10.93 5.71 -8.55
CA SER A 39 11.21 5.94 -9.97
C SER A 39 9.94 5.84 -10.81
N THR A 40 9.47 6.97 -11.30
CA THR A 40 8.27 7.01 -12.12
C THR A 40 8.37 6.06 -13.30
N SER A 41 9.60 5.78 -13.72
CA SER A 41 9.83 4.87 -14.84
C SER A 41 9.07 3.56 -14.66
N LEU A 42 8.89 3.16 -13.40
CA LEU A 42 8.18 1.93 -13.09
C LEU A 42 6.99 2.21 -12.17
N ARG A 43 7.10 3.25 -11.36
CA ARG A 43 6.04 3.62 -10.43
C ARG A 43 4.85 4.20 -11.18
N GLN A 44 5.14 5.01 -12.20
CA GLN A 44 4.09 5.63 -13.01
C GLN A 44 3.31 4.59 -13.79
N GLU A 45 4.03 3.67 -14.44
CA GLU A 45 3.40 2.63 -15.22
C GLU A 45 2.69 1.62 -14.32
N MET A 46 3.23 1.42 -13.12
CA MET A 46 2.64 0.49 -12.16
C MET A 46 1.39 1.07 -11.53
N VAL A 47 1.51 2.29 -11.01
CA VAL A 47 0.38 2.96 -10.37
C VAL A 47 -0.74 3.21 -11.37
N GLN A 48 -0.37 3.51 -12.61
CA GLN A 48 -1.36 3.77 -13.66
C GLN A 48 -1.98 2.47 -14.15
N ARG A 49 -1.18 1.42 -14.20
CA ARG A 49 -1.66 0.11 -14.65
C ARG A 49 -2.38 -0.62 -13.53
N ALA A 50 -2.24 -0.12 -12.30
CA ALA A 50 -2.88 -0.72 -11.14
C ALA A 50 -4.18 0.00 -10.81
N ASN A 51 -4.16 1.32 -10.89
CA ASN A 51 -5.34 2.13 -10.59
C ASN A 51 -6.05 2.54 -11.87
N GLY A 52 -5.28 2.90 -12.89
CA GLY A 52 -5.85 3.31 -14.15
C GLY A 52 -5.07 4.45 -14.80
N ARG A 53 -4.73 5.46 -14.01
CA ARG A 53 -3.99 6.61 -14.51
C ARG A 53 -3.51 7.50 -13.36
N ASN A 54 -2.24 7.36 -13.01
CA ASN A 54 -1.66 8.16 -11.93
C ASN A 54 -0.16 8.32 -12.12
N THR A 55 0.38 9.43 -11.61
CA THR A 55 1.80 9.72 -11.73
C THR A 55 2.34 10.35 -10.46
N PHE A 56 2.00 9.75 -9.31
CA PHE A 56 2.46 10.26 -8.03
C PHE A 56 2.58 9.14 -7.00
N PRO A 57 3.49 9.32 -6.03
CA PRO A 57 3.72 8.33 -4.98
C PRO A 57 2.56 8.23 -4.00
N GLN A 58 2.35 7.04 -3.45
CA GLN A 58 1.26 6.81 -2.50
C GLN A 58 1.27 5.37 -2.01
N ILE A 59 0.35 5.06 -1.10
CA ILE A 59 0.24 3.72 -0.55
C ILE A 59 -0.89 2.94 -1.20
N PHE A 60 -0.54 1.84 -1.86
CA PHE A 60 -1.52 1.00 -2.53
C PHE A 60 -1.95 -0.16 -1.64
N ILE A 61 -3.24 -0.46 -1.64
CA ILE A 61 -3.77 -1.55 -0.83
C ILE A 61 -4.94 -2.24 -1.54
N GLY A 62 -4.81 -3.55 -1.76
CA GLY A 62 -5.86 -4.29 -2.43
C GLY A 62 -6.32 -3.63 -3.71
N ASP A 63 -5.36 -3.18 -4.52
CA ASP A 63 -5.68 -2.53 -5.78
C ASP A 63 -6.42 -1.21 -5.55
N TYR A 64 -6.17 -0.59 -4.40
CA TYR A 64 -6.83 0.67 -4.05
C TYR A 64 -5.83 1.64 -3.44
N HIS A 65 -5.50 2.69 -4.18
CA HIS A 65 -4.56 3.71 -3.70
C HIS A 65 -5.14 4.47 -2.52
N VAL A 66 -4.29 4.81 -1.56
CA VAL A 66 -4.72 5.55 -0.38
C VAL A 66 -4.27 7.01 -0.45
N GLY A 67 -2.96 7.23 -0.33
CA GLY A 67 -2.42 8.56 -0.39
C GLY A 67 -1.21 8.74 0.52
N GLY A 68 -1.46 8.99 1.80
CA GLY A 68 -0.37 9.16 2.75
C GLY A 68 -0.13 7.95 3.60
N CYS A 69 0.95 7.95 4.37
CA CYS A 69 1.29 6.84 5.23
C CYS A 69 0.35 6.78 6.44
N ASP A 70 0.35 7.84 7.24
CA ASP A 70 -0.50 7.90 8.42
C ASP A 70 -1.95 7.66 8.06
N ASP A 71 -2.30 7.95 6.80
CA ASP A 71 -3.67 7.77 6.32
C ASP A 71 -4.15 6.35 6.61
N LEU A 72 -3.33 5.37 6.29
CA LEU A 72 -3.68 3.97 6.51
C LEU A 72 -3.93 3.70 8.00
N TYR A 73 -3.14 4.33 8.85
CA TYR A 73 -3.27 4.17 10.28
C TYR A 73 -4.59 4.77 10.78
N ALA A 74 -4.80 6.03 10.46
CA ALA A 74 -6.01 6.73 10.86
C ALA A 74 -7.26 5.96 10.44
N LEU A 75 -7.28 5.51 9.19
CA LEU A 75 -8.41 4.76 8.67
C LEU A 75 -8.63 3.47 9.45
N GLU A 76 -7.55 2.71 9.64
CA GLU A 76 -7.62 1.46 10.38
C GLU A 76 -8.17 1.68 11.79
N ASN A 77 -7.90 2.87 12.33
CA ASN A 77 -8.36 3.20 13.67
C ASN A 77 -9.78 3.76 13.63
N LYS A 78 -10.15 4.33 12.49
CA LYS A 78 -11.49 4.90 12.32
C LYS A 78 -12.52 3.80 12.07
N GLY A 79 -12.05 2.64 11.61
CA GLY A 79 -12.94 1.54 11.34
C GLY A 79 -12.70 0.92 9.97
N LYS A 80 -11.75 1.47 9.24
CA LYS A 80 -11.43 0.97 7.90
C LYS A 80 -10.43 -0.18 7.98
N LEU A 81 -10.13 -0.61 9.20
CA LEU A 81 -9.20 -1.71 9.41
C LEU A 81 -9.63 -2.96 8.65
N ASP A 82 -10.93 -3.21 8.63
CA ASP A 82 -11.48 -4.37 7.94
C ASP A 82 -11.02 -4.39 6.48
N SER A 83 -11.18 -3.27 5.79
CA SER A 83 -10.79 -3.16 4.39
C SER A 83 -9.28 -3.29 4.25
N LEU A 84 -8.55 -2.51 5.03
CA LEU A 84 -7.09 -2.53 4.98
C LEU A 84 -6.56 -3.94 5.19
N LEU A 85 -7.16 -4.66 6.15
CA LEU A 85 -6.75 -6.02 6.45
C LEU A 85 -7.03 -6.95 5.27
N GLN A 86 -8.23 -6.85 4.72
CA GLN A 86 -8.63 -7.68 3.58
C GLN A 86 -7.83 -7.31 2.34
N ASP A 87 -7.29 -6.10 2.32
CA ASP A 87 -6.49 -5.63 1.19
C ASP A 87 -5.05 -6.12 1.30
N VAL A 88 -4.53 -6.15 2.52
CA VAL A 88 -3.17 -6.60 2.76
C VAL A 88 -3.09 -8.12 2.83
N HIS A 89 -4.20 -8.75 3.23
CA HIS A 89 -4.25 -10.19 3.34
C HIS A 89 -4.47 -10.84 1.97
N GLY A 1 -16.76 -20.06 3.46
CA GLY A 1 -17.31 -18.90 4.14
C GLY A 1 -16.82 -17.60 3.56
N PRO A 2 -17.39 -16.49 4.04
CA PRO A 2 -17.02 -15.14 3.57
C PRO A 2 -15.62 -14.74 4.02
N GLY A 3 -14.68 -14.73 3.07
CA GLY A 3 -13.31 -14.36 3.39
C GLY A 3 -12.40 -14.46 2.19
N SER A 4 -11.61 -13.41 1.95
CA SER A 4 -10.69 -13.38 0.82
C SER A 4 -9.36 -12.77 1.23
N MET A 5 -8.37 -12.89 0.36
CA MET A 5 -7.04 -12.35 0.62
C MET A 5 -6.52 -11.59 -0.59
N LYS A 6 -6.00 -10.38 -0.34
CA LYS A 6 -5.46 -9.55 -1.41
C LYS A 6 -3.99 -9.23 -1.16
N GLU A 7 -3.38 -8.50 -2.10
CA GLU A 7 -1.98 -8.11 -1.98
C GLU A 7 -1.84 -6.60 -1.78
N ILE A 8 -0.83 -6.20 -1.03
CA ILE A 8 -0.58 -4.79 -0.77
C ILE A 8 0.69 -4.32 -1.45
N ILE A 9 0.64 -3.13 -2.04
CA ILE A 9 1.79 -2.56 -2.73
C ILE A 9 2.03 -1.12 -2.30
N LEU A 10 3.25 -0.84 -1.86
CA LEU A 10 3.61 0.51 -1.42
C LEU A 10 4.51 1.20 -2.45
N TYR A 11 4.12 2.40 -2.85
CA TYR A 11 4.88 3.16 -3.83
C TYR A 11 5.67 4.29 -3.15
N THR A 12 6.99 4.19 -3.19
CA THR A 12 7.85 5.20 -2.58
C THR A 12 9.32 4.88 -2.81
N ARG A 13 10.20 5.72 -2.27
CA ARG A 13 11.64 5.53 -2.41
C ARG A 13 12.16 4.58 -1.33
N PRO A 14 13.33 3.97 -1.60
CA PRO A 14 13.96 3.04 -0.66
C PRO A 14 14.50 3.74 0.57
N ASN A 15 14.43 5.07 0.58
CA ASN A 15 14.91 5.85 1.71
C ASN A 15 13.79 6.71 2.29
N CYS A 16 12.74 6.05 2.76
CA CYS A 16 11.59 6.75 3.35
C CYS A 16 11.37 6.31 4.79
N PRO A 17 11.69 7.21 5.73
CA PRO A 17 11.54 6.95 7.17
C PRO A 17 10.08 6.87 7.59
N TYR A 18 9.19 7.20 6.67
CA TYR A 18 7.75 7.17 6.96
C TYR A 18 7.17 5.79 6.66
N CYS A 19 7.70 5.13 5.64
CA CYS A 19 7.25 3.81 5.25
C CYS A 19 7.32 2.84 6.42
N LYS A 20 8.20 3.14 7.38
CA LYS A 20 8.37 2.31 8.56
C LYS A 20 7.02 1.98 9.19
N ARG A 21 6.11 2.96 9.20
CA ARG A 21 4.79 2.77 9.77
C ARG A 21 3.99 1.74 8.97
N ALA A 22 3.90 1.96 7.66
CA ALA A 22 3.16 1.04 6.80
C ALA A 22 3.73 -0.37 6.87
N ARG A 23 5.03 -0.50 6.64
CA ARG A 23 5.69 -1.79 6.68
C ARG A 23 5.53 -2.43 8.06
N ASP A 24 5.50 -1.61 9.10
CA ASP A 24 5.35 -2.10 10.46
C ASP A 24 4.00 -2.78 10.65
N LEU A 25 2.94 -2.11 10.21
CA LEU A 25 1.59 -2.64 10.33
C LEU A 25 1.44 -3.94 9.54
N LEU A 26 1.81 -3.88 8.27
CA LEU A 26 1.72 -5.05 7.40
C LEU A 26 2.44 -6.25 8.02
N ASP A 27 3.73 -6.07 8.30
CA ASP A 27 4.53 -7.13 8.90
C ASP A 27 3.96 -7.55 10.24
N LYS A 28 3.48 -6.58 11.01
CA LYS A 28 2.90 -6.87 12.32
C LYS A 28 1.76 -7.87 12.21
N LYS A 29 0.94 -7.71 11.18
CA LYS A 29 -0.19 -8.62 10.96
C LYS A 29 0.28 -9.94 10.35
N GLY A 30 1.34 -9.88 9.55
CA GLY A 30 1.87 -11.07 8.93
C GLY A 30 1.47 -11.20 7.47
N VAL A 31 1.84 -10.21 6.67
CA VAL A 31 1.51 -10.20 5.25
C VAL A 31 2.73 -9.88 4.40
N LYS A 32 2.58 -10.02 3.08
CA LYS A 32 3.67 -9.74 2.16
C LYS A 32 3.38 -8.47 1.36
N TYR A 33 4.16 -7.42 1.63
CA TYR A 33 3.99 -6.15 0.93
C TYR A 33 5.04 -5.99 -0.17
N THR A 34 4.64 -5.36 -1.27
CA THR A 34 5.55 -5.14 -2.39
C THR A 34 6.05 -3.70 -2.42
N ASP A 35 7.35 -3.53 -2.24
CA ASP A 35 7.96 -2.20 -2.25
C ASP A 35 8.27 -1.76 -3.67
N ILE A 36 7.61 -0.70 -4.12
CA ILE A 36 7.82 -0.17 -5.47
C ILE A 36 8.74 1.04 -5.44
N ASP A 37 9.86 0.94 -6.14
CA ASP A 37 10.83 2.04 -6.20
C ASP A 37 10.15 3.34 -6.59
N ALA A 38 10.59 4.44 -5.99
CA ALA A 38 10.02 5.75 -6.28
C ALA A 38 10.25 6.14 -7.73
N SER A 39 11.18 5.46 -8.38
CA SER A 39 11.50 5.74 -9.78
C SER A 39 10.24 5.75 -10.63
N THR A 40 9.78 6.95 -10.99
CA THR A 40 8.58 7.11 -11.80
C THR A 40 8.67 6.28 -13.08
N SER A 41 9.90 6.06 -13.55
CA SER A 41 10.12 5.29 -14.76
C SER A 41 9.37 3.96 -14.71
N LEU A 42 9.21 3.43 -13.50
CA LEU A 42 8.51 2.16 -13.32
C LEU A 42 7.28 2.34 -12.43
N ARG A 43 7.40 3.21 -11.43
CA ARG A 43 6.30 3.48 -10.52
C ARG A 43 5.11 4.09 -11.26
N GLN A 44 5.39 5.12 -12.05
CA GLN A 44 4.34 5.80 -12.82
C GLN A 44 3.55 4.79 -13.64
N GLU A 45 4.24 3.82 -14.22
CA GLU A 45 3.59 2.79 -15.05
C GLU A 45 2.72 1.89 -14.19
N MET A 46 3.28 1.38 -13.10
CA MET A 46 2.56 0.49 -12.20
C MET A 46 1.30 1.17 -11.66
N VAL A 47 1.47 2.38 -11.13
CA VAL A 47 0.35 3.14 -10.58
C VAL A 47 -0.65 3.50 -11.67
N GLN A 48 -0.14 3.78 -12.86
CA GLN A 48 -0.99 4.15 -13.99
C GLN A 48 -1.97 3.01 -14.32
N ARG A 49 -1.45 1.81 -14.46
CA ARG A 49 -2.27 0.64 -14.76
C ARG A 49 -2.95 0.10 -13.50
N ALA A 50 -2.48 0.56 -12.35
CA ALA A 50 -3.04 0.13 -11.08
C ALA A 50 -4.39 0.78 -10.81
N ASN A 51 -4.48 2.06 -11.11
CA ASN A 51 -5.73 2.81 -10.90
C ASN A 51 -6.32 3.25 -12.24
N GLY A 52 -5.46 3.66 -13.15
CA GLY A 52 -5.91 4.10 -14.47
C GLY A 52 -5.13 5.29 -14.98
N ARG A 53 -4.79 6.21 -14.08
CA ARG A 53 -4.05 7.40 -14.44
C ARG A 53 -3.54 8.13 -13.20
N ASN A 54 -2.25 7.99 -12.92
CA ASN A 54 -1.63 8.63 -11.76
C ASN A 54 -0.11 8.65 -11.89
N THR A 55 0.51 9.63 -11.25
CA THR A 55 1.97 9.76 -11.29
C THR A 55 2.50 10.39 -10.01
N PHE A 56 2.17 9.78 -8.88
CA PHE A 56 2.61 10.27 -7.58
C PHE A 56 2.73 9.13 -6.57
N PRO A 57 3.60 9.32 -5.57
CA PRO A 57 3.82 8.32 -4.53
C PRO A 57 2.63 8.17 -3.59
N GLN A 58 2.40 6.95 -3.12
CA GLN A 58 1.28 6.68 -2.22
C GLN A 58 1.27 5.21 -1.80
N ILE A 59 0.32 4.86 -0.93
CA ILE A 59 0.19 3.49 -0.45
C ILE A 59 -0.94 2.75 -1.15
N PHE A 60 -0.59 1.75 -1.94
CA PHE A 60 -1.58 0.97 -2.68
C PHE A 60 -1.97 -0.28 -1.90
N ILE A 61 -3.26 -0.59 -1.88
CA ILE A 61 -3.77 -1.76 -1.17
C ILE A 61 -4.89 -2.44 -1.96
N GLY A 62 -4.68 -3.71 -2.29
CA GLY A 62 -5.67 -4.46 -3.04
C GLY A 62 -6.17 -3.69 -4.25
N ASP A 63 -5.26 -3.08 -4.99
CA ASP A 63 -5.62 -2.31 -6.17
C ASP A 63 -6.41 -1.07 -5.80
N TYR A 64 -6.11 -0.52 -4.62
CA TYR A 64 -6.80 0.68 -4.14
C TYR A 64 -5.83 1.62 -3.45
N HIS A 65 -5.48 2.71 -4.13
CA HIS A 65 -4.56 3.70 -3.59
C HIS A 65 -5.15 4.37 -2.36
N VAL A 66 -4.30 4.65 -1.38
CA VAL A 66 -4.74 5.29 -0.14
C VAL A 66 -4.28 6.74 -0.08
N GLY A 67 -2.98 6.94 0.06
CA GLY A 67 -2.43 8.28 0.13
C GLY A 67 -1.14 8.34 0.90
N GLY A 68 -1.18 8.98 2.07
CA GLY A 68 0.00 9.10 2.90
C GLY A 68 0.18 7.92 3.83
N CYS A 69 1.31 7.87 4.53
CA CYS A 69 1.60 6.79 5.46
C CYS A 69 0.63 6.80 6.62
N ASP A 70 0.30 8.00 7.10
CA ASP A 70 -0.63 8.14 8.23
C ASP A 70 -2.06 7.88 7.79
N ASP A 71 -2.34 8.10 6.50
CA ASP A 71 -3.67 7.89 5.95
C ASP A 71 -4.18 6.49 6.28
N LEU A 72 -3.39 5.48 5.90
CA LEU A 72 -3.76 4.09 6.14
C LEU A 72 -4.02 3.86 7.63
N TYR A 73 -3.20 4.48 8.47
CA TYR A 73 -3.35 4.34 9.92
C TYR A 73 -4.66 4.94 10.40
N ALA A 74 -4.89 6.20 10.04
CA ALA A 74 -6.11 6.90 10.43
C ALA A 74 -7.35 6.09 10.06
N LEU A 75 -7.43 5.70 8.79
CA LEU A 75 -8.56 4.92 8.30
C LEU A 75 -8.73 3.64 9.11
N GLU A 76 -7.63 2.92 9.31
CA GLU A 76 -7.65 1.67 10.06
C GLU A 76 -8.22 1.90 11.46
N ASN A 77 -7.93 3.06 12.03
CA ASN A 77 -8.41 3.38 13.37
C ASN A 77 -9.83 3.93 13.32
N LYS A 78 -10.22 4.44 12.16
CA LYS A 78 -11.56 5.00 11.97
C LYS A 78 -12.58 3.88 11.76
N GLY A 79 -12.10 2.72 11.32
CA GLY A 79 -12.98 1.60 11.09
C GLY A 79 -12.68 0.88 9.78
N LYS A 80 -11.71 1.41 9.04
CA LYS A 80 -11.33 0.81 7.76
C LYS A 80 -10.36 -0.35 7.97
N LEU A 81 -10.08 -0.66 9.23
CA LEU A 81 -9.17 -1.75 9.56
C LEU A 81 -9.60 -3.05 8.89
N ASP A 82 -10.90 -3.33 8.94
CA ASP A 82 -11.44 -4.54 8.34
C ASP A 82 -11.03 -4.65 6.88
N SER A 83 -11.11 -3.55 6.15
CA SER A 83 -10.75 -3.51 4.74
C SER A 83 -9.24 -3.69 4.56
N LEU A 84 -8.47 -2.85 5.26
CA LEU A 84 -7.02 -2.91 5.18
C LEU A 84 -6.51 -4.31 5.49
N LEU A 85 -6.94 -4.85 6.63
CA LEU A 85 -6.53 -6.19 7.05
C LEU A 85 -6.94 -7.23 6.01
N GLN A 86 -8.22 -7.25 5.67
CA GLN A 86 -8.74 -8.20 4.69
C GLN A 86 -8.03 -8.03 3.35
N ASP A 87 -7.46 -6.85 3.13
CA ASP A 87 -6.76 -6.57 1.89
C ASP A 87 -5.34 -7.13 1.93
N VAL A 88 -4.50 -6.53 2.77
CA VAL A 88 -3.11 -6.97 2.91
C VAL A 88 -3.04 -8.48 3.13
N HIS A 89 -4.06 -9.04 3.76
CA HIS A 89 -4.10 -10.47 4.04
C HIS A 89 -3.86 -11.27 2.77
N GLY A 1 -9.28 -22.31 -7.55
CA GLY A 1 -10.42 -22.55 -6.68
C GLY A 1 -10.94 -21.27 -6.05
N PRO A 2 -12.05 -21.39 -5.31
CA PRO A 2 -12.67 -20.24 -4.63
C PRO A 2 -11.83 -19.74 -3.46
N GLY A 3 -11.49 -18.45 -3.50
CA GLY A 3 -10.69 -17.86 -2.43
C GLY A 3 -10.62 -16.36 -2.54
N SER A 4 -10.89 -15.68 -1.42
CA SER A 4 -10.85 -14.22 -1.39
C SER A 4 -9.57 -13.72 -0.73
N MET A 5 -8.68 -13.15 -1.54
CA MET A 5 -7.41 -12.63 -1.03
C MET A 5 -6.92 -11.46 -1.89
N LYS A 6 -6.18 -10.56 -1.27
CA LYS A 6 -5.66 -9.39 -1.97
C LYS A 6 -4.18 -9.17 -1.62
N GLU A 7 -3.58 -8.16 -2.25
CA GLU A 7 -2.18 -7.84 -2.01
C GLU A 7 -1.99 -6.34 -1.81
N ILE A 8 -1.03 -5.98 -0.95
CA ILE A 8 -0.75 -4.58 -0.68
C ILE A 8 0.54 -4.13 -1.37
N ILE A 9 0.51 -2.93 -1.94
CA ILE A 9 1.67 -2.39 -2.63
C ILE A 9 1.97 -0.96 -2.18
N LEU A 10 3.23 -0.68 -1.89
CA LEU A 10 3.64 0.64 -1.46
C LEU A 10 4.55 1.31 -2.48
N TYR A 11 4.12 2.47 -2.98
CA TYR A 11 4.91 3.20 -3.99
C TYR A 11 5.72 4.30 -3.32
N THR A 12 7.03 4.10 -3.25
CA THR A 12 7.94 5.07 -2.66
C THR A 12 9.38 4.60 -2.71
N ARG A 13 10.28 5.39 -2.16
CA ARG A 13 11.70 5.05 -2.15
C ARG A 13 12.04 4.18 -0.94
N PRO A 14 13.16 3.44 -1.04
CA PRO A 14 13.62 2.56 0.04
C PRO A 14 14.11 3.33 1.26
N ASN A 15 14.18 4.65 1.13
CA ASN A 15 14.65 5.51 2.21
C ASN A 15 13.57 6.51 2.60
N CYS A 16 12.42 6.01 3.06
CA CYS A 16 11.31 6.86 3.46
C CYS A 16 10.97 6.65 4.94
N PRO A 17 11.29 7.65 5.76
CA PRO A 17 11.03 7.60 7.20
C PRO A 17 9.54 7.67 7.53
N TYR A 18 8.73 7.91 6.51
CA TYR A 18 7.29 8.00 6.68
C TYR A 18 6.62 6.67 6.40
N CYS A 19 6.79 6.17 5.17
CA CYS A 19 6.20 4.91 4.76
C CYS A 19 6.59 3.80 5.73
N LYS A 20 7.69 3.99 6.44
CA LYS A 20 8.17 3.01 7.41
C LYS A 20 7.03 2.56 8.32
N ARG A 21 6.10 3.46 8.60
CA ARG A 21 4.97 3.16 9.47
C ARG A 21 4.05 2.14 8.82
N ALA A 22 3.79 2.32 7.52
CA ALA A 22 2.93 1.43 6.78
C ALA A 22 3.56 0.04 6.64
N ARG A 23 4.77 0.00 6.11
CA ARG A 23 5.49 -1.25 5.91
C ARG A 23 5.68 -1.98 7.24
N ASP A 24 5.81 -1.21 8.32
CA ASP A 24 5.98 -1.78 9.65
C ASP A 24 4.69 -2.44 10.14
N LEU A 25 3.57 -1.76 9.92
CA LEU A 25 2.28 -2.28 10.34
C LEU A 25 1.95 -3.58 9.61
N LEU A 26 2.10 -3.56 8.29
CA LEU A 26 1.82 -4.75 7.48
C LEU A 26 2.76 -5.89 7.85
N ASP A 27 4.06 -5.63 7.78
CA ASP A 27 5.06 -6.64 8.10
C ASP A 27 4.79 -7.25 9.48
N LYS A 28 4.35 -6.41 10.41
CA LYS A 28 4.05 -6.87 11.77
C LYS A 28 2.71 -7.58 11.82
N LYS A 29 1.82 -7.24 10.88
CA LYS A 29 0.50 -7.84 10.82
C LYS A 29 0.59 -9.29 10.35
N GLY A 30 1.57 -9.57 9.49
CA GLY A 30 1.74 -10.91 8.97
C GLY A 30 1.28 -11.05 7.54
N VAL A 31 1.47 -9.99 6.75
CA VAL A 31 1.07 -9.99 5.35
C VAL A 31 2.27 -9.74 4.44
N LYS A 32 2.05 -9.88 3.14
CA LYS A 32 3.10 -9.68 2.15
C LYS A 32 2.88 -8.38 1.38
N TYR A 33 3.81 -7.43 1.55
CA TYR A 33 3.71 -6.15 0.87
C TYR A 33 4.78 -6.01 -0.20
N THR A 34 4.42 -5.39 -1.32
CA THR A 34 5.35 -5.19 -2.43
C THR A 34 5.91 -3.78 -2.44
N ASP A 35 7.21 -3.66 -2.24
CA ASP A 35 7.87 -2.36 -2.23
C ASP A 35 8.22 -1.91 -3.65
N ILE A 36 7.55 -0.86 -4.11
CA ILE A 36 7.79 -0.33 -5.45
C ILE A 36 8.73 0.86 -5.41
N ASP A 37 9.88 0.72 -6.06
CA ASP A 37 10.87 1.79 -6.10
C ASP A 37 10.25 3.10 -6.61
N ALA A 38 10.68 4.21 -6.04
CA ALA A 38 10.16 5.52 -6.43
C ALA A 38 10.49 5.82 -7.89
N SER A 39 11.43 5.07 -8.45
CA SER A 39 11.84 5.26 -9.84
C SER A 39 10.62 5.30 -10.76
N THR A 40 10.25 6.51 -11.20
CA THR A 40 9.12 6.69 -12.08
C THR A 40 9.23 5.82 -13.32
N SER A 41 10.46 5.47 -13.68
CA SER A 41 10.71 4.64 -14.86
C SER A 41 9.83 3.40 -14.83
N LEU A 42 9.53 2.92 -13.62
CA LEU A 42 8.69 1.73 -13.46
C LEU A 42 7.50 2.02 -12.57
N ARG A 43 7.72 2.87 -11.57
CA ARG A 43 6.65 3.24 -10.64
C ARG A 43 5.49 3.90 -11.37
N GLN A 44 5.81 4.66 -12.41
CA GLN A 44 4.80 5.35 -13.20
C GLN A 44 3.91 4.36 -13.93
N GLU A 45 4.53 3.31 -14.47
CA GLU A 45 3.79 2.27 -15.20
C GLU A 45 2.94 1.44 -14.25
N MET A 46 3.47 1.17 -13.06
CA MET A 46 2.75 0.37 -12.07
C MET A 46 1.61 1.19 -11.45
N VAL A 47 1.93 2.40 -11.00
CA VAL A 47 0.92 3.27 -10.39
C VAL A 47 -0.20 3.58 -11.37
N GLN A 48 0.17 3.78 -12.63
CA GLN A 48 -0.81 4.10 -13.67
C GLN A 48 -1.60 2.86 -14.07
N ARG A 49 -0.94 1.71 -14.05
CA ARG A 49 -1.58 0.45 -14.41
C ARG A 49 -2.43 -0.08 -13.26
N ALA A 50 -2.19 0.45 -12.06
CA ALA A 50 -2.94 0.03 -10.88
C ALA A 50 -4.11 0.98 -10.62
N ASN A 51 -3.87 2.27 -10.79
CA ASN A 51 -4.91 3.28 -10.57
C ASN A 51 -5.61 3.64 -11.87
N GLY A 52 -4.82 3.84 -12.92
CA GLY A 52 -5.39 4.19 -14.21
C GLY A 52 -4.60 5.28 -14.91
N ARG A 53 -3.62 5.84 -14.21
CA ARG A 53 -2.79 6.90 -14.77
C ARG A 53 -1.65 7.26 -13.83
N ASN A 54 -0.57 7.80 -14.38
CA ASN A 54 0.59 8.20 -13.59
C ASN A 54 0.23 9.30 -12.61
N THR A 55 0.92 9.33 -11.47
CA THR A 55 0.67 10.34 -10.44
C THR A 55 1.68 10.22 -9.31
N PHE A 56 1.51 11.07 -8.30
CA PHE A 56 2.41 11.07 -7.15
C PHE A 56 2.37 9.72 -6.44
N PRO A 57 3.44 9.41 -5.69
CA PRO A 57 3.56 8.15 -4.94
C PRO A 57 2.59 8.09 -3.77
N GLN A 58 2.28 6.87 -3.33
CA GLN A 58 1.37 6.67 -2.21
C GLN A 58 1.26 5.19 -1.84
N ILE A 59 0.44 4.89 -0.84
CA ILE A 59 0.25 3.51 -0.40
C ILE A 59 -0.96 2.88 -1.07
N PHE A 60 -0.70 1.89 -1.92
CA PHE A 60 -1.77 1.19 -2.63
C PHE A 60 -2.18 -0.07 -1.89
N ILE A 61 -3.47 -0.38 -1.93
CA ILE A 61 -3.99 -1.57 -1.27
C ILE A 61 -5.04 -2.26 -2.12
N GLY A 62 -4.77 -3.51 -2.48
CA GLY A 62 -5.70 -4.27 -3.29
C GLY A 62 -6.11 -3.53 -4.55
N ASP A 63 -7.31 -2.96 -4.53
CA ASP A 63 -7.81 -2.22 -5.68
C ASP A 63 -8.19 -0.79 -5.28
N TYR A 64 -7.37 -0.18 -4.44
CA TYR A 64 -7.63 1.18 -3.97
C TYR A 64 -6.34 1.87 -3.57
N HIS A 65 -6.29 3.19 -3.77
CA HIS A 65 -5.10 3.97 -3.43
C HIS A 65 -5.34 4.79 -2.17
N VAL A 66 -4.66 4.42 -1.09
CA VAL A 66 -4.80 5.13 0.18
C VAL A 66 -4.31 6.57 0.07
N GLY A 67 -3.00 6.75 0.01
CA GLY A 67 -2.43 8.07 -0.09
C GLY A 67 -1.19 8.25 0.77
N GLY A 68 -1.41 8.51 2.06
CA GLY A 68 -0.29 8.70 2.97
C GLY A 68 -0.14 7.56 3.94
N CYS A 69 1.04 7.43 4.52
CA CYS A 69 1.32 6.35 5.48
C CYS A 69 0.42 6.47 6.70
N ASP A 70 0.15 7.70 7.12
CA ASP A 70 -0.70 7.95 8.28
C ASP A 70 -2.17 7.71 7.94
N ASP A 71 -2.51 7.88 6.66
CA ASP A 71 -3.87 7.67 6.20
C ASP A 71 -4.38 6.29 6.59
N LEU A 72 -3.65 5.26 6.17
CA LEU A 72 -4.02 3.88 6.47
C LEU A 72 -4.13 3.66 7.97
N TYR A 73 -3.25 4.30 8.73
CA TYR A 73 -3.25 4.18 10.18
C TYR A 73 -4.54 4.73 10.77
N ALA A 74 -4.88 5.96 10.39
CA ALA A 74 -6.09 6.60 10.88
C ALA A 74 -7.33 5.78 10.54
N LEU A 75 -7.38 5.28 9.31
CA LEU A 75 -8.51 4.47 8.86
C LEU A 75 -8.65 3.20 9.70
N GLU A 76 -7.57 2.41 9.74
CA GLU A 76 -7.57 1.17 10.51
C GLU A 76 -7.90 1.44 11.98
N ASN A 77 -7.60 2.65 12.44
CA ASN A 77 -7.86 3.03 13.82
C ASN A 77 -9.29 3.55 13.98
N LYS A 78 -9.85 4.06 12.89
CA LYS A 78 -11.21 4.58 12.90
C LYS A 78 -12.23 3.46 12.80
N GLY A 79 -11.80 2.31 12.29
CA GLY A 79 -12.70 1.18 12.14
C GLY A 79 -12.59 0.52 10.78
N LYS A 80 -11.75 1.07 9.92
CA LYS A 80 -11.56 0.54 8.58
C LYS A 80 -10.53 -0.57 8.57
N LEU A 81 -10.12 -1.01 9.76
CA LEU A 81 -9.13 -2.07 9.89
C LEU A 81 -9.62 -3.35 9.20
N ASP A 82 -10.91 -3.61 9.30
CA ASP A 82 -11.50 -4.79 8.67
C ASP A 82 -11.15 -4.86 7.19
N SER A 83 -11.28 -3.72 6.51
CA SER A 83 -10.98 -3.63 5.08
C SER A 83 -9.48 -3.70 4.84
N LEU A 84 -8.72 -2.88 5.56
CA LEU A 84 -7.27 -2.83 5.43
C LEU A 84 -6.67 -4.23 5.62
N LEU A 85 -7.20 -4.97 6.59
CA LEU A 85 -6.71 -6.31 6.87
C LEU A 85 -7.19 -7.30 5.81
N GLN A 86 -8.46 -7.21 5.45
CA GLN A 86 -9.03 -8.09 4.43
C GLN A 86 -8.33 -7.91 3.09
N ASP A 87 -7.75 -6.73 2.89
CA ASP A 87 -7.04 -6.43 1.66
C ASP A 87 -5.59 -6.90 1.73
N VAL A 88 -4.85 -6.37 2.69
CA VAL A 88 -3.45 -6.74 2.86
C VAL A 88 -3.29 -8.24 3.05
N HIS A 89 -4.34 -8.89 3.54
CA HIS A 89 -4.32 -10.33 3.77
C HIS A 89 -3.91 -11.06 2.50
N GLY A 1 -14.14 -20.57 -7.11
CA GLY A 1 -12.79 -20.16 -6.77
C GLY A 1 -12.57 -20.14 -5.27
N PRO A 2 -12.54 -21.33 -4.65
CA PRO A 2 -12.34 -21.46 -3.21
C PRO A 2 -10.91 -21.11 -2.79
N GLY A 3 -10.75 -19.93 -2.18
CA GLY A 3 -9.44 -19.49 -1.74
C GLY A 3 -8.87 -18.40 -2.62
N SER A 4 -9.10 -17.15 -2.23
CA SER A 4 -8.61 -16.00 -3.00
C SER A 4 -8.08 -14.91 -2.06
N MET A 5 -6.79 -14.63 -2.18
CA MET A 5 -6.16 -13.59 -1.34
C MET A 5 -5.72 -12.40 -2.19
N LYS A 6 -5.64 -11.24 -1.56
CA LYS A 6 -5.24 -10.02 -2.26
C LYS A 6 -3.78 -9.71 -1.99
N GLU A 7 -3.29 -8.64 -2.61
CA GLU A 7 -1.89 -8.23 -2.44
C GLU A 7 -1.79 -6.74 -2.15
N ILE A 8 -0.81 -6.36 -1.34
CA ILE A 8 -0.61 -4.95 -0.99
C ILE A 8 0.72 -4.44 -1.52
N ILE A 9 0.71 -3.22 -2.07
CA ILE A 9 1.92 -2.62 -2.60
C ILE A 9 2.13 -1.22 -2.06
N LEU A 10 3.39 -0.81 -1.93
CA LEU A 10 3.71 0.52 -1.42
C LEU A 10 4.63 1.26 -2.38
N TYR A 11 4.12 2.34 -2.96
CA TYR A 11 4.88 3.14 -3.91
C TYR A 11 5.53 4.34 -3.21
N THR A 12 6.85 4.34 -3.14
CA THR A 12 7.59 5.41 -2.49
C THR A 12 9.10 5.21 -2.64
N ARG A 13 9.87 6.14 -2.09
CA ARG A 13 11.33 6.07 -2.17
C ARG A 13 11.89 5.25 -1.00
N PRO A 14 13.10 4.71 -1.18
CA PRO A 14 13.77 3.90 -0.15
C PRO A 14 14.21 4.74 1.04
N ASN A 15 14.25 6.05 0.86
CA ASN A 15 14.65 6.96 1.92
C ASN A 15 13.44 7.49 2.68
N CYS A 16 12.45 6.64 2.86
CA CYS A 16 11.22 7.02 3.56
C CYS A 16 11.17 6.38 4.95
N PRO A 17 11.64 7.12 5.96
CA PRO A 17 11.65 6.65 7.34
C PRO A 17 10.26 6.54 7.93
N TYR A 18 9.33 7.35 7.43
CA TYR A 18 7.96 7.35 7.91
C TYR A 18 7.22 6.11 7.43
N CYS A 19 7.84 5.38 6.52
CA CYS A 19 7.24 4.17 5.98
C CYS A 19 7.30 3.03 6.98
N LYS A 20 8.23 3.12 7.93
CA LYS A 20 8.40 2.11 8.96
C LYS A 20 7.06 1.72 9.57
N ARG A 21 6.18 2.71 9.74
CA ARG A 21 4.87 2.47 10.32
C ARG A 21 4.05 1.55 9.42
N ALA A 22 4.03 1.85 8.13
CA ALA A 22 3.28 1.05 7.16
C ALA A 22 3.77 -0.39 7.15
N ARG A 23 5.07 -0.57 6.88
CA ARG A 23 5.66 -1.90 6.84
C ARG A 23 5.38 -2.67 8.12
N ASP A 24 5.34 -1.95 9.24
CA ASP A 24 5.07 -2.56 10.54
C ASP A 24 3.64 -3.08 10.61
N LEU A 25 2.71 -2.30 10.09
CA LEU A 25 1.30 -2.68 10.10
C LEU A 25 1.09 -3.97 9.31
N LEU A 26 1.59 -4.00 8.09
CA LEU A 26 1.45 -5.16 7.23
C LEU A 26 2.13 -6.39 7.85
N ASP A 27 3.42 -6.23 8.16
CA ASP A 27 4.18 -7.32 8.76
C ASP A 27 3.51 -7.81 10.04
N LYS A 28 2.99 -6.87 10.83
CA LYS A 28 2.33 -7.21 12.08
C LYS A 28 1.10 -8.08 11.83
N LYS A 29 0.36 -7.76 10.77
CA LYS A 29 -0.84 -8.52 10.41
C LYS A 29 -0.47 -9.89 9.87
N GLY A 30 0.67 -9.97 9.19
CA GLY A 30 1.11 -11.23 8.63
C GLY A 30 0.74 -11.39 7.17
N VAL A 31 1.07 -10.37 6.37
CA VAL A 31 0.77 -10.40 4.95
C VAL A 31 2.01 -10.13 4.11
N LYS A 32 1.86 -10.20 2.80
CA LYS A 32 2.97 -9.97 1.89
C LYS A 32 2.82 -8.63 1.15
N TYR A 33 3.76 -7.73 1.38
CA TYR A 33 3.72 -6.42 0.74
C TYR A 33 4.86 -6.26 -0.26
N THR A 34 4.61 -5.49 -1.32
CA THR A 34 5.61 -5.27 -2.35
C THR A 34 6.05 -3.81 -2.38
N ASP A 35 7.34 -3.57 -2.19
CA ASP A 35 7.88 -2.22 -2.20
C ASP A 35 8.21 -1.78 -3.62
N ILE A 36 7.74 -0.58 -3.99
CA ILE A 36 7.99 -0.04 -5.32
C ILE A 36 8.83 1.22 -5.26
N ASP A 37 9.98 1.20 -5.92
CA ASP A 37 10.87 2.35 -5.94
C ASP A 37 10.13 3.61 -6.36
N ALA A 38 10.49 4.73 -5.75
CA ALA A 38 9.85 6.01 -6.07
C ALA A 38 10.08 6.39 -7.53
N SER A 39 11.06 5.75 -8.15
CA SER A 39 11.38 6.02 -9.55
C SER A 39 10.13 5.95 -10.42
N THR A 40 9.65 7.12 -10.84
CA THR A 40 8.46 7.20 -11.68
C THR A 40 8.64 6.42 -12.98
N SER A 41 9.90 6.25 -13.39
CA SER A 41 10.21 5.53 -14.62
C SER A 41 9.51 4.17 -14.64
N LEU A 42 9.32 3.59 -13.46
CA LEU A 42 8.67 2.30 -13.35
C LEU A 42 7.44 2.38 -12.44
N ARG A 43 7.53 3.23 -11.43
CA ARG A 43 6.42 3.41 -10.49
C ARG A 43 5.19 3.97 -11.19
N GLN A 44 5.40 4.94 -12.07
CA GLN A 44 4.32 5.55 -12.81
C GLN A 44 3.57 4.52 -13.64
N GLU A 45 4.32 3.62 -14.28
CA GLU A 45 3.72 2.58 -15.10
C GLU A 45 2.94 1.58 -14.25
N MET A 46 3.54 1.17 -13.14
CA MET A 46 2.90 0.21 -12.23
C MET A 46 1.64 0.82 -11.63
N VAL A 47 1.76 2.01 -11.07
CA VAL A 47 0.63 2.70 -10.45
C VAL A 47 -0.44 3.01 -11.49
N GLN A 48 -0.02 3.24 -12.72
CA GLN A 48 -0.95 3.56 -13.80
C GLN A 48 -1.75 2.33 -14.21
N ARG A 49 -1.06 1.20 -14.37
CA ARG A 49 -1.70 -0.05 -14.76
C ARG A 49 -2.39 -0.70 -13.57
N ALA A 50 -2.06 -0.23 -12.36
CA ALA A 50 -2.63 -0.76 -11.14
C ALA A 50 -3.90 -0.01 -10.76
N ASN A 51 -3.88 1.31 -10.91
CA ASN A 51 -5.03 2.15 -10.57
C ASN A 51 -5.76 2.57 -11.84
N GLY A 52 -5.02 3.06 -12.82
CA GLY A 52 -5.63 3.50 -14.07
C GLY A 52 -5.02 4.78 -14.58
N ARG A 53 -4.73 5.71 -13.69
CA ARG A 53 -4.14 7.00 -14.06
C ARG A 53 -3.59 7.72 -12.84
N ASN A 54 -2.33 7.44 -12.52
CA ASN A 54 -1.69 8.07 -11.36
C ASN A 54 -0.19 8.25 -11.61
N THR A 55 0.37 9.33 -11.07
CA THR A 55 1.79 9.60 -11.23
C THR A 55 2.38 10.23 -9.97
N PHE A 56 2.09 9.62 -8.83
CA PHE A 56 2.58 10.12 -7.55
C PHE A 56 2.76 8.98 -6.54
N PRO A 57 3.68 9.16 -5.59
CA PRO A 57 3.96 8.15 -4.56
C PRO A 57 2.82 8.02 -3.56
N GLN A 58 2.50 6.77 -3.20
CA GLN A 58 1.42 6.51 -2.25
C GLN A 58 1.32 5.02 -1.95
N ILE A 59 0.40 4.67 -1.06
CA ILE A 59 0.19 3.27 -0.69
C ILE A 59 -0.94 2.65 -1.50
N PHE A 60 -0.70 1.47 -2.04
CA PHE A 60 -1.70 0.76 -2.84
C PHE A 60 -2.12 -0.53 -2.16
N ILE A 61 -3.40 -0.86 -2.27
CA ILE A 61 -3.93 -2.08 -1.67
C ILE A 61 -4.92 -2.77 -2.61
N GLY A 62 -4.50 -3.89 -3.18
CA GLY A 62 -5.36 -4.62 -4.08
C GLY A 62 -5.70 -3.83 -5.33
N ASP A 63 -6.81 -3.11 -5.28
CA ASP A 63 -7.25 -2.31 -6.41
C ASP A 63 -7.65 -0.90 -5.96
N TYR A 64 -7.10 -0.48 -4.83
CA TYR A 64 -7.40 0.85 -4.29
C TYR A 64 -6.12 1.55 -3.86
N HIS A 65 -6.04 2.85 -4.16
CA HIS A 65 -4.87 3.65 -3.82
C HIS A 65 -5.20 4.65 -2.71
N VAL A 66 -4.54 4.50 -1.56
CA VAL A 66 -4.77 5.38 -0.43
C VAL A 66 -4.43 6.83 -0.79
N GLY A 67 -3.14 7.13 -0.86
CA GLY A 67 -2.71 8.47 -1.19
C GLY A 67 -1.67 9.00 -0.23
N GLY A 68 -1.92 8.84 1.07
CA GLY A 68 -0.99 9.31 2.07
C GLY A 68 -0.73 8.28 3.16
N CYS A 69 0.38 8.44 3.87
CA CYS A 69 0.75 7.51 4.93
C CYS A 69 -0.18 7.68 6.14
N ASP A 70 -0.29 8.91 6.62
CA ASP A 70 -1.13 9.21 7.77
C ASP A 70 -2.57 8.75 7.52
N ASP A 71 -2.95 8.68 6.24
CA ASP A 71 -4.29 8.26 5.87
C ASP A 71 -4.53 6.80 6.25
N LEU A 72 -3.57 5.95 5.93
CA LEU A 72 -3.68 4.52 6.24
C LEU A 72 -3.58 4.29 7.74
N TYR A 73 -2.73 5.07 8.40
CA TYR A 73 -2.53 4.93 9.84
C TYR A 73 -3.76 5.42 10.60
N ALA A 74 -4.18 6.65 10.31
CA ALA A 74 -5.35 7.23 10.96
C ALA A 74 -6.60 6.40 10.71
N LEU A 75 -6.87 6.12 9.43
CA LEU A 75 -8.03 5.33 9.06
C LEU A 75 -8.03 3.97 9.75
N GLU A 76 -6.88 3.29 9.69
CA GLU A 76 -6.74 1.98 10.32
C GLU A 76 -7.08 2.06 11.81
N ASN A 77 -6.65 3.12 12.46
CA ASN A 77 -6.91 3.31 13.89
C ASN A 77 -8.33 3.82 14.11
N LYS A 78 -8.93 4.38 13.07
CA LYS A 78 -10.29 4.90 13.15
C LYS A 78 -11.31 3.78 13.00
N GLY A 79 -10.90 2.69 12.38
CA GLY A 79 -11.79 1.57 12.19
C GLY A 79 -11.62 0.91 10.83
N LYS A 80 -10.83 1.54 9.97
CA LYS A 80 -10.58 1.02 8.64
C LYS A 80 -9.68 -0.20 8.68
N LEU A 81 -9.18 -0.53 9.86
CA LEU A 81 -8.30 -1.67 10.05
C LEU A 81 -8.90 -2.92 9.39
N ASP A 82 -10.20 -3.11 9.55
CA ASP A 82 -10.89 -4.25 8.96
C ASP A 82 -10.66 -4.30 7.46
N SER A 83 -10.90 -3.18 6.79
CA SER A 83 -10.73 -3.11 5.34
C SER A 83 -9.27 -3.34 4.95
N LEU A 84 -8.37 -2.60 5.60
CA LEU A 84 -6.94 -2.73 5.33
C LEU A 84 -6.48 -4.17 5.48
N LEU A 85 -7.09 -4.88 6.42
CA LEU A 85 -6.74 -6.28 6.67
C LEU A 85 -7.22 -7.16 5.52
N GLN A 86 -8.51 -7.07 5.20
CA GLN A 86 -9.08 -7.85 4.12
C GLN A 86 -8.40 -7.55 2.79
N ASP A 87 -7.83 -6.36 2.68
CA ASP A 87 -7.15 -5.95 1.46
C ASP A 87 -5.74 -6.52 1.42
N VAL A 88 -4.92 -6.18 2.42
CA VAL A 88 -3.55 -6.66 2.49
C VAL A 88 -3.50 -8.18 2.61
N HIS A 89 -4.60 -8.76 3.10
CA HIS A 89 -4.68 -10.21 3.25
C HIS A 89 -5.49 -10.83 2.12
N GLY A 1 -7.82 -26.20 -4.87
CA GLY A 1 -6.68 -25.30 -4.78
C GLY A 1 -7.09 -23.85 -4.83
N PRO A 2 -7.65 -23.35 -3.71
CA PRO A 2 -8.09 -21.95 -3.60
C PRO A 2 -6.93 -20.98 -3.58
N GLY A 3 -7.26 -19.69 -3.52
CA GLY A 3 -6.22 -18.67 -3.50
C GLY A 3 -6.74 -17.33 -3.02
N SER A 4 -5.84 -16.35 -2.92
CA SER A 4 -6.22 -15.01 -2.47
C SER A 4 -5.97 -13.98 -3.55
N MET A 5 -6.82 -12.95 -3.58
CA MET A 5 -6.69 -11.88 -4.58
C MET A 5 -6.49 -10.53 -3.90
N LYS A 6 -5.94 -10.56 -2.69
CA LYS A 6 -5.68 -9.33 -1.93
C LYS A 6 -4.20 -9.18 -1.65
N GLU A 7 -3.62 -8.06 -2.09
CA GLU A 7 -2.21 -7.78 -1.89
C GLU A 7 -1.98 -6.30 -1.62
N ILE A 8 -0.98 -6.00 -0.81
CA ILE A 8 -0.65 -4.61 -0.48
C ILE A 8 0.65 -4.19 -1.15
N ILE A 9 0.65 -2.97 -1.68
CA ILE A 9 1.84 -2.44 -2.35
C ILE A 9 2.13 -1.01 -1.89
N LEU A 10 3.42 -0.69 -1.78
CA LEU A 10 3.84 0.65 -1.35
C LEU A 10 4.64 1.33 -2.45
N TYR A 11 4.10 2.42 -2.99
CA TYR A 11 4.76 3.17 -4.04
C TYR A 11 5.41 4.44 -3.48
N THR A 12 6.75 4.43 -3.39
CA THR A 12 7.48 5.57 -2.87
C THR A 12 8.98 5.34 -2.94
N ARG A 13 9.75 6.31 -2.46
CA ARG A 13 11.20 6.20 -2.47
C ARG A 13 11.71 5.49 -1.22
N PRO A 14 12.91 4.90 -1.31
CA PRO A 14 13.53 4.19 -0.20
C PRO A 14 13.95 5.11 0.93
N ASN A 15 13.85 6.41 0.70
CA ASN A 15 14.21 7.40 1.70
C ASN A 15 12.99 7.89 2.47
N CYS A 16 12.20 6.93 2.95
CA CYS A 16 11.00 7.25 3.71
C CYS A 16 11.09 6.71 5.13
N PRO A 17 11.48 7.59 6.07
CA PRO A 17 11.62 7.22 7.48
C PRO A 17 10.27 6.96 8.15
N TYR A 18 9.20 7.23 7.42
CA TYR A 18 7.85 7.03 7.94
C TYR A 18 7.29 5.67 7.51
N CYS A 19 7.87 5.12 6.44
CA CYS A 19 7.44 3.83 5.92
C CYS A 19 7.46 2.77 7.03
N LYS A 20 8.31 2.98 8.03
CA LYS A 20 8.43 2.04 9.14
C LYS A 20 7.05 1.70 9.72
N ARG A 21 6.15 2.68 9.68
CA ARG A 21 4.79 2.49 10.19
C ARG A 21 4.01 1.50 9.33
N ALA A 22 4.03 1.73 8.03
CA ALA A 22 3.33 0.86 7.09
C ALA A 22 3.87 -0.56 7.15
N ARG A 23 5.18 -0.71 6.97
CA ARG A 23 5.81 -2.02 7.01
C ARG A 23 5.58 -2.70 8.35
N ASP A 24 5.58 -1.90 9.42
CA ASP A 24 5.38 -2.44 10.76
C ASP A 24 3.98 -3.05 10.89
N LEU A 25 2.97 -2.32 10.45
CA LEU A 25 1.59 -2.80 10.52
C LEU A 25 1.42 -4.09 9.73
N LEU A 26 1.84 -4.06 8.46
CA LEU A 26 1.73 -5.22 7.60
C LEU A 26 2.38 -6.44 8.24
N ASP A 27 3.67 -6.31 8.56
CA ASP A 27 4.41 -7.41 9.19
C ASP A 27 3.77 -7.81 10.51
N LYS A 28 3.25 -6.83 11.25
CA LYS A 28 2.60 -7.09 12.53
C LYS A 28 1.43 -8.05 12.35
N LYS A 29 0.66 -7.86 11.30
CA LYS A 29 -0.50 -8.70 11.02
C LYS A 29 -0.06 -10.04 10.44
N GLY A 30 1.04 -10.02 9.69
CA GLY A 30 1.54 -11.25 9.09
C GLY A 30 1.14 -11.40 7.63
N VAL A 31 1.43 -10.38 6.84
CA VAL A 31 1.09 -10.39 5.42
C VAL A 31 2.32 -10.13 4.56
N LYS A 32 2.14 -10.16 3.24
CA LYS A 32 3.23 -9.93 2.30
C LYS A 32 3.02 -8.62 1.56
N TYR A 33 3.91 -7.66 1.80
CA TYR A 33 3.83 -6.36 1.15
C TYR A 33 4.88 -6.22 0.05
N THR A 34 4.52 -5.53 -1.03
CA THR A 34 5.43 -5.34 -2.15
C THR A 34 5.90 -3.89 -2.23
N ASP A 35 7.21 -3.70 -2.12
CA ASP A 35 7.80 -2.36 -2.18
C ASP A 35 8.03 -1.94 -3.63
N ILE A 36 7.66 -0.70 -3.94
CA ILE A 36 7.84 -0.18 -5.29
C ILE A 36 8.64 1.11 -5.28
N ASP A 37 9.78 1.11 -5.99
CA ASP A 37 10.65 2.27 -6.06
C ASP A 37 9.88 3.48 -6.57
N ALA A 38 10.19 4.66 -6.03
CA ALA A 38 9.53 5.89 -6.44
C ALA A 38 9.81 6.19 -7.91
N SER A 39 10.82 5.54 -8.46
CA SER A 39 11.19 5.74 -9.87
C SER A 39 9.97 5.65 -10.76
N THR A 40 9.51 6.79 -11.27
CA THR A 40 8.36 6.84 -12.15
C THR A 40 8.54 5.93 -13.37
N SER A 41 9.80 5.68 -13.72
CA SER A 41 10.13 4.83 -14.86
C SER A 41 9.36 3.52 -14.80
N LEU A 42 9.09 3.06 -13.58
CA LEU A 42 8.37 1.81 -13.36
C LEU A 42 7.14 2.03 -12.48
N ARG A 43 7.27 2.94 -11.52
CA ARG A 43 6.18 3.25 -10.61
C ARG A 43 4.98 3.80 -11.38
N GLN A 44 5.25 4.59 -12.41
CA GLN A 44 4.19 5.18 -13.22
C GLN A 44 3.41 4.11 -13.98
N GLU A 45 4.14 3.09 -14.45
CA GLU A 45 3.51 2.01 -15.19
C GLU A 45 2.65 1.14 -14.27
N MET A 46 3.22 0.74 -13.15
CA MET A 46 2.50 -0.08 -12.18
C MET A 46 1.24 0.62 -11.68
N VAL A 47 1.40 1.86 -11.23
CA VAL A 47 0.28 2.64 -10.73
C VAL A 47 -0.75 2.89 -11.82
N GLN A 48 -0.27 3.09 -13.05
CA GLN A 48 -1.14 3.34 -14.19
C GLN A 48 -2.07 2.16 -14.41
N ARG A 49 -1.51 0.96 -14.51
CA ARG A 49 -2.29 -0.24 -14.72
C ARG A 49 -2.95 -0.71 -13.44
N ALA A 50 -2.51 -0.15 -12.31
CA ALA A 50 -3.07 -0.50 -11.01
C ALA A 50 -4.42 0.16 -10.80
N ASN A 51 -4.54 1.42 -11.20
CA ASN A 51 -5.79 2.17 -11.05
C ASN A 51 -6.28 2.67 -12.40
N GLY A 52 -5.38 3.24 -13.19
CA GLY A 52 -5.74 3.75 -14.49
C GLY A 52 -4.81 4.86 -14.97
N ARG A 53 -4.71 5.91 -14.18
CA ARG A 53 -3.85 7.05 -14.52
C ARG A 53 -3.38 7.76 -13.27
N ASN A 54 -2.07 7.75 -13.05
CA ASN A 54 -1.48 8.40 -11.89
C ASN A 54 -0.04 8.81 -12.15
N THR A 55 0.47 9.75 -11.35
CA THR A 55 1.85 10.22 -11.52
C THR A 55 2.39 10.76 -10.20
N PHE A 56 2.01 10.13 -9.09
CA PHE A 56 2.46 10.54 -7.78
C PHE A 56 2.61 9.34 -6.85
N PRO A 57 3.62 9.39 -5.97
CA PRO A 57 3.89 8.31 -5.01
C PRO A 57 2.82 8.22 -3.92
N GLN A 58 2.52 7.00 -3.49
CA GLN A 58 1.52 6.78 -2.46
C GLN A 58 1.42 5.31 -2.09
N ILE A 59 0.55 4.98 -1.15
CA ILE A 59 0.36 3.61 -0.72
C ILE A 59 -0.81 2.96 -1.43
N PHE A 60 -0.67 1.67 -1.75
CA PHE A 60 -1.73 0.94 -2.45
C PHE A 60 -2.14 -0.29 -1.64
N ILE A 61 -3.44 -0.55 -1.61
CA ILE A 61 -3.98 -1.70 -0.88
C ILE A 61 -5.14 -2.34 -1.63
N GLY A 62 -5.01 -3.63 -1.93
CA GLY A 62 -6.05 -4.34 -2.64
C GLY A 62 -6.56 -3.57 -3.84
N ASP A 63 -5.64 -3.02 -4.62
CA ASP A 63 -5.99 -2.26 -5.82
C ASP A 63 -6.71 -0.97 -5.44
N TYR A 64 -6.34 -0.40 -4.30
CA TYR A 64 -6.96 0.84 -3.83
C TYR A 64 -5.93 1.72 -3.14
N HIS A 65 -5.54 2.80 -3.82
CA HIS A 65 -4.57 3.74 -3.27
C HIS A 65 -5.12 4.45 -2.04
N VAL A 66 -4.26 4.69 -1.06
CA VAL A 66 -4.67 5.36 0.17
C VAL A 66 -4.18 6.80 0.20
N GLY A 67 -2.87 6.98 0.06
CA GLY A 67 -2.30 8.32 0.07
C GLY A 67 -1.01 8.39 0.86
N GLY A 68 -1.05 9.07 2.00
CA GLY A 68 0.14 9.20 2.83
C GLY A 68 0.33 8.02 3.75
N CYS A 69 1.36 8.07 4.58
CA CYS A 69 1.65 7.00 5.52
C CYS A 69 0.65 6.99 6.67
N ASP A 70 0.63 8.08 7.43
CA ASP A 70 -0.28 8.20 8.56
C ASP A 70 -1.73 7.95 8.13
N ASP A 71 -2.00 8.20 6.86
CA ASP A 71 -3.35 8.02 6.32
C ASP A 71 -3.85 6.61 6.61
N LEU A 72 -3.08 5.60 6.20
CA LEU A 72 -3.44 4.21 6.41
C LEU A 72 -3.66 3.93 7.89
N TYR A 73 -2.86 4.57 8.74
CA TYR A 73 -2.97 4.39 10.17
C TYR A 73 -4.28 4.97 10.70
N ALA A 74 -4.53 6.23 10.38
CA ALA A 74 -5.74 6.91 10.81
C ALA A 74 -6.98 6.12 10.42
N LEU A 75 -7.09 5.77 9.15
CA LEU A 75 -8.22 5.01 8.64
C LEU A 75 -8.34 3.68 9.36
N GLU A 76 -7.22 2.97 9.47
CA GLU A 76 -7.20 1.67 10.14
C GLU A 76 -7.73 1.79 11.57
N ASN A 77 -7.47 2.93 12.20
CA ASN A 77 -7.92 3.16 13.57
C ASN A 77 -9.32 3.72 13.58
N LYS A 78 -9.74 4.30 12.46
CA LYS A 78 -11.08 4.88 12.35
C LYS A 78 -12.12 3.79 12.09
N GLY A 79 -11.67 2.66 11.57
CA GLY A 79 -12.58 1.56 11.29
C GLY A 79 -12.32 0.93 9.94
N LYS A 80 -11.37 1.49 9.19
CA LYS A 80 -11.04 0.97 7.87
C LYS A 80 -10.10 -0.23 7.98
N LEU A 81 -9.80 -0.63 9.21
CA LEU A 81 -8.92 -1.76 9.45
C LEU A 81 -9.37 -2.98 8.64
N ASP A 82 -10.67 -3.23 8.63
CA ASP A 82 -11.23 -4.35 7.90
C ASP A 82 -10.77 -4.32 6.43
N SER A 83 -10.80 -3.14 5.84
CA SER A 83 -10.39 -2.98 4.44
C SER A 83 -8.89 -3.20 4.29
N LEU A 84 -8.11 -2.49 5.10
CA LEU A 84 -6.66 -2.60 5.05
C LEU A 84 -6.22 -4.06 5.22
N LEU A 85 -6.72 -4.70 6.26
CA LEU A 85 -6.38 -6.10 6.53
C LEU A 85 -6.87 -7.00 5.40
N GLN A 86 -8.07 -6.73 4.90
CA GLN A 86 -8.65 -7.52 3.82
C GLN A 86 -7.86 -7.31 2.52
N ASP A 87 -7.17 -6.19 2.43
CA ASP A 87 -6.39 -5.87 1.24
C ASP A 87 -4.98 -6.44 1.35
N VAL A 88 -4.37 -6.28 2.53
CA VAL A 88 -3.02 -6.77 2.77
C VAL A 88 -3.01 -8.29 2.95
N HIS A 89 -4.17 -8.83 3.34
CA HIS A 89 -4.29 -10.27 3.55
C HIS A 89 -3.86 -11.04 2.31
N GLY A 1 -14.05 -19.73 10.05
CA GLY A 1 -14.66 -18.96 8.98
C GLY A 1 -13.77 -18.84 7.77
N PRO A 2 -14.28 -18.16 6.72
CA PRO A 2 -13.54 -17.96 5.48
C PRO A 2 -12.37 -17.00 5.65
N GLY A 3 -11.68 -16.69 4.54
CA GLY A 3 -10.55 -15.79 4.60
C GLY A 3 -10.66 -14.66 3.60
N SER A 4 -9.52 -14.25 3.04
CA SER A 4 -9.51 -13.16 2.07
C SER A 4 -8.34 -13.33 1.10
N MET A 5 -8.47 -12.74 -0.09
CA MET A 5 -7.43 -12.82 -1.10
C MET A 5 -7.16 -11.45 -1.71
N LYS A 6 -6.15 -10.77 -1.17
CA LYS A 6 -5.78 -9.45 -1.67
C LYS A 6 -4.27 -9.24 -1.60
N GLU A 7 -3.81 -8.08 -2.06
CA GLU A 7 -2.38 -7.77 -2.06
C GLU A 7 -2.14 -6.31 -1.68
N ILE A 8 -1.03 -6.04 -1.01
CA ILE A 8 -0.69 -4.69 -0.61
C ILE A 8 0.63 -4.25 -1.23
N ILE A 9 0.66 -3.01 -1.72
CA ILE A 9 1.86 -2.46 -2.34
C ILE A 9 2.14 -1.05 -1.82
N LEU A 10 3.42 -0.68 -1.81
CA LEU A 10 3.83 0.65 -1.35
C LEU A 10 4.64 1.37 -2.42
N TYR A 11 4.09 2.46 -2.94
CA TYR A 11 4.77 3.24 -3.97
C TYR A 11 5.46 4.46 -3.37
N THR A 12 6.79 4.42 -3.34
CA THR A 12 7.57 5.53 -2.78
C THR A 12 9.07 5.29 -2.98
N ARG A 13 9.87 6.24 -2.51
CA ARG A 13 11.32 6.14 -2.64
C ARG A 13 11.91 5.39 -1.44
N PRO A 14 13.10 4.80 -1.64
CA PRO A 14 13.80 4.06 -0.59
C PRO A 14 14.34 4.97 0.50
N ASN A 15 14.77 4.37 1.61
CA ASN A 15 15.30 5.13 2.73
C ASN A 15 14.23 6.03 3.33
N CYS A 16 12.97 5.72 3.05
CA CYS A 16 11.86 6.51 3.57
C CYS A 16 11.51 6.09 4.99
N PRO A 17 11.60 7.05 5.93
CA PRO A 17 11.30 6.80 7.34
C PRO A 17 9.80 6.57 7.58
N TYR A 18 8.97 7.40 6.95
CA TYR A 18 7.53 7.29 7.11
C TYR A 18 7.06 5.87 6.81
N CYS A 19 7.71 5.23 5.84
CA CYS A 19 7.36 3.86 5.46
C CYS A 19 7.41 2.93 6.66
N LYS A 20 8.20 3.30 7.65
CA LYS A 20 8.34 2.50 8.87
C LYS A 20 6.98 2.12 9.44
N ARG A 21 6.06 3.08 9.42
CA ARG A 21 4.71 2.86 9.93
C ARG A 21 3.99 1.80 9.11
N ALA A 22 3.94 2.02 7.79
CA ALA A 22 3.28 1.08 6.89
C ALA A 22 3.91 -0.29 6.97
N ARG A 23 5.21 -0.37 6.71
CA ARG A 23 5.93 -1.64 6.76
C ARG A 23 5.70 -2.35 8.09
N ASP A 24 5.59 -1.56 9.16
CA ASP A 24 5.37 -2.12 10.49
C ASP A 24 3.97 -2.70 10.61
N LEU A 25 3.00 -2.03 9.99
CA LEU A 25 1.62 -2.48 10.03
C LEU A 25 1.46 -3.83 9.35
N LEU A 26 1.93 -3.93 8.11
CA LEU A 26 1.84 -5.17 7.35
C LEU A 26 2.69 -6.26 8.00
N ASP A 27 3.91 -5.90 8.38
CA ASP A 27 4.82 -6.85 9.01
C ASP A 27 4.25 -7.36 10.33
N LYS A 28 3.50 -6.50 11.01
CA LYS A 28 2.88 -6.87 12.28
C LYS A 28 1.67 -7.77 12.07
N LYS A 29 0.93 -7.51 11.00
CA LYS A 29 -0.25 -8.31 10.68
C LYS A 29 0.15 -9.70 10.20
N GLY A 30 1.28 -9.78 9.52
CA GLY A 30 1.76 -11.06 9.01
C GLY A 30 1.38 -11.28 7.56
N VAL A 31 1.66 -10.28 6.72
CA VAL A 31 1.34 -10.37 5.30
C VAL A 31 2.56 -10.07 4.45
N LYS A 32 2.42 -10.22 3.13
CA LYS A 32 3.51 -9.95 2.21
C LYS A 32 3.24 -8.70 1.38
N TYR A 33 3.99 -7.63 1.67
CA TYR A 33 3.83 -6.38 0.96
C TYR A 33 4.92 -6.19 -0.09
N THR A 34 4.57 -5.56 -1.20
CA THR A 34 5.52 -5.34 -2.28
C THR A 34 5.96 -3.87 -2.31
N ASP A 35 7.27 -3.65 -2.33
CA ASP A 35 7.82 -2.30 -2.37
C ASP A 35 8.05 -1.84 -3.81
N ILE A 36 7.70 -0.59 -4.09
CA ILE A 36 7.87 -0.04 -5.43
C ILE A 36 8.69 1.24 -5.39
N ASP A 37 9.80 1.25 -6.13
CA ASP A 37 10.67 2.42 -6.19
C ASP A 37 9.91 3.64 -6.70
N ALA A 38 10.23 4.80 -6.13
CA ALA A 38 9.58 6.04 -6.53
C ALA A 38 9.86 6.36 -8.00
N SER A 39 10.88 5.72 -8.56
CA SER A 39 11.26 5.94 -9.95
C SER A 39 10.04 5.83 -10.87
N THR A 40 9.57 6.97 -11.34
CA THR A 40 8.41 7.00 -12.23
C THR A 40 8.59 6.08 -13.41
N SER A 41 9.85 5.85 -13.79
CA SER A 41 10.16 4.97 -14.91
C SER A 41 9.43 3.64 -14.79
N LEU A 42 9.21 3.21 -13.56
CA LEU A 42 8.52 1.94 -13.30
C LEU A 42 7.28 2.17 -12.44
N ARG A 43 7.34 3.14 -11.54
CA ARG A 43 6.23 3.46 -10.66
C ARG A 43 5.03 3.96 -11.47
N GLN A 44 5.29 4.86 -12.40
CA GLN A 44 4.24 5.43 -13.24
C GLN A 44 3.51 4.32 -14.00
N GLU A 45 4.27 3.35 -14.51
CA GLU A 45 3.70 2.24 -15.25
C GLU A 45 2.84 1.35 -14.35
N MET A 46 3.40 1.00 -13.20
CA MET A 46 2.70 0.15 -12.24
C MET A 46 1.42 0.82 -11.75
N VAL A 47 1.56 2.06 -11.29
CA VAL A 47 0.41 2.81 -10.79
C VAL A 47 -0.62 3.04 -11.89
N GLN A 48 -0.14 3.21 -13.11
CA GLN A 48 -1.02 3.44 -14.26
C GLN A 48 -1.90 2.23 -14.51
N ARG A 49 -1.29 1.06 -14.60
CA ARG A 49 -2.02 -0.18 -14.84
C ARG A 49 -2.68 -0.68 -13.56
N ALA A 50 -2.31 -0.08 -12.44
CA ALA A 50 -2.86 -0.46 -11.15
C ALA A 50 -4.23 0.19 -10.92
N ASN A 51 -4.35 1.46 -11.29
CA ASN A 51 -5.59 2.19 -11.13
C ASN A 51 -5.97 2.90 -12.41
N GLY A 52 -4.98 3.44 -13.11
CA GLY A 52 -5.23 4.15 -14.35
C GLY A 52 -4.16 5.16 -14.68
N ARG A 53 -3.79 5.97 -13.69
CA ARG A 53 -2.76 6.99 -13.87
C ARG A 53 -2.38 7.62 -12.54
N ASN A 54 -1.22 8.27 -12.51
CA ASN A 54 -0.73 8.91 -11.30
C ASN A 54 0.58 9.66 -11.56
N THR A 55 0.87 10.64 -10.72
CA THR A 55 2.08 11.44 -10.86
C THR A 55 2.72 11.71 -9.51
N PHE A 56 2.32 10.94 -8.50
CA PHE A 56 2.86 11.11 -7.15
C PHE A 56 2.84 9.77 -6.40
N PRO A 57 3.76 9.63 -5.44
CA PRO A 57 3.87 8.42 -4.62
C PRO A 57 2.69 8.26 -3.65
N GLN A 58 2.41 7.03 -3.28
CA GLN A 58 1.32 6.74 -2.35
C GLN A 58 1.29 5.26 -1.98
N ILE A 59 0.35 4.89 -1.12
CA ILE A 59 0.22 3.50 -0.68
C ILE A 59 -0.92 2.80 -1.42
N PHE A 60 -0.66 1.59 -1.88
CA PHE A 60 -1.66 0.81 -2.59
C PHE A 60 -2.13 -0.38 -1.76
N ILE A 61 -3.44 -0.61 -1.77
CA ILE A 61 -4.02 -1.72 -1.01
C ILE A 61 -5.26 -2.27 -1.70
N GLY A 62 -5.30 -3.59 -1.88
CA GLY A 62 -6.43 -4.22 -2.53
C GLY A 62 -6.86 -3.49 -3.79
N ASP A 63 -5.93 -3.33 -4.72
CA ASP A 63 -6.21 -2.65 -5.98
C ASP A 63 -6.91 -1.32 -5.73
N TYR A 64 -6.54 -0.67 -4.63
CA TYR A 64 -7.12 0.62 -4.28
C TYR A 64 -6.07 1.56 -3.70
N HIS A 65 -5.77 2.62 -4.44
CA HIS A 65 -4.79 3.60 -4.00
C HIS A 65 -5.33 4.47 -2.87
N VAL A 66 -4.63 4.48 -1.74
CA VAL A 66 -5.05 5.25 -0.58
C VAL A 66 -4.51 6.68 -0.66
N GLY A 67 -3.23 6.83 -0.40
CA GLY A 67 -2.61 8.15 -0.44
C GLY A 67 -1.37 8.24 0.43
N GLY A 68 -1.51 8.91 1.57
CA GLY A 68 -0.38 9.06 2.48
C GLY A 68 -0.22 7.87 3.42
N CYS A 69 0.94 7.75 4.03
CA CYS A 69 1.21 6.65 4.96
C CYS A 69 0.26 6.71 6.15
N ASP A 70 0.24 7.85 6.83
CA ASP A 70 -0.61 8.02 7.99
C ASP A 70 -2.07 7.73 7.65
N ASP A 71 -2.42 7.91 6.37
CA ASP A 71 -3.78 7.66 5.91
C ASP A 71 -4.25 6.27 6.32
N LEU A 72 -3.47 5.25 5.94
CA LEU A 72 -3.82 3.87 6.26
C LEU A 72 -3.98 3.69 7.76
N TYR A 73 -3.15 4.40 8.53
CA TYR A 73 -3.20 4.32 9.98
C TYR A 73 -4.50 4.92 10.52
N ALA A 74 -4.77 6.16 10.13
CA ALA A 74 -5.97 6.85 10.56
C ALA A 74 -7.22 6.02 10.29
N LEU A 75 -7.36 5.56 9.05
CA LEU A 75 -8.51 4.75 8.65
C LEU A 75 -8.59 3.47 9.48
N GLU A 76 -7.46 2.78 9.59
CA GLU A 76 -7.40 1.54 10.36
C GLU A 76 -7.84 1.77 11.80
N ASN A 77 -7.55 2.96 12.31
CA ASN A 77 -7.93 3.31 13.68
C ASN A 77 -9.35 3.84 13.74
N LYS A 78 -9.84 4.33 12.61
CA LYS A 78 -11.19 4.87 12.53
C LYS A 78 -12.23 3.75 12.41
N GLY A 79 -11.77 2.58 11.95
CA GLY A 79 -12.67 1.46 11.80
C GLY A 79 -12.49 0.76 10.46
N LYS A 80 -11.60 1.30 9.62
CA LYS A 80 -11.35 0.71 8.31
C LYS A 80 -10.31 -0.39 8.40
N LEU A 81 -9.93 -0.75 9.62
CA LEU A 81 -8.94 -1.80 9.84
C LEU A 81 -9.34 -3.08 9.12
N ASP A 82 -10.63 -3.43 9.20
CA ASP A 82 -11.13 -4.63 8.55
C ASP A 82 -10.78 -4.65 7.07
N SER A 83 -11.06 -3.55 6.39
CA SER A 83 -10.77 -3.43 4.96
C SER A 83 -9.27 -3.53 4.71
N LEU A 84 -8.49 -2.74 5.43
CA LEU A 84 -7.04 -2.74 5.29
C LEU A 84 -6.47 -4.14 5.47
N LEU A 85 -6.91 -4.81 6.54
CA LEU A 85 -6.45 -6.16 6.83
C LEU A 85 -6.86 -7.13 5.72
N GLN A 86 -8.06 -6.94 5.20
CA GLN A 86 -8.56 -7.80 4.13
C GLN A 86 -7.86 -7.49 2.81
N ASP A 87 -7.33 -6.28 2.69
CA ASP A 87 -6.63 -5.86 1.48
C ASP A 87 -5.18 -6.32 1.51
N VAL A 88 -4.61 -6.40 2.71
CA VAL A 88 -3.22 -6.83 2.87
C VAL A 88 -3.13 -8.34 3.01
N HIS A 89 -4.21 -8.96 3.48
CA HIS A 89 -4.24 -10.40 3.65
C HIS A 89 -4.84 -11.08 2.42
N GLY A 1 -3.84 -26.02 -7.61
CA GLY A 1 -3.77 -25.40 -6.30
C GLY A 1 -3.94 -23.89 -6.36
N PRO A 2 -5.16 -23.44 -6.73
CA PRO A 2 -5.46 -22.01 -6.84
C PRO A 2 -5.51 -21.32 -5.48
N GLY A 3 -5.73 -20.00 -5.50
CA GLY A 3 -5.79 -19.25 -4.26
C GLY A 3 -6.54 -17.94 -4.42
N SER A 4 -6.98 -17.38 -3.30
CA SER A 4 -7.72 -16.12 -3.33
C SER A 4 -7.24 -15.19 -2.21
N MET A 5 -6.60 -14.09 -2.61
CA MET A 5 -6.09 -13.12 -1.65
C MET A 5 -5.58 -11.86 -2.37
N LYS A 6 -5.64 -10.74 -1.68
CA LYS A 6 -5.18 -9.47 -2.25
C LYS A 6 -3.73 -9.20 -1.87
N GLU A 7 -3.19 -8.09 -2.38
CA GLU A 7 -1.81 -7.71 -2.10
C GLU A 7 -1.69 -6.20 -1.91
N ILE A 8 -0.76 -5.80 -1.04
CA ILE A 8 -0.54 -4.38 -0.78
C ILE A 8 0.73 -3.89 -1.45
N ILE A 9 0.66 -2.70 -2.05
CA ILE A 9 1.81 -2.12 -2.73
C ILE A 9 2.02 -0.67 -2.31
N LEU A 10 3.22 -0.37 -1.81
CA LEU A 10 3.54 0.98 -1.38
C LEU A 10 4.43 1.68 -2.40
N TYR A 11 3.97 2.83 -2.89
CA TYR A 11 4.71 3.59 -3.87
C TYR A 11 5.45 4.76 -3.20
N THR A 12 6.78 4.71 -3.24
CA THR A 12 7.60 5.76 -2.65
C THR A 12 9.08 5.47 -2.83
N ARG A 13 9.93 6.35 -2.29
CA ARG A 13 11.37 6.19 -2.41
C ARG A 13 11.90 5.31 -1.27
N PRO A 14 13.12 4.78 -1.46
CA PRO A 14 13.77 3.92 -0.47
C PRO A 14 14.18 4.69 0.78
N ASN A 15 14.05 6.01 0.73
CA ASN A 15 14.42 6.86 1.86
C ASN A 15 13.19 7.23 2.68
N CYS A 16 12.36 6.24 2.99
CA CYS A 16 11.15 6.47 3.78
C CYS A 16 11.30 5.91 5.19
N PRO A 17 11.79 6.76 6.10
CA PRO A 17 11.99 6.37 7.51
C PRO A 17 10.68 6.17 8.24
N TYR A 18 9.78 7.15 8.14
CA TYR A 18 8.49 7.07 8.80
C TYR A 18 7.66 5.91 8.25
N CYS A 19 7.92 5.55 7.00
CA CYS A 19 7.20 4.46 6.35
C CYS A 19 7.27 3.19 7.19
N LYS A 20 8.27 3.11 8.06
CA LYS A 20 8.45 1.95 8.93
C LYS A 20 7.13 1.57 9.59
N ARG A 21 6.31 2.56 9.90
CA ARG A 21 5.02 2.34 10.54
C ARG A 21 4.13 1.47 9.66
N ALA A 22 4.03 1.84 8.38
CA ALA A 22 3.20 1.10 7.44
C ALA A 22 3.74 -0.32 7.23
N ARG A 23 5.02 -0.41 6.87
CA ARG A 23 5.66 -1.70 6.64
C ARG A 23 5.59 -2.57 7.89
N ASP A 24 5.62 -1.92 9.05
CA ASP A 24 5.56 -2.64 10.32
C ASP A 24 4.19 -3.28 10.53
N LEU A 25 3.14 -2.50 10.31
CA LEU A 25 1.77 -2.98 10.47
C LEU A 25 1.50 -4.17 9.55
N LEU A 26 1.92 -4.03 8.29
CA LEU A 26 1.72 -5.08 7.30
C LEU A 26 2.48 -6.35 7.71
N ASP A 27 3.79 -6.23 7.88
CA ASP A 27 4.62 -7.37 8.26
C ASP A 27 4.13 -7.98 9.56
N LYS A 28 3.70 -7.12 10.49
CA LYS A 28 3.20 -7.59 11.78
C LYS A 28 1.90 -8.38 11.61
N LYS A 29 1.08 -7.95 10.67
CA LYS A 29 -0.19 -8.62 10.41
C LYS A 29 0.03 -9.98 9.75
N GLY A 30 1.10 -10.08 8.95
CA GLY A 30 1.41 -11.32 8.28
C GLY A 30 1.06 -11.29 6.81
N VAL A 31 1.42 -10.19 6.14
CA VAL A 31 1.15 -10.03 4.72
C VAL A 31 2.42 -9.71 3.94
N LYS A 32 2.34 -9.77 2.62
CA LYS A 32 3.48 -9.48 1.77
C LYS A 32 3.30 -8.16 1.03
N TYR A 33 4.00 -7.13 1.49
CA TYR A 33 3.92 -5.81 0.88
C TYR A 33 5.04 -5.60 -0.14
N THR A 34 4.71 -4.93 -1.23
CA THR A 34 5.69 -4.67 -2.29
C THR A 34 6.12 -3.20 -2.28
N ASP A 35 7.41 -2.96 -2.19
CA ASP A 35 7.95 -1.61 -2.18
C ASP A 35 8.29 -1.16 -3.59
N ILE A 36 7.55 -0.18 -4.09
CA ILE A 36 7.78 0.35 -5.43
C ILE A 36 8.67 1.58 -5.40
N ASP A 37 9.83 1.49 -6.02
CA ASP A 37 10.78 2.60 -6.05
C ASP A 37 10.16 3.81 -6.75
N ALA A 38 10.48 5.00 -6.26
CA ALA A 38 9.96 6.24 -6.83
C ALA A 38 10.19 6.29 -8.34
N SER A 39 11.20 5.55 -8.79
CA SER A 39 11.53 5.52 -10.22
C SER A 39 10.29 5.29 -11.07
N THR A 40 9.94 6.27 -11.89
CA THR A 40 8.77 6.17 -12.76
C THR A 40 8.91 5.02 -13.75
N SER A 41 10.15 4.63 -14.02
CA SER A 41 10.43 3.55 -14.96
C SER A 41 9.59 2.31 -14.61
N LEU A 42 9.34 2.13 -13.32
CA LEU A 42 8.55 0.99 -12.86
C LEU A 42 7.34 1.44 -12.04
N ARG A 43 7.46 2.62 -11.44
CA ARG A 43 6.38 3.18 -10.63
C ARG A 43 5.25 3.70 -11.52
N GLN A 44 5.62 4.39 -12.59
CA GLN A 44 4.64 4.95 -13.52
C GLN A 44 3.82 3.84 -14.18
N GLU A 45 4.51 2.81 -14.66
CA GLU A 45 3.85 1.69 -15.31
C GLU A 45 2.99 0.91 -14.31
N MET A 46 3.59 0.58 -13.16
CA MET A 46 2.89 -0.16 -12.12
C MET A 46 1.66 0.62 -11.63
N VAL A 47 1.88 1.88 -11.28
CA VAL A 47 0.79 2.73 -10.80
C VAL A 47 -0.34 2.81 -11.81
N GLN A 48 0.01 3.10 -13.06
CA GLN A 48 -0.98 3.21 -14.12
C GLN A 48 -1.84 1.95 -14.19
N ARG A 49 -1.19 0.79 -14.16
CA ARG A 49 -1.89 -0.48 -14.23
C ARG A 49 -2.49 -0.84 -12.87
N ALA A 50 -2.11 -0.09 -11.85
CA ALA A 50 -2.62 -0.33 -10.49
C ALA A 50 -3.99 0.28 -10.31
N ASN A 51 -4.18 1.50 -10.83
CA ASN A 51 -5.46 2.19 -10.71
C ASN A 51 -6.05 2.45 -12.09
N GLY A 52 -5.22 2.89 -13.03
CA GLY A 52 -5.67 3.16 -14.37
C GLY A 52 -4.89 4.28 -15.04
N ARG A 53 -4.16 5.04 -14.24
CA ARG A 53 -3.35 6.14 -14.77
C ARG A 53 -2.24 6.52 -13.79
N ASN A 54 -1.23 7.22 -14.29
CA ASN A 54 -0.11 7.64 -13.46
C ASN A 54 -0.48 8.86 -12.63
N THR A 55 0.24 9.06 -11.52
CA THR A 55 -0.01 10.18 -10.64
C THR A 55 1.02 10.24 -9.50
N PHE A 56 0.77 11.12 -8.54
CA PHE A 56 1.69 11.27 -7.41
C PHE A 56 1.81 9.97 -6.63
N PRO A 57 2.91 9.82 -5.88
CA PRO A 57 3.16 8.63 -5.08
C PRO A 57 2.22 8.51 -3.89
N GLN A 58 2.01 7.28 -3.43
CA GLN A 58 1.12 7.04 -2.28
C GLN A 58 1.13 5.57 -1.91
N ILE A 59 0.34 5.23 -0.89
CA ILE A 59 0.26 3.84 -0.42
C ILE A 59 -0.91 3.11 -1.08
N PHE A 60 -0.60 2.13 -1.91
CA PHE A 60 -1.62 1.35 -2.61
C PHE A 60 -1.95 0.08 -1.82
N ILE A 61 -3.23 -0.27 -1.80
CA ILE A 61 -3.68 -1.47 -1.10
C ILE A 61 -4.74 -2.21 -1.90
N GLY A 62 -4.41 -3.43 -2.34
CA GLY A 62 -5.35 -4.22 -3.10
C GLY A 62 -5.77 -3.53 -4.39
N ASP A 63 -6.93 -2.89 -4.35
CA ASP A 63 -7.46 -2.19 -5.52
C ASP A 63 -7.86 -0.76 -5.16
N TYR A 64 -7.17 -0.19 -4.18
CA TYR A 64 -7.46 1.17 -3.74
C TYR A 64 -6.17 1.90 -3.38
N HIS A 65 -6.15 3.21 -3.62
CA HIS A 65 -4.98 4.03 -3.32
C HIS A 65 -5.24 4.92 -2.10
N VAL A 66 -4.63 4.56 -0.98
CA VAL A 66 -4.78 5.32 0.26
C VAL A 66 -4.45 6.79 0.05
N GLY A 67 -3.16 7.09 -0.06
CA GLY A 67 -2.74 8.46 -0.28
C GLY A 67 -1.63 8.87 0.67
N GLY A 68 -1.87 8.72 1.97
CA GLY A 68 -0.87 9.09 2.96
C GLY A 68 -0.51 7.94 3.88
N CYS A 69 0.73 7.92 4.35
CA CYS A 69 1.20 6.86 5.23
C CYS A 69 0.33 6.77 6.48
N ASP A 70 0.40 7.80 7.31
CA ASP A 70 -0.37 7.86 8.55
C ASP A 70 -1.86 7.65 8.27
N ASP A 71 -2.27 8.01 7.06
CA ASP A 71 -3.67 7.87 6.66
C ASP A 71 -4.16 6.45 6.90
N LEU A 72 -3.33 5.47 6.58
CA LEU A 72 -3.69 4.07 6.77
C LEU A 72 -3.83 3.74 8.25
N TYR A 73 -3.00 4.34 9.08
CA TYR A 73 -3.04 4.12 10.52
C TYR A 73 -4.30 4.73 11.13
N ALA A 74 -4.52 6.01 10.85
CA ALA A 74 -5.69 6.71 11.37
C ALA A 74 -6.98 6.01 10.95
N LEU A 75 -7.11 5.77 9.65
CA LEU A 75 -8.30 5.12 9.12
C LEU A 75 -8.48 3.73 9.73
N GLU A 76 -7.40 2.97 9.78
CA GLU A 76 -7.44 1.62 10.35
C GLU A 76 -7.97 1.65 11.77
N ASN A 77 -7.52 2.62 12.55
CA ASN A 77 -7.95 2.76 13.94
C ASN A 77 -9.31 3.45 14.02
N LYS A 78 -9.70 4.10 12.93
CA LYS A 78 -10.98 4.80 12.88
C LYS A 78 -12.12 3.83 12.55
N GLY A 79 -11.77 2.70 11.95
CA GLY A 79 -12.77 1.72 11.60
C GLY A 79 -12.55 1.12 10.23
N LYS A 80 -11.57 1.66 9.50
CA LYS A 80 -11.25 1.17 8.17
C LYS A 80 -10.36 -0.07 8.23
N LEU A 81 -10.08 -0.53 9.44
CA LEU A 81 -9.23 -1.70 9.64
C LEU A 81 -9.72 -2.87 8.78
N ASP A 82 -11.04 -3.06 8.75
CA ASP A 82 -11.63 -4.14 7.97
C ASP A 82 -11.16 -4.08 6.52
N SER A 83 -11.17 -2.88 5.95
CA SER A 83 -10.75 -2.69 4.56
C SER A 83 -9.26 -2.93 4.41
N LEU A 84 -8.48 -2.27 5.27
CA LEU A 84 -7.02 -2.41 5.23
C LEU A 84 -6.61 -3.88 5.32
N LEU A 85 -7.12 -4.56 6.34
CA LEU A 85 -6.80 -5.98 6.54
C LEU A 85 -7.25 -6.81 5.35
N GLN A 86 -8.50 -6.61 4.93
CA GLN A 86 -9.06 -7.35 3.80
C GLN A 86 -8.26 -7.07 2.53
N ASP A 87 -7.60 -5.91 2.50
CA ASP A 87 -6.81 -5.52 1.34
C ASP A 87 -5.41 -6.13 1.41
N VAL A 88 -4.65 -5.73 2.42
CA VAL A 88 -3.29 -6.24 2.60
C VAL A 88 -3.27 -7.77 2.59
N HIS A 89 -4.34 -8.37 3.08
CA HIS A 89 -4.44 -9.83 3.13
C HIS A 89 -4.79 -10.38 1.75
N GLY A 1 -8.58 -22.56 1.22
CA GLY A 1 -10.02 -22.65 1.31
C GLY A 1 -10.72 -21.53 0.57
N PRO A 2 -10.64 -20.31 1.13
CA PRO A 2 -11.25 -19.12 0.53
C PRO A 2 -10.56 -18.69 -0.76
N GLY A 3 -11.22 -17.82 -1.52
CA GLY A 3 -10.65 -17.34 -2.76
C GLY A 3 -10.22 -15.89 -2.69
N SER A 4 -10.07 -15.38 -1.46
CA SER A 4 -9.67 -13.99 -1.26
C SER A 4 -8.18 -13.91 -0.95
N MET A 5 -7.39 -13.57 -1.97
CA MET A 5 -5.95 -13.44 -1.81
C MET A 5 -5.46 -12.08 -2.29
N LYS A 6 -5.95 -11.02 -1.65
CA LYS A 6 -5.56 -9.66 -2.02
C LYS A 6 -4.08 -9.42 -1.74
N GLU A 7 -3.59 -8.28 -2.17
CA GLU A 7 -2.18 -7.92 -1.95
C GLU A 7 -2.03 -6.43 -1.65
N ILE A 8 -1.06 -6.10 -0.81
CA ILE A 8 -0.80 -4.72 -0.45
C ILE A 8 0.50 -4.21 -1.07
N ILE A 9 0.46 -2.98 -1.57
CA ILE A 9 1.65 -2.38 -2.18
C ILE A 9 1.87 -0.96 -1.67
N LEU A 10 3.13 -0.53 -1.67
CA LEU A 10 3.48 0.81 -1.20
C LEU A 10 4.37 1.51 -2.21
N TYR A 11 3.86 2.58 -2.81
CA TYR A 11 4.60 3.34 -3.79
C TYR A 11 5.32 4.52 -3.14
N THR A 12 6.65 4.50 -3.20
CA THR A 12 7.45 5.56 -2.61
C THR A 12 8.95 5.32 -2.86
N ARG A 13 9.77 6.25 -2.40
CA ARG A 13 11.22 6.15 -2.57
C ARG A 13 11.84 5.38 -1.42
N PRO A 14 13.02 4.78 -1.69
CA PRO A 14 13.75 4.00 -0.68
C PRO A 14 14.33 4.87 0.42
N ASN A 15 14.77 4.23 1.51
CA ASN A 15 15.35 4.95 2.64
C ASN A 15 14.31 5.86 3.28
N CYS A 16 13.04 5.59 3.02
CA CYS A 16 11.95 6.39 3.57
C CYS A 16 11.65 5.97 5.01
N PRO A 17 11.80 6.91 5.95
CA PRO A 17 11.55 6.66 7.37
C PRO A 17 10.07 6.46 7.68
N TYR A 18 9.23 7.32 7.10
CA TYR A 18 7.79 7.24 7.31
C TYR A 18 7.28 5.84 7.01
N CYS A 19 7.88 5.19 6.02
CA CYS A 19 7.49 3.83 5.63
C CYS A 19 7.52 2.89 6.83
N LYS A 20 8.35 3.23 7.81
CA LYS A 20 8.49 2.41 9.01
C LYS A 20 7.12 2.10 9.61
N ARG A 21 6.21 3.07 9.53
CA ARG A 21 4.86 2.90 10.07
C ARG A 21 4.10 1.84 9.29
N ALA A 22 4.05 2.01 7.97
CA ALA A 22 3.35 1.06 7.10
C ALA A 22 3.99 -0.32 7.17
N ARG A 23 5.29 -0.38 6.85
CA ARG A 23 6.01 -1.65 6.88
C ARG A 23 5.82 -2.37 8.21
N ASP A 24 5.73 -1.59 9.29
CA ASP A 24 5.54 -2.15 10.62
C ASP A 24 4.13 -2.72 10.77
N LEU A 25 3.15 -2.02 10.22
CA LEU A 25 1.76 -2.46 10.29
C LEU A 25 1.58 -3.81 9.63
N LEU A 26 2.01 -3.92 8.37
CA LEU A 26 1.90 -5.16 7.63
C LEU A 26 2.76 -6.26 8.25
N ASP A 27 3.99 -5.90 8.60
CA ASP A 27 4.92 -6.85 9.20
C ASP A 27 4.39 -7.34 10.55
N LYS A 28 3.60 -6.50 11.21
CA LYS A 28 3.02 -6.86 12.50
C LYS A 28 1.84 -7.81 12.33
N LYS A 29 1.02 -7.54 11.31
CA LYS A 29 -0.15 -8.37 11.04
C LYS A 29 0.27 -9.74 10.50
N GLY A 30 1.38 -9.76 9.77
CA GLY A 30 1.87 -11.02 9.22
C GLY A 30 1.50 -11.18 7.75
N VAL A 31 1.88 -10.20 6.94
CA VAL A 31 1.59 -10.24 5.52
C VAL A 31 2.82 -9.88 4.70
N LYS A 32 2.71 -10.03 3.37
CA LYS A 32 3.82 -9.71 2.48
C LYS A 32 3.51 -8.48 1.64
N TYR A 33 4.00 -7.33 2.07
CA TYR A 33 3.78 -6.08 1.37
C TYR A 33 4.85 -5.85 0.30
N THR A 34 4.43 -5.35 -0.85
CA THR A 34 5.36 -5.09 -1.95
C THR A 34 5.76 -3.61 -2.00
N ASP A 35 7.06 -3.36 -1.96
CA ASP A 35 7.57 -1.99 -1.99
C ASP A 35 7.93 -1.58 -3.42
N ILE A 36 7.37 -0.47 -3.87
CA ILE A 36 7.63 0.02 -5.22
C ILE A 36 8.52 1.26 -5.18
N ASP A 37 9.68 1.18 -5.84
CA ASP A 37 10.61 2.29 -5.89
C ASP A 37 9.97 3.51 -6.56
N ALA A 38 10.31 4.68 -6.05
CA ALA A 38 9.78 5.92 -6.60
C ALA A 38 10.13 6.07 -8.08
N SER A 39 11.14 5.33 -8.52
CA SER A 39 11.58 5.38 -9.91
C SER A 39 10.39 5.23 -10.86
N THR A 40 10.17 6.25 -11.67
CA THR A 40 9.06 6.24 -12.62
C THR A 40 9.24 5.13 -13.66
N SER A 41 10.50 4.72 -13.87
CA SER A 41 10.81 3.68 -14.84
C SER A 41 9.92 2.46 -14.63
N LEU A 42 9.53 2.23 -13.38
CA LEU A 42 8.68 1.09 -13.05
C LEU A 42 7.43 1.55 -12.31
N ARG A 43 7.57 2.59 -11.48
CA ARG A 43 6.45 3.12 -10.73
C ARG A 43 5.37 3.65 -11.67
N GLN A 44 5.79 4.31 -12.74
CA GLN A 44 4.86 4.86 -13.71
C GLN A 44 4.01 3.76 -14.35
N GLU A 45 4.65 2.63 -14.65
CA GLU A 45 3.96 1.51 -15.26
C GLU A 45 2.95 0.89 -14.29
N MET A 46 3.40 0.62 -13.08
CA MET A 46 2.54 0.03 -12.06
C MET A 46 1.39 0.98 -11.71
N VAL A 47 1.73 2.22 -11.38
CA VAL A 47 0.73 3.22 -11.02
C VAL A 47 -0.24 3.45 -12.18
N GLN A 48 0.25 3.30 -13.40
CA GLN A 48 -0.58 3.50 -14.59
C GLN A 48 -1.64 2.39 -14.69
N ARG A 49 -1.19 1.15 -14.59
CA ARG A 49 -2.09 0.00 -14.68
C ARG A 49 -2.86 -0.19 -13.38
N ALA A 50 -2.45 0.55 -12.35
CA ALA A 50 -3.10 0.46 -11.05
C ALA A 50 -4.30 1.40 -10.95
N ASN A 51 -4.13 2.61 -11.49
CA ASN A 51 -5.19 3.60 -11.48
C ASN A 51 -5.41 4.19 -12.87
N GLY A 52 -4.32 4.40 -13.60
CA GLY A 52 -4.42 4.95 -14.94
C GLY A 52 -4.68 6.44 -14.93
N ARG A 53 -4.27 7.11 -13.86
CA ARG A 53 -4.47 8.55 -13.74
C ARG A 53 -3.12 9.27 -13.62
N ASN A 54 -2.07 8.51 -13.35
CA ASN A 54 -0.73 9.07 -13.22
C ASN A 54 -0.74 10.25 -12.24
N THR A 55 -0.51 9.95 -10.97
CA THR A 55 -0.49 10.98 -9.93
C THR A 55 0.64 10.73 -8.93
N PHE A 56 0.63 11.49 -7.84
CA PHE A 56 1.64 11.34 -6.80
C PHE A 56 1.63 9.93 -6.22
N PRO A 57 2.75 9.55 -5.59
CA PRO A 57 2.90 8.23 -4.97
C PRO A 57 2.02 8.06 -3.73
N GLN A 58 1.71 6.82 -3.40
CA GLN A 58 0.87 6.53 -2.24
C GLN A 58 0.86 5.03 -1.94
N ILE A 59 0.12 4.65 -0.90
CA ILE A 59 0.02 3.25 -0.51
C ILE A 59 -1.19 2.58 -1.15
N PHE A 60 -0.94 1.53 -1.93
CA PHE A 60 -2.02 0.80 -2.59
C PHE A 60 -2.45 -0.40 -1.78
N ILE A 61 -3.71 -0.80 -1.93
CA ILE A 61 -4.24 -1.95 -1.21
C ILE A 61 -5.31 -2.67 -2.01
N GLY A 62 -4.96 -3.82 -2.58
CA GLY A 62 -5.90 -4.58 -3.37
C GLY A 62 -6.30 -3.86 -4.65
N ASP A 63 -7.33 -3.02 -4.55
CA ASP A 63 -7.81 -2.27 -5.72
C ASP A 63 -8.13 -0.83 -5.34
N TYR A 64 -7.56 -0.38 -4.23
CA TYR A 64 -7.79 0.97 -3.75
C TYR A 64 -6.48 1.66 -3.39
N HIS A 65 -6.43 2.98 -3.56
CA HIS A 65 -5.23 3.76 -3.26
C HIS A 65 -5.46 4.64 -2.04
N VAL A 66 -4.71 4.36 -0.97
CA VAL A 66 -4.84 5.14 0.26
C VAL A 66 -4.63 6.63 0.00
N GLY A 67 -3.38 7.01 -0.25
CA GLY A 67 -3.07 8.40 -0.52
C GLY A 67 -1.87 8.89 0.26
N GLY A 68 -1.70 8.37 1.48
CA GLY A 68 -0.58 8.76 2.31
C GLY A 68 -0.20 7.71 3.32
N CYS A 69 0.93 7.90 3.98
CA CYS A 69 1.40 6.95 4.98
C CYS A 69 0.49 6.95 6.21
N ASP A 70 0.49 8.06 6.94
CA ASP A 70 -0.35 8.18 8.13
C ASP A 70 -1.81 7.88 7.81
N ASP A 71 -2.19 8.11 6.56
CA ASP A 71 -3.56 7.86 6.12
C ASP A 71 -4.00 6.44 6.48
N LEU A 72 -3.23 5.46 6.03
CA LEU A 72 -3.55 4.07 6.31
C LEU A 72 -3.72 3.82 7.81
N TYR A 73 -2.92 4.52 8.61
CA TYR A 73 -2.99 4.39 10.06
C TYR A 73 -4.29 4.97 10.60
N ALA A 74 -4.56 6.22 10.23
CA ALA A 74 -5.78 6.89 10.68
C ALA A 74 -7.02 6.09 10.31
N LEU A 75 -7.12 5.71 9.04
CA LEU A 75 -8.26 4.93 8.56
C LEU A 75 -8.37 3.61 9.31
N GLU A 76 -7.25 2.92 9.45
CA GLU A 76 -7.22 1.63 10.14
C GLU A 76 -7.77 1.77 11.55
N ASN A 77 -7.43 2.87 12.21
CA ASN A 77 -7.89 3.12 13.57
C ASN A 77 -9.30 3.70 13.57
N LYS A 78 -9.70 4.26 12.44
CA LYS A 78 -11.03 4.84 12.30
C LYS A 78 -12.09 3.76 12.09
N GLY A 79 -11.65 2.60 11.60
CA GLY A 79 -12.56 1.51 11.36
C GLY A 79 -12.34 0.86 10.00
N LYS A 80 -11.40 1.40 9.23
CA LYS A 80 -11.09 0.86 7.91
C LYS A 80 -10.15 -0.34 8.01
N LEU A 81 -9.81 -0.71 9.24
CA LEU A 81 -8.93 -1.86 9.48
C LEU A 81 -9.42 -3.08 8.72
N ASP A 82 -10.74 -3.27 8.70
CA ASP A 82 -11.33 -4.42 8.01
C ASP A 82 -10.84 -4.49 6.56
N SER A 83 -10.92 -3.36 5.86
CA SER A 83 -10.50 -3.30 4.47
C SER A 83 -8.99 -3.46 4.35
N LEU A 84 -8.25 -2.69 5.16
CA LEU A 84 -6.80 -2.76 5.14
C LEU A 84 -6.30 -4.18 5.36
N LEU A 85 -6.94 -4.89 6.28
CA LEU A 85 -6.56 -6.26 6.59
C LEU A 85 -7.00 -7.20 5.46
N GLN A 86 -8.21 -6.97 4.94
CA GLN A 86 -8.74 -7.80 3.86
C GLN A 86 -7.88 -7.66 2.61
N ASP A 87 -7.22 -6.52 2.47
CA ASP A 87 -6.37 -6.26 1.31
C ASP A 87 -4.99 -6.86 1.52
N VAL A 88 -4.34 -6.52 2.63
CA VAL A 88 -3.02 -7.02 2.93
C VAL A 88 -3.02 -8.54 3.10
N HIS A 89 -4.14 -9.06 3.59
CA HIS A 89 -4.28 -10.50 3.79
C HIS A 89 -3.95 -11.27 2.51
N GLY A 1 -10.79 -21.60 2.61
CA GLY A 1 -10.80 -20.33 3.31
C GLY A 1 -11.66 -19.30 2.62
N PRO A 2 -12.99 -19.45 2.73
CA PRO A 2 -13.95 -18.53 2.11
C PRO A 2 -13.95 -17.16 2.78
N GLY A 3 -13.09 -16.26 2.30
CA GLY A 3 -13.01 -14.93 2.85
C GLY A 3 -12.62 -13.89 1.82
N SER A 4 -11.43 -13.33 1.97
CA SER A 4 -10.94 -12.31 1.05
C SER A 4 -9.42 -12.16 1.15
N MET A 5 -8.73 -12.39 0.05
CA MET A 5 -7.28 -12.28 0.01
C MET A 5 -6.83 -11.22 -0.99
N LYS A 6 -5.92 -10.36 -0.57
CA LYS A 6 -5.42 -9.30 -1.45
C LYS A 6 -3.94 -9.02 -1.16
N GLU A 7 -3.35 -8.11 -1.93
CA GLU A 7 -1.95 -7.76 -1.76
C GLU A 7 -1.78 -6.24 -1.62
N ILE A 8 -0.79 -5.84 -0.85
CA ILE A 8 -0.51 -4.42 -0.63
C ILE A 8 0.72 -3.97 -1.41
N ILE A 9 0.64 -2.79 -2.02
CA ILE A 9 1.74 -2.26 -2.79
C ILE A 9 1.99 -0.80 -2.44
N LEU A 10 3.22 -0.50 -2.00
CA LEU A 10 3.59 0.86 -1.63
C LEU A 10 4.47 1.49 -2.70
N TYR A 11 4.08 2.69 -3.15
CA TYR A 11 4.84 3.40 -4.16
C TYR A 11 5.59 4.58 -3.57
N THR A 12 6.91 4.45 -3.46
CA THR A 12 7.74 5.51 -2.90
C THR A 12 9.21 5.14 -2.97
N ARG A 13 10.07 6.02 -2.47
CA ARG A 13 11.51 5.79 -2.47
C ARG A 13 11.94 5.01 -1.23
N PRO A 14 13.09 4.32 -1.33
CA PRO A 14 13.63 3.53 -0.23
C PRO A 14 14.14 4.39 0.91
N ASN A 15 14.45 3.75 2.04
CA ASN A 15 14.95 4.47 3.21
C ASN A 15 13.87 5.37 3.80
N CYS A 16 12.64 5.21 3.31
CA CYS A 16 11.52 6.01 3.79
C CYS A 16 11.29 5.80 5.29
N PRO A 17 11.56 6.84 6.08
CA PRO A 17 11.40 6.79 7.53
C PRO A 17 9.92 6.74 7.94
N TYR A 18 9.10 7.53 7.27
CA TYR A 18 7.67 7.58 7.57
C TYR A 18 6.99 6.29 7.16
N CYS A 19 7.34 5.78 5.98
CA CYS A 19 6.77 4.54 5.46
C CYS A 19 7.01 3.40 6.43
N LYS A 20 8.03 3.53 7.27
CA LYS A 20 8.36 2.50 8.25
C LYS A 20 7.13 2.06 9.02
N ARG A 21 6.20 3.00 9.24
CA ARG A 21 4.98 2.70 9.97
C ARG A 21 4.11 1.71 9.19
N ALA A 22 3.86 2.02 7.92
CA ALA A 22 3.05 1.16 7.06
C ALA A 22 3.64 -0.24 6.98
N ARG A 23 4.91 -0.33 6.60
CA ARG A 23 5.59 -1.61 6.48
C ARG A 23 5.61 -2.35 7.82
N ASP A 24 5.72 -1.59 8.91
CA ASP A 24 5.75 -2.17 10.24
C ASP A 24 4.43 -2.88 10.55
N LEU A 25 3.32 -2.20 10.30
CA LEU A 25 2.01 -2.77 10.55
C LEU A 25 1.78 -4.02 9.70
N LEU A 26 2.12 -3.93 8.42
CA LEU A 26 1.96 -5.05 7.50
C LEU A 26 2.72 -6.27 8.00
N ASP A 27 4.02 -6.12 8.18
CA ASP A 27 4.87 -7.22 8.64
C ASP A 27 4.40 -7.70 10.02
N LYS A 28 3.87 -6.79 10.81
CA LYS A 28 3.39 -7.12 12.15
C LYS A 28 2.16 -8.02 12.07
N LYS A 29 1.31 -7.77 11.08
CA LYS A 29 0.09 -8.56 10.90
C LYS A 29 0.42 -9.91 10.28
N GLY A 30 1.45 -9.95 9.45
CA GLY A 30 1.84 -11.20 8.81
C GLY A 30 1.42 -11.27 7.36
N VAL A 31 1.87 -10.29 6.57
CA VAL A 31 1.53 -10.25 5.15
C VAL A 31 2.75 -9.91 4.30
N LYS A 32 2.61 -10.03 2.99
CA LYS A 32 3.70 -9.74 2.07
C LYS A 32 3.43 -8.46 1.28
N TYR A 33 4.15 -7.40 1.64
CA TYR A 33 3.98 -6.11 0.97
C TYR A 33 5.04 -5.93 -0.12
N THR A 34 4.65 -5.25 -1.20
CA THR A 34 5.55 -5.00 -2.31
C THR A 34 6.03 -3.56 -2.31
N ASP A 35 7.35 -3.37 -2.21
CA ASP A 35 7.93 -2.03 -2.19
C ASP A 35 8.28 -1.59 -3.62
N ILE A 36 7.56 -0.60 -4.12
CA ILE A 36 7.79 -0.09 -5.46
C ILE A 36 8.68 1.15 -5.43
N ASP A 37 9.81 1.07 -6.12
CA ASP A 37 10.75 2.18 -6.17
C ASP A 37 10.08 3.45 -6.67
N ALA A 38 10.46 4.59 -6.10
CA ALA A 38 9.88 5.86 -6.49
C ALA A 38 10.16 6.17 -7.96
N SER A 39 11.13 5.47 -8.53
CA SER A 39 11.49 5.66 -9.93
C SER A 39 10.26 5.58 -10.82
N THR A 40 9.84 6.73 -11.35
CA THR A 40 8.68 6.78 -12.22
C THR A 40 8.81 5.83 -13.40
N SER A 41 10.05 5.51 -13.75
CA SER A 41 10.33 4.60 -14.86
C SER A 41 9.53 3.31 -14.70
N LEU A 42 9.31 2.91 -13.46
CA LEU A 42 8.56 1.69 -13.17
C LEU A 42 7.32 1.99 -12.33
N ARG A 43 7.41 3.03 -11.50
CA ARG A 43 6.30 3.42 -10.64
C ARG A 43 5.15 4.01 -11.46
N GLN A 44 5.51 4.90 -12.39
CA GLN A 44 4.51 5.53 -13.25
C GLN A 44 3.73 4.49 -14.05
N GLU A 45 4.45 3.55 -14.64
CA GLU A 45 3.82 2.49 -15.43
C GLU A 45 3.01 1.56 -14.54
N MET A 46 3.55 1.22 -13.37
CA MET A 46 2.87 0.35 -12.44
C MET A 46 1.56 0.97 -11.95
N VAL A 47 1.65 2.21 -11.47
CA VAL A 47 0.48 2.91 -10.96
C VAL A 47 -0.52 3.18 -12.08
N GLN A 48 0.00 3.43 -13.28
CA GLN A 48 -0.86 3.71 -14.44
C GLN A 48 -1.73 2.50 -14.75
N ARG A 49 -1.10 1.33 -14.87
CA ARG A 49 -1.83 0.11 -15.17
C ARG A 49 -2.53 -0.44 -13.93
N ALA A 50 -2.15 0.07 -12.77
CA ALA A 50 -2.73 -0.35 -11.51
C ALA A 50 -4.12 0.24 -11.32
N ASN A 51 -4.27 1.51 -11.67
CA ASN A 51 -5.56 2.20 -11.54
C ASN A 51 -6.05 2.69 -12.89
N GLY A 52 -5.17 3.32 -13.65
CA GLY A 52 -5.53 3.83 -14.96
C GLY A 52 -4.80 5.11 -15.31
N ARG A 53 -4.92 6.12 -14.45
CA ARG A 53 -4.27 7.39 -14.67
C ARG A 53 -3.74 7.97 -13.36
N ASN A 54 -2.42 7.95 -13.19
CA ASN A 54 -1.78 8.46 -11.99
C ASN A 54 -0.27 8.45 -12.12
N THR A 55 0.39 9.39 -11.45
CA THR A 55 1.84 9.49 -11.50
C THR A 55 2.39 10.15 -10.24
N PHE A 56 2.04 9.59 -9.09
CA PHE A 56 2.49 10.13 -7.81
C PHE A 56 2.58 9.02 -6.76
N PRO A 57 3.44 9.24 -5.75
CA PRO A 57 3.65 8.28 -4.67
C PRO A 57 2.43 8.17 -3.75
N GLN A 58 2.17 6.98 -3.24
CA GLN A 58 1.04 6.74 -2.36
C GLN A 58 0.99 5.28 -1.90
N ILE A 59 0.04 4.97 -1.04
CA ILE A 59 -0.12 3.62 -0.52
C ILE A 59 -1.22 2.87 -1.27
N PHE A 60 -0.82 1.87 -2.05
CA PHE A 60 -1.78 1.07 -2.82
C PHE A 60 -2.15 -0.20 -2.07
N ILE A 61 -3.43 -0.54 -2.09
CA ILE A 61 -3.90 -1.74 -1.41
C ILE A 61 -5.07 -2.36 -2.17
N GLY A 62 -4.88 -3.60 -2.61
CA GLY A 62 -5.92 -4.29 -3.35
C GLY A 62 -6.53 -3.44 -4.44
N ASP A 63 -5.69 -2.74 -5.19
CA ASP A 63 -6.17 -1.87 -6.27
C ASP A 63 -6.83 -0.63 -5.71
N TYR A 64 -6.39 -0.19 -4.53
CA TYR A 64 -6.94 0.99 -3.89
C TYR A 64 -5.83 1.90 -3.38
N HIS A 65 -5.70 3.07 -4.02
CA HIS A 65 -4.67 4.04 -3.64
C HIS A 65 -5.18 4.93 -2.50
N VAL A 66 -4.36 5.07 -1.46
CA VAL A 66 -4.71 5.88 -0.31
C VAL A 66 -4.07 7.27 -0.41
N GLY A 67 -2.76 7.31 -0.17
CA GLY A 67 -2.05 8.58 -0.23
C GLY A 67 -0.99 8.70 0.85
N GLY A 68 -1.40 9.12 2.04
CA GLY A 68 -0.46 9.26 3.14
C GLY A 68 -0.26 7.98 3.91
N CYS A 69 0.90 7.83 4.54
CA CYS A 69 1.22 6.64 5.30
C CYS A 69 0.38 6.58 6.58
N ASP A 70 0.14 7.74 7.17
CA ASP A 70 -0.64 7.83 8.40
C ASP A 70 -2.13 7.57 8.12
N ASP A 71 -2.55 7.85 6.89
CA ASP A 71 -3.94 7.66 6.51
C ASP A 71 -4.40 6.24 6.82
N LEU A 72 -3.65 5.25 6.33
CA LEU A 72 -3.98 3.85 6.55
C LEU A 72 -4.15 3.57 8.04
N TYR A 73 -3.32 4.21 8.86
CA TYR A 73 -3.38 4.02 10.31
C TYR A 73 -4.64 4.64 10.88
N ALA A 74 -4.87 5.91 10.56
CA ALA A 74 -6.06 6.61 11.04
C ALA A 74 -7.33 5.86 10.69
N LEU A 75 -7.44 5.44 9.44
CA LEU A 75 -8.62 4.71 8.97
C LEU A 75 -8.76 3.40 9.73
N GLU A 76 -7.68 2.64 9.82
CA GLU A 76 -7.69 1.36 10.53
C GLU A 76 -8.17 1.54 11.97
N ASN A 77 -7.82 2.66 12.58
CA ASN A 77 -8.22 2.94 13.95
C ASN A 77 -9.60 3.58 13.99
N LYS A 78 -10.03 4.12 12.86
CA LYS A 78 -11.34 4.76 12.76
C LYS A 78 -12.43 3.72 12.56
N GLY A 79 -12.05 2.55 12.04
CA GLY A 79 -13.01 1.49 11.81
C GLY A 79 -12.83 0.83 10.45
N LYS A 80 -11.88 1.35 9.68
CA LYS A 80 -11.61 0.81 8.35
C LYS A 80 -10.56 -0.30 8.42
N LEU A 81 -10.29 -0.77 9.62
CA LEU A 81 -9.31 -1.84 9.82
C LEU A 81 -9.69 -3.08 9.01
N ASP A 82 -10.98 -3.40 9.00
CA ASP A 82 -11.47 -4.56 8.26
C ASP A 82 -11.01 -4.52 6.81
N SER A 83 -11.17 -3.37 6.18
CA SER A 83 -10.78 -3.19 4.79
C SER A 83 -9.26 -3.26 4.64
N LEU A 84 -8.55 -2.50 5.47
CA LEU A 84 -7.10 -2.47 5.42
C LEU A 84 -6.53 -3.88 5.56
N LEU A 85 -6.96 -4.58 6.61
CA LEU A 85 -6.50 -5.95 6.87
C LEU A 85 -6.86 -6.87 5.70
N GLN A 86 -8.10 -6.76 5.24
CA GLN A 86 -8.57 -7.58 4.13
C GLN A 86 -7.72 -7.37 2.89
N ASP A 87 -7.19 -6.16 2.74
CA ASP A 87 -6.35 -5.83 1.59
C ASP A 87 -4.96 -6.42 1.75
N VAL A 88 -4.27 -6.01 2.81
CA VAL A 88 -2.91 -6.50 3.08
C VAL A 88 -2.88 -8.02 3.09
N HIS A 89 -3.96 -8.63 3.57
CA HIS A 89 -4.05 -10.08 3.64
C HIS A 89 -3.72 -10.72 2.30
N GLY A 1 -6.42 -25.99 0.91
CA GLY A 1 -6.01 -25.09 -0.15
C GLY A 1 -6.14 -23.64 0.25
N PRO A 2 -5.29 -23.19 1.19
CA PRO A 2 -5.30 -21.82 1.69
C PRO A 2 -4.79 -20.83 0.64
N GLY A 3 -4.70 -19.56 1.02
CA GLY A 3 -4.24 -18.54 0.11
C GLY A 3 -4.79 -17.17 0.43
N SER A 4 -3.94 -16.15 0.36
CA SER A 4 -4.35 -14.78 0.65
C SER A 4 -5.42 -14.31 -0.33
N MET A 5 -6.08 -13.20 0.01
CA MET A 5 -7.13 -12.66 -0.84
C MET A 5 -6.57 -11.56 -1.75
N LYS A 6 -6.31 -10.39 -1.17
CA LYS A 6 -5.78 -9.26 -1.92
C LYS A 6 -4.29 -9.07 -1.64
N GLU A 7 -3.69 -8.10 -2.31
CA GLU A 7 -2.26 -7.81 -2.13
C GLU A 7 -2.04 -6.33 -1.88
N ILE A 8 -1.02 -6.01 -1.08
CA ILE A 8 -0.70 -4.62 -0.76
C ILE A 8 0.59 -4.19 -1.46
N ILE A 9 0.58 -2.98 -2.00
CA ILE A 9 1.76 -2.45 -2.68
C ILE A 9 2.03 -1.01 -2.25
N LEU A 10 3.28 -0.74 -1.87
CA LEU A 10 3.68 0.59 -1.43
C LEU A 10 4.52 1.27 -2.49
N TYR A 11 4.07 2.43 -2.96
CA TYR A 11 4.78 3.20 -3.97
C TYR A 11 5.47 4.40 -3.37
N THR A 12 6.80 4.38 -3.35
CA THR A 12 7.58 5.47 -2.80
C THR A 12 9.08 5.22 -2.96
N ARG A 13 9.89 6.16 -2.51
CA ARG A 13 11.34 6.04 -2.60
C ARG A 13 11.90 5.31 -1.39
N PRO A 14 13.10 4.73 -1.54
CA PRO A 14 13.77 4.00 -0.46
C PRO A 14 14.24 4.91 0.67
N ASN A 15 14.13 6.22 0.44
CA ASN A 15 14.55 7.20 1.43
C ASN A 15 13.35 7.69 2.24
N CYS A 16 12.38 6.82 2.45
CA CYS A 16 11.18 7.16 3.21
C CYS A 16 11.18 6.48 4.58
N PRO A 17 11.73 7.17 5.59
CA PRO A 17 11.81 6.66 6.96
C PRO A 17 10.44 6.57 7.61
N TYR A 18 9.53 7.45 7.22
CA TYR A 18 8.19 7.48 7.77
C TYR A 18 7.39 6.25 7.33
N CYS A 19 7.90 5.56 6.32
CA CYS A 19 7.24 4.36 5.80
C CYS A 19 7.28 3.23 6.83
N LYS A 20 8.21 3.33 7.77
CA LYS A 20 8.34 2.32 8.82
C LYS A 20 6.98 1.99 9.44
N ARG A 21 6.12 2.99 9.51
CA ARG A 21 4.78 2.81 10.09
C ARG A 21 3.98 1.81 9.27
N ALA A 22 3.87 2.07 7.97
CA ALA A 22 3.12 1.19 7.08
C ALA A 22 3.73 -0.21 7.05
N ARG A 23 5.01 -0.29 6.70
CA ARG A 23 5.70 -1.57 6.64
C ARG A 23 5.55 -2.34 7.95
N ASP A 24 5.46 -1.60 9.06
CA ASP A 24 5.31 -2.21 10.37
C ASP A 24 3.92 -2.82 10.54
N LEU A 25 2.91 -2.11 10.04
CA LEU A 25 1.54 -2.57 10.13
C LEU A 25 1.34 -3.88 9.38
N LEU A 26 1.90 -3.94 8.17
CA LEU A 26 1.80 -5.14 7.35
C LEU A 26 2.61 -6.30 7.95
N ASP A 27 3.87 -6.01 8.26
CA ASP A 27 4.75 -7.02 8.85
C ASP A 27 4.21 -7.50 10.18
N LYS A 28 3.45 -6.65 10.86
CA LYS A 28 2.87 -6.99 12.15
C LYS A 28 1.65 -7.90 11.97
N LYS A 29 0.84 -7.62 10.97
CA LYS A 29 -0.35 -8.42 10.69
C LYS A 29 0.03 -9.78 10.14
N GLY A 30 1.14 -9.83 9.40
CA GLY A 30 1.60 -11.09 8.82
C GLY A 30 1.17 -11.24 7.38
N VAL A 31 1.52 -10.26 6.55
CA VAL A 31 1.16 -10.30 5.13
C VAL A 31 2.39 -10.05 4.26
N LYS A 32 2.20 -10.15 2.95
CA LYS A 32 3.29 -9.94 2.00
C LYS A 32 3.08 -8.64 1.21
N TYR A 33 3.86 -7.62 1.54
CA TYR A 33 3.77 -6.33 0.86
C TYR A 33 4.84 -6.19 -0.20
N THR A 34 4.50 -5.52 -1.30
CA THR A 34 5.44 -5.32 -2.39
C THR A 34 5.98 -3.89 -2.39
N ASP A 35 7.30 -3.76 -2.32
CA ASP A 35 7.94 -2.44 -2.31
C ASP A 35 8.18 -1.95 -3.73
N ILE A 36 7.71 -0.75 -4.03
CA ILE A 36 7.88 -0.16 -5.36
C ILE A 36 8.72 1.11 -5.29
N ASP A 37 9.85 1.10 -5.99
CA ASP A 37 10.74 2.26 -6.02
C ASP A 37 10.03 3.48 -6.60
N ALA A 38 10.33 4.65 -6.05
CA ALA A 38 9.73 5.89 -6.50
C ALA A 38 10.04 6.15 -7.97
N SER A 39 11.06 5.46 -8.49
CA SER A 39 11.46 5.62 -9.88
C SER A 39 10.26 5.49 -10.81
N THR A 40 9.90 6.60 -11.45
CA THR A 40 8.76 6.62 -12.36
C THR A 40 8.97 5.65 -13.52
N SER A 41 10.23 5.36 -13.82
CA SER A 41 10.57 4.45 -14.91
C SER A 41 9.76 3.16 -14.81
N LEU A 42 9.44 2.76 -13.58
CA LEU A 42 8.67 1.54 -13.35
C LEU A 42 7.42 1.85 -12.53
N ARG A 43 7.54 2.77 -11.60
CA ARG A 43 6.42 3.15 -10.74
C ARG A 43 5.27 3.72 -11.57
N GLN A 44 5.62 4.56 -12.54
CA GLN A 44 4.62 5.19 -13.41
C GLN A 44 3.79 4.12 -14.13
N GLU A 45 4.45 3.04 -14.53
CA GLU A 45 3.77 1.95 -15.23
C GLU A 45 2.86 1.18 -14.28
N MET A 46 3.40 0.76 -13.15
CA MET A 46 2.64 0.02 -12.16
C MET A 46 1.44 0.83 -11.69
N VAL A 47 1.69 2.07 -11.27
CA VAL A 47 0.64 2.94 -10.79
C VAL A 47 -0.38 3.24 -11.88
N GLN A 48 0.10 3.34 -13.12
CA GLN A 48 -0.77 3.62 -14.25
C GLN A 48 -1.80 2.51 -14.43
N ARG A 49 -1.33 1.27 -14.45
CA ARG A 49 -2.21 0.12 -14.62
C ARG A 49 -2.86 -0.26 -13.29
N ALA A 50 -2.38 0.33 -12.20
CA ALA A 50 -2.92 0.06 -10.88
C ALA A 50 -4.22 0.82 -10.65
N ASN A 51 -4.25 2.08 -11.07
CA ASN A 51 -5.43 2.91 -10.90
C ASN A 51 -6.03 3.27 -12.27
N GLY A 52 -5.17 3.53 -13.24
CA GLY A 52 -5.64 3.88 -14.57
C GLY A 52 -4.72 4.85 -15.27
N ARG A 53 -4.22 5.83 -14.53
CA ARG A 53 -3.32 6.83 -15.08
C ARG A 53 -2.24 7.22 -14.08
N ASN A 54 -1.06 7.54 -14.59
CA ASN A 54 0.07 7.92 -13.74
C ASN A 54 -0.34 9.02 -12.75
N THR A 55 0.40 9.13 -11.66
CA THR A 55 0.11 10.14 -10.65
C THR A 55 1.16 10.12 -9.54
N PHE A 56 0.97 10.99 -8.54
CA PHE A 56 1.90 11.06 -7.42
C PHE A 56 1.98 9.73 -6.68
N PRO A 57 3.11 9.50 -5.99
CA PRO A 57 3.34 8.27 -5.23
C PRO A 57 2.45 8.18 -4.00
N GLN A 58 2.19 6.96 -3.55
CA GLN A 58 1.35 6.74 -2.37
C GLN A 58 1.32 5.26 -2.00
N ILE A 59 0.55 4.94 -0.96
CA ILE A 59 0.43 3.56 -0.50
C ILE A 59 -0.79 2.88 -1.11
N PHE A 60 -0.54 1.86 -1.93
CA PHE A 60 -1.62 1.12 -2.58
C PHE A 60 -2.00 -0.11 -1.76
N ILE A 61 -3.30 -0.37 -1.66
CA ILE A 61 -3.80 -1.52 -0.92
C ILE A 61 -4.98 -2.17 -1.63
N GLY A 62 -4.84 -3.45 -1.96
CA GLY A 62 -5.90 -4.16 -2.64
C GLY A 62 -6.44 -3.41 -3.83
N ASP A 63 -5.55 -2.84 -4.63
CA ASP A 63 -5.94 -2.09 -5.81
C ASP A 63 -6.67 -0.81 -5.42
N TYR A 64 -6.29 -0.26 -4.27
CA TYR A 64 -6.91 0.98 -3.78
C TYR A 64 -5.86 1.89 -3.12
N HIS A 65 -5.50 2.95 -3.83
CA HIS A 65 -4.50 3.89 -3.33
C HIS A 65 -5.01 4.59 -2.07
N VAL A 66 -4.11 4.84 -1.13
CA VAL A 66 -4.47 5.50 0.13
C VAL A 66 -3.95 6.93 0.16
N GLY A 67 -2.63 7.07 0.20
CA GLY A 67 -2.03 8.40 0.23
C GLY A 67 -0.75 8.42 1.05
N GLY A 68 -0.90 8.55 2.37
CA GLY A 68 0.26 8.60 3.24
C GLY A 68 0.32 7.42 4.19
N CYS A 69 1.30 7.42 5.07
CA CYS A 69 1.48 6.34 6.04
C CYS A 69 0.44 6.43 7.14
N ASP A 70 0.40 7.57 7.83
CA ASP A 70 -0.55 7.78 8.91
C ASP A 70 -1.98 7.52 8.44
N ASP A 71 -2.22 7.70 7.15
CA ASP A 71 -3.54 7.48 6.57
C ASP A 71 -4.06 6.09 6.94
N LEU A 72 -3.28 5.07 6.63
CA LEU A 72 -3.67 3.69 6.93
C LEU A 72 -3.94 3.51 8.42
N TYR A 73 -3.16 4.20 9.24
CA TYR A 73 -3.31 4.12 10.69
C TYR A 73 -4.63 4.75 11.14
N ALA A 74 -4.87 5.98 10.73
CA ALA A 74 -6.09 6.69 11.08
C ALA A 74 -7.32 5.88 10.68
N LEU A 75 -7.33 5.40 9.45
CA LEU A 75 -8.45 4.61 8.94
C LEU A 75 -8.59 3.31 9.73
N GLU A 76 -7.48 2.62 9.96
CA GLU A 76 -7.48 1.37 10.70
C GLU A 76 -8.10 1.55 12.08
N ASN A 77 -7.85 2.71 12.68
CA ASN A 77 -8.39 3.01 14.00
C ASN A 77 -9.79 3.60 13.91
N LYS A 78 -10.11 4.16 12.75
CA LYS A 78 -11.42 4.76 12.52
C LYS A 78 -12.47 3.70 12.29
N GLY A 79 -12.04 2.52 11.87
CA GLY A 79 -12.96 1.42 11.60
C GLY A 79 -12.75 0.79 10.24
N LYS A 80 -11.82 1.35 9.47
CA LYS A 80 -11.54 0.85 8.14
C LYS A 80 -10.51 -0.28 8.19
N LEU A 81 -10.16 -0.70 9.41
CA LEU A 81 -9.19 -1.76 9.59
C LEU A 81 -9.59 -3.02 8.82
N ASP A 82 -10.88 -3.31 8.82
CA ASP A 82 -11.39 -4.48 8.11
C ASP A 82 -10.97 -4.46 6.64
N SER A 83 -11.18 -3.32 5.99
CA SER A 83 -10.83 -3.18 4.58
C SER A 83 -9.32 -3.26 4.40
N LEU A 84 -8.59 -2.50 5.20
CA LEU A 84 -7.13 -2.48 5.13
C LEU A 84 -6.57 -3.89 5.26
N LEU A 85 -7.01 -4.60 6.29
CA LEU A 85 -6.55 -5.97 6.54
C LEU A 85 -6.99 -6.90 5.42
N GLN A 86 -8.18 -6.65 4.88
CA GLN A 86 -8.72 -7.47 3.80
C GLN A 86 -7.93 -7.25 2.52
N ASP A 87 -7.35 -6.07 2.38
CA ASP A 87 -6.57 -5.74 1.18
C ASP A 87 -5.16 -6.31 1.29
N VAL A 88 -4.55 -6.16 2.45
CA VAL A 88 -3.19 -6.66 2.67
C VAL A 88 -3.19 -8.19 2.80
N HIS A 89 -4.31 -8.73 3.27
CA HIS A 89 -4.43 -10.18 3.44
C HIS A 89 -4.13 -10.91 2.14
N GLY A 1 -18.15 -17.50 0.67
CA GLY A 1 -16.71 -17.44 0.60
C GLY A 1 -16.17 -16.04 0.82
N PRO A 2 -16.21 -15.56 2.07
CA PRO A 2 -15.74 -14.22 2.42
C PRO A 2 -14.23 -14.10 2.33
N GLY A 3 -13.74 -13.75 1.14
CA GLY A 3 -12.31 -13.61 0.93
C GLY A 3 -11.91 -13.78 -0.51
N SER A 4 -10.86 -13.07 -0.93
CA SER A 4 -10.39 -13.15 -2.30
C SER A 4 -8.89 -12.88 -2.37
N MET A 5 -8.29 -13.18 -3.52
CA MET A 5 -6.86 -12.97 -3.72
C MET A 5 -6.53 -11.47 -3.73
N LYS A 6 -6.24 -10.92 -2.56
CA LYS A 6 -5.90 -9.51 -2.44
C LYS A 6 -4.41 -9.33 -2.13
N GLU A 7 -3.84 -8.23 -2.59
CA GLU A 7 -2.44 -7.94 -2.36
C GLU A 7 -2.22 -6.46 -2.11
N ILE A 8 -1.25 -6.13 -1.26
CA ILE A 8 -0.94 -4.75 -0.93
C ILE A 8 0.36 -4.30 -1.59
N ILE A 9 0.35 -3.09 -2.13
CA ILE A 9 1.53 -2.55 -2.80
C ILE A 9 1.81 -1.12 -2.34
N LEU A 10 2.97 -0.91 -1.74
CA LEU A 10 3.36 0.41 -1.25
C LEU A 10 4.30 1.10 -2.24
N TYR A 11 3.92 2.29 -2.68
CA TYR A 11 4.74 3.05 -3.63
C TYR A 11 5.54 4.12 -2.91
N THR A 12 6.85 3.88 -2.79
CA THR A 12 7.74 4.83 -2.12
C THR A 12 9.17 4.28 -2.05
N ARG A 13 10.06 5.05 -1.46
CA ARG A 13 11.45 4.66 -1.33
C ARG A 13 11.82 4.42 0.13
N PRO A 14 12.89 3.63 0.35
CA PRO A 14 13.37 3.32 1.70
C PRO A 14 13.99 4.52 2.40
N ASN A 15 14.06 5.64 1.68
CA ASN A 15 14.62 6.87 2.23
C ASN A 15 13.70 7.48 3.28
N CYS A 16 12.45 7.71 2.88
CA CYS A 16 11.46 8.30 3.78
C CYS A 16 11.28 7.42 5.02
N PRO A 17 11.54 8.00 6.20
CA PRO A 17 11.41 7.30 7.48
C PRO A 17 9.95 7.02 7.84
N TYR A 18 9.08 7.98 7.54
CA TYR A 18 7.66 7.83 7.84
C TYR A 18 7.12 6.52 7.26
N CYS A 19 7.60 6.15 6.09
CA CYS A 19 7.16 4.93 5.43
C CYS A 19 7.33 3.73 6.35
N LYS A 20 8.27 3.84 7.30
CA LYS A 20 8.53 2.77 8.24
C LYS A 20 7.25 2.32 8.93
N ARG A 21 6.34 3.27 9.13
CA ARG A 21 5.07 2.98 9.79
C ARG A 21 4.24 2.00 8.96
N ALA A 22 4.05 2.33 7.68
CA ALA A 22 3.28 1.50 6.78
C ALA A 22 3.88 0.10 6.69
N ARG A 23 5.14 0.03 6.28
CA ARG A 23 5.84 -1.24 6.14
C ARG A 23 5.77 -2.04 7.44
N ASP A 24 5.83 -1.34 8.57
CA ASP A 24 5.77 -1.99 9.87
C ASP A 24 4.39 -2.58 10.12
N LEU A 25 3.36 -1.88 9.67
CA LEU A 25 1.98 -2.33 9.84
C LEU A 25 1.76 -3.67 9.14
N LEU A 26 2.08 -3.72 7.86
CA LEU A 26 1.90 -4.94 7.07
C LEU A 26 2.78 -6.06 7.63
N ASP A 27 4.04 -5.76 7.88
CA ASP A 27 4.98 -6.75 8.41
C ASP A 27 4.53 -7.20 9.80
N LYS A 28 3.81 -6.34 10.51
CA LYS A 28 3.33 -6.66 11.85
C LYS A 28 2.18 -7.65 11.79
N LYS A 29 1.27 -7.45 10.83
CA LYS A 29 0.12 -8.33 10.66
C LYS A 29 0.54 -9.68 10.11
N GLY A 30 1.60 -9.69 9.30
CA GLY A 30 2.09 -10.92 8.72
C GLY A 30 1.64 -11.11 7.28
N VAL A 31 1.94 -10.12 6.45
CA VAL A 31 1.58 -10.18 5.04
C VAL A 31 2.77 -9.87 4.14
N LYS A 32 2.60 -10.08 2.84
CA LYS A 32 3.66 -9.83 1.88
C LYS A 32 3.36 -8.58 1.06
N TYR A 33 3.88 -7.44 1.53
CA TYR A 33 3.67 -6.17 0.84
C TYR A 33 4.71 -5.97 -0.26
N THR A 34 4.28 -5.36 -1.36
CA THR A 34 5.17 -5.11 -2.48
C THR A 34 5.70 -3.68 -2.46
N ASP A 35 7.00 -3.54 -2.20
CA ASP A 35 7.63 -2.22 -2.15
C ASP A 35 8.04 -1.76 -3.54
N ILE A 36 7.37 -0.73 -4.03
CA ILE A 36 7.65 -0.18 -5.35
C ILE A 36 8.62 0.99 -5.27
N ASP A 37 9.74 0.88 -5.98
CA ASP A 37 10.76 1.93 -5.99
C ASP A 37 10.20 3.21 -6.57
N ALA A 38 10.62 4.34 -6.02
CA ALA A 38 10.16 5.65 -6.48
C ALA A 38 10.36 5.80 -7.99
N SER A 39 11.30 5.02 -8.54
CA SER A 39 11.60 5.06 -9.96
C SER A 39 10.30 4.98 -10.79
N THR A 40 9.89 6.11 -11.34
CA THR A 40 8.68 6.17 -12.15
C THR A 40 8.76 5.21 -13.32
N SER A 41 9.98 4.87 -13.73
CA SER A 41 10.20 3.96 -14.84
C SER A 41 9.36 2.70 -14.68
N LEU A 42 9.13 2.30 -13.44
CA LEU A 42 8.34 1.10 -13.14
C LEU A 42 7.17 1.44 -12.24
N ARG A 43 7.37 2.41 -11.34
CA ARG A 43 6.32 2.82 -10.42
C ARG A 43 5.15 3.45 -11.16
N GLN A 44 5.47 4.29 -12.15
CA GLN A 44 4.46 4.97 -12.94
C GLN A 44 3.63 3.97 -13.73
N GLU A 45 4.30 3.00 -14.32
CA GLU A 45 3.62 1.97 -15.11
C GLU A 45 2.74 1.10 -14.23
N MET A 46 3.26 0.73 -13.06
CA MET A 46 2.53 -0.11 -12.13
C MET A 46 1.34 0.64 -11.54
N VAL A 47 1.60 1.84 -11.01
CA VAL A 47 0.55 2.67 -10.43
C VAL A 47 -0.51 3.03 -11.46
N GLN A 48 -0.09 3.14 -12.72
CA GLN A 48 -0.99 3.49 -13.81
C GLN A 48 -1.89 2.30 -14.16
N ARG A 49 -1.28 1.13 -14.29
CA ARG A 49 -2.02 -0.09 -14.63
C ARG A 49 -2.75 -0.64 -13.41
N ALA A 50 -2.42 -0.10 -12.24
CA ALA A 50 -3.05 -0.54 -11.00
C ALA A 50 -4.23 0.35 -10.63
N ASN A 51 -4.07 1.66 -10.82
CA ASN A 51 -5.12 2.62 -10.51
C ASN A 51 -5.78 3.13 -11.79
N GLY A 52 -4.96 3.51 -12.77
CA GLY A 52 -5.48 4.01 -14.03
C GLY A 52 -4.74 5.24 -14.52
N ARG A 53 -4.31 6.08 -13.58
CA ARG A 53 -3.58 7.30 -13.93
C ARG A 53 -3.15 8.04 -12.67
N ASN A 54 -1.96 7.71 -12.16
CA ASN A 54 -1.44 8.35 -10.97
C ASN A 54 -0.11 9.05 -11.26
N THR A 55 0.23 10.03 -10.43
CA THR A 55 1.48 10.78 -10.60
C THR A 55 2.05 11.22 -9.26
N PHE A 56 1.74 10.45 -8.22
CA PHE A 56 2.22 10.77 -6.88
C PHE A 56 2.36 9.49 -6.04
N PRO A 57 3.35 9.49 -5.13
CA PRO A 57 3.62 8.34 -4.26
C PRO A 57 2.52 8.15 -3.21
N GLN A 58 2.23 6.90 -2.88
CA GLN A 58 1.22 6.58 -1.89
C GLN A 58 1.15 5.08 -1.64
N ILE A 59 0.28 4.68 -0.71
CA ILE A 59 0.12 3.27 -0.38
C ILE A 59 -1.08 2.67 -1.12
N PHE A 60 -0.80 1.69 -1.99
CA PHE A 60 -1.84 1.03 -2.75
C PHE A 60 -2.30 -0.26 -2.06
N ILE A 61 -3.59 -0.55 -2.16
CA ILE A 61 -4.15 -1.74 -1.55
C ILE A 61 -5.23 -2.36 -2.43
N GLY A 62 -4.93 -3.53 -2.99
CA GLY A 62 -5.89 -4.21 -3.84
C GLY A 62 -6.20 -3.41 -5.10
N ASP A 63 -7.25 -2.60 -5.03
CA ASP A 63 -7.67 -1.78 -6.17
C ASP A 63 -7.96 -0.35 -5.73
N TYR A 64 -7.36 0.06 -4.62
CA TYR A 64 -7.56 1.41 -4.09
C TYR A 64 -6.24 2.02 -3.63
N HIS A 65 -6.13 3.34 -3.77
CA HIS A 65 -4.91 4.04 -3.38
C HIS A 65 -5.16 4.89 -2.13
N VAL A 66 -4.56 4.47 -1.02
CA VAL A 66 -4.71 5.19 0.24
C VAL A 66 -4.41 6.68 0.08
N GLY A 67 -3.14 7.00 -0.06
CA GLY A 67 -2.74 8.39 -0.24
C GLY A 67 -1.46 8.72 0.51
N GLY A 68 -1.40 8.34 1.77
CA GLY A 68 -0.21 8.62 2.57
C GLY A 68 0.03 7.57 3.64
N CYS A 69 1.21 7.60 4.25
CA CYS A 69 1.55 6.64 5.29
C CYS A 69 0.65 6.82 6.51
N ASP A 70 0.34 8.06 6.83
CA ASP A 70 -0.51 8.36 7.97
C ASP A 70 -1.98 8.07 7.66
N ASP A 71 -2.32 8.14 6.37
CA ASP A 71 -3.69 7.89 5.93
C ASP A 71 -4.12 6.47 6.30
N LEU A 72 -3.34 5.48 5.87
CA LEU A 72 -3.65 4.09 6.16
C LEU A 72 -3.81 3.87 7.66
N TYR A 73 -2.97 4.53 8.44
CA TYR A 73 -3.01 4.41 9.90
C TYR A 73 -4.31 4.99 10.46
N ALA A 74 -4.59 6.25 10.09
CA ALA A 74 -5.80 6.91 10.55
C ALA A 74 -7.04 6.09 10.24
N LEU A 75 -7.14 5.62 9.00
CA LEU A 75 -8.28 4.82 8.57
C LEU A 75 -8.40 3.55 9.42
N GLU A 76 -7.29 2.84 9.56
CA GLU A 76 -7.27 1.61 10.35
C GLU A 76 -7.75 1.87 11.78
N ASN A 77 -7.47 3.07 12.28
CA ASN A 77 -7.87 3.44 13.64
C ASN A 77 -9.30 3.94 13.66
N LYS A 78 -9.77 4.44 12.52
CA LYS A 78 -11.13 4.95 12.41
C LYS A 78 -12.13 3.81 12.26
N GLY A 79 -11.65 2.66 11.80
CA GLY A 79 -12.51 1.50 11.63
C GLY A 79 -12.32 0.84 10.28
N LYS A 80 -11.43 1.40 9.46
CA LYS A 80 -11.16 0.86 8.14
C LYS A 80 -10.12 -0.25 8.21
N LEU A 81 -9.74 -0.64 9.42
CA LEU A 81 -8.76 -1.69 9.63
C LEU A 81 -9.19 -2.98 8.93
N ASP A 82 -10.46 -3.36 9.13
CA ASP A 82 -11.00 -4.56 8.51
C ASP A 82 -10.70 -4.59 7.02
N SER A 83 -10.85 -3.44 6.36
CA SER A 83 -10.61 -3.34 4.93
C SER A 83 -9.12 -3.45 4.62
N LEU A 84 -8.31 -2.71 5.36
CA LEU A 84 -6.86 -2.72 5.18
C LEU A 84 -6.30 -4.13 5.33
N LEU A 85 -6.64 -4.77 6.45
CA LEU A 85 -6.17 -6.13 6.72
C LEU A 85 -6.72 -7.10 5.69
N GLN A 86 -8.00 -6.96 5.36
CA GLN A 86 -8.64 -7.83 4.39
C GLN A 86 -7.93 -7.76 3.03
N ASP A 87 -7.42 -6.58 2.71
CA ASP A 87 -6.72 -6.37 1.45
C ASP A 87 -5.31 -6.97 1.51
N VAL A 88 -4.49 -6.46 2.41
CA VAL A 88 -3.12 -6.94 2.57
C VAL A 88 -3.09 -8.45 2.77
N HIS A 89 -4.13 -8.97 3.42
CA HIS A 89 -4.23 -10.40 3.67
C HIS A 89 -4.14 -11.20 2.37
N GLY A 1 1.05 -22.74 -3.94
CA GLY A 1 -0.35 -23.03 -3.66
C GLY A 1 -1.03 -21.94 -2.85
N PRO A 2 -1.30 -20.81 -3.51
CA PRO A 2 -1.95 -19.66 -2.87
C PRO A 2 -3.41 -19.93 -2.52
N GLY A 3 -4.11 -18.89 -2.08
CA GLY A 3 -5.51 -19.05 -1.73
C GLY A 3 -6.32 -17.80 -2.02
N SER A 4 -7.17 -17.41 -1.08
CA SER A 4 -8.01 -16.23 -1.24
C SER A 4 -7.55 -15.10 -0.33
N MET A 5 -6.52 -14.39 -0.77
CA MET A 5 -5.98 -13.27 0.01
C MET A 5 -5.55 -12.13 -0.90
N LYS A 6 -5.96 -10.92 -0.56
CA LYS A 6 -5.62 -9.74 -1.35
C LYS A 6 -4.13 -9.45 -1.27
N GLU A 7 -3.69 -8.41 -1.98
CA GLU A 7 -2.28 -8.02 -1.98
C GLU A 7 -2.13 -6.52 -1.74
N ILE A 8 -1.07 -6.14 -1.05
CA ILE A 8 -0.81 -4.74 -0.76
C ILE A 8 0.46 -4.26 -1.45
N ILE A 9 0.41 -3.06 -2.02
CA ILE A 9 1.56 -2.48 -2.71
C ILE A 9 1.80 -1.04 -2.27
N LEU A 10 3.01 -0.77 -1.79
CA LEU A 10 3.36 0.58 -1.35
C LEU A 10 4.19 1.30 -2.39
N TYR A 11 3.75 2.49 -2.77
CA TYR A 11 4.46 3.30 -3.76
C TYR A 11 5.18 4.47 -3.11
N THR A 12 6.51 4.42 -3.14
CA THR A 12 7.32 5.48 -2.56
C THR A 12 8.81 5.23 -2.81
N ARG A 13 9.65 6.14 -2.31
CA ARG A 13 11.09 6.02 -2.48
C ARG A 13 11.70 5.25 -1.31
N PRO A 14 12.90 4.68 -1.55
CA PRO A 14 13.62 3.92 -0.53
C PRO A 14 14.14 4.80 0.60
N ASN A 15 14.03 6.11 0.42
CA ASN A 15 14.50 7.06 1.42
C ASN A 15 13.33 7.61 2.25
N CYS A 16 12.32 6.77 2.46
CA CYS A 16 11.14 7.16 3.22
C CYS A 16 11.15 6.51 4.60
N PRO A 17 11.67 7.24 5.60
CA PRO A 17 11.74 6.75 6.98
C PRO A 17 10.37 6.66 7.64
N TYR A 18 9.46 7.54 7.21
CA TYR A 18 8.11 7.56 7.76
C TYR A 18 7.32 6.34 7.31
N CYS A 19 7.85 5.63 6.31
CA CYS A 19 7.19 4.44 5.79
C CYS A 19 7.32 3.27 6.76
N LYS A 20 8.33 3.33 7.62
CA LYS A 20 8.57 2.28 8.60
C LYS A 20 7.28 1.91 9.33
N ARG A 21 6.42 2.91 9.53
CA ARG A 21 5.15 2.70 10.22
C ARG A 21 4.26 1.75 9.41
N ALA A 22 4.02 2.11 8.15
CA ALA A 22 3.18 1.30 7.27
C ALA A 22 3.72 -0.12 7.15
N ARG A 23 4.97 -0.24 6.70
CA ARG A 23 5.61 -1.54 6.54
C ARG A 23 5.54 -2.34 7.83
N ASP A 24 5.66 -1.65 8.96
CA ASP A 24 5.61 -2.30 10.26
C ASP A 24 4.23 -2.93 10.50
N LEU A 25 3.19 -2.22 10.11
CA LEU A 25 1.83 -2.71 10.28
C LEU A 25 1.59 -3.97 9.47
N LEU A 26 1.95 -3.93 8.19
CA LEU A 26 1.78 -5.07 7.30
C LEU A 26 2.53 -6.29 7.84
N ASP A 27 3.84 -6.14 8.06
CA ASP A 27 4.66 -7.22 8.58
C ASP A 27 4.14 -7.69 9.94
N LYS A 28 3.58 -6.77 10.70
CA LYS A 28 3.05 -7.10 12.02
C LYS A 28 1.85 -8.04 11.91
N LYS A 29 0.98 -7.78 10.94
CA LYS A 29 -0.20 -8.60 10.74
C LYS A 29 0.18 -9.95 10.15
N GLY A 30 1.24 -9.97 9.34
CA GLY A 30 1.69 -11.20 8.73
C GLY A 30 1.25 -11.33 7.28
N VAL A 31 1.54 -10.31 6.49
CA VAL A 31 1.18 -10.30 5.08
C VAL A 31 2.39 -9.98 4.20
N LYS A 32 2.21 -10.09 2.90
CA LYS A 32 3.27 -9.81 1.94
C LYS A 32 3.03 -8.50 1.22
N TYR A 33 3.89 -7.52 1.48
CA TYR A 33 3.77 -6.20 0.86
C TYR A 33 4.81 -6.02 -0.24
N THR A 34 4.43 -5.33 -1.31
CA THR A 34 5.33 -5.08 -2.43
C THR A 34 5.83 -3.65 -2.42
N ASP A 35 7.14 -3.48 -2.28
CA ASP A 35 7.74 -2.15 -2.26
C ASP A 35 8.01 -1.66 -3.67
N ILE A 36 7.39 -0.55 -4.03
CA ILE A 36 7.56 0.04 -5.36
C ILE A 36 8.41 1.31 -5.30
N ASP A 37 9.53 1.28 -5.99
CA ASP A 37 10.44 2.43 -6.03
C ASP A 37 9.79 3.61 -6.75
N ALA A 38 10.06 4.81 -6.26
CA ALA A 38 9.50 6.03 -6.86
C ALA A 38 9.89 6.13 -8.34
N SER A 39 10.92 5.41 -8.73
CA SER A 39 11.40 5.42 -10.11
C SER A 39 10.23 5.26 -11.08
N THR A 40 9.85 6.36 -11.74
CA THR A 40 8.76 6.34 -12.69
C THR A 40 8.97 5.26 -13.74
N SER A 41 10.22 4.90 -13.98
CA SER A 41 10.56 3.88 -14.97
C SER A 41 9.71 2.63 -14.77
N LEU A 42 9.35 2.35 -13.52
CA LEU A 42 8.55 1.19 -13.19
C LEU A 42 7.27 1.60 -12.44
N ARG A 43 7.39 2.63 -11.62
CA ARG A 43 6.25 3.12 -10.84
C ARG A 43 5.13 3.57 -11.77
N GLN A 44 5.49 4.17 -12.89
CA GLN A 44 4.50 4.65 -13.86
C GLN A 44 3.70 3.49 -14.43
N GLU A 45 4.39 2.39 -14.73
CA GLU A 45 3.73 1.21 -15.28
C GLU A 45 2.79 0.58 -14.26
N MET A 46 3.27 0.44 -13.04
CA MET A 46 2.47 -0.15 -11.97
C MET A 46 1.29 0.74 -11.62
N VAL A 47 1.57 2.01 -11.36
CA VAL A 47 0.53 2.97 -11.01
C VAL A 47 -0.50 3.10 -12.12
N GLN A 48 -0.05 2.92 -13.36
CA GLN A 48 -0.94 3.01 -14.52
C GLN A 48 -1.88 1.81 -14.57
N ARG A 49 -1.31 0.61 -14.46
CA ARG A 49 -2.11 -0.61 -14.51
C ARG A 49 -2.88 -0.80 -13.20
N ALA A 50 -2.55 0.01 -12.20
CA ALA A 50 -3.21 -0.07 -10.90
C ALA A 50 -4.42 0.86 -10.85
N ASN A 51 -4.26 2.06 -11.41
CA ASN A 51 -5.34 3.04 -11.41
C ASN A 51 -5.46 3.71 -12.78
N GLY A 52 -4.31 3.90 -13.43
CA GLY A 52 -4.30 4.54 -14.74
C GLY A 52 -4.13 6.03 -14.66
N ARG A 53 -3.13 6.48 -13.91
CA ARG A 53 -2.87 7.91 -13.74
C ARG A 53 -1.60 8.13 -12.92
N ASN A 54 -0.79 9.09 -13.34
CA ASN A 54 0.45 9.40 -12.65
C ASN A 54 0.24 10.54 -11.64
N THR A 55 0.76 10.35 -10.44
CA THR A 55 0.64 11.35 -9.38
C THR A 55 1.63 11.10 -8.26
N PHE A 56 1.47 11.82 -7.16
CA PHE A 56 2.36 11.68 -6.01
C PHE A 56 2.31 10.25 -5.46
N PRO A 57 3.35 9.88 -4.70
CA PRO A 57 3.45 8.55 -4.10
C PRO A 57 2.42 8.33 -3.00
N GLN A 58 1.91 7.11 -2.92
CA GLN A 58 0.91 6.77 -1.91
C GLN A 58 0.94 5.27 -1.59
N ILE A 59 0.08 4.85 -0.68
CA ILE A 59 0.02 3.45 -0.28
C ILE A 59 -1.15 2.74 -0.98
N PHE A 60 -0.82 1.76 -1.81
CA PHE A 60 -1.83 1.01 -2.55
C PHE A 60 -2.18 -0.28 -1.81
N ILE A 61 -3.48 -0.54 -1.66
CA ILE A 61 -3.95 -1.74 -0.98
C ILE A 61 -5.12 -2.37 -1.72
N GLY A 62 -5.03 -3.68 -1.96
CA GLY A 62 -6.09 -4.37 -2.66
C GLY A 62 -6.57 -3.63 -3.89
N ASP A 63 -5.63 -3.25 -4.74
CA ASP A 63 -5.96 -2.53 -5.97
C ASP A 63 -6.76 -1.26 -5.65
N TYR A 64 -6.45 -0.64 -4.51
CA TYR A 64 -7.15 0.57 -4.10
C TYR A 64 -6.18 1.54 -3.42
N HIS A 65 -5.88 2.64 -4.11
CA HIS A 65 -4.96 3.64 -3.58
C HIS A 65 -5.55 4.28 -2.32
N VAL A 66 -4.70 4.49 -1.32
CA VAL A 66 -5.12 5.09 -0.06
C VAL A 66 -4.63 6.54 0.05
N GLY A 67 -3.33 6.69 0.22
CA GLY A 67 -2.74 8.03 0.33
C GLY A 67 -1.40 8.01 1.03
N GLY A 68 -1.29 8.78 2.11
CA GLY A 68 -0.04 8.85 2.84
C GLY A 68 0.12 7.71 3.83
N CYS A 69 1.28 7.60 4.45
CA CYS A 69 1.55 6.55 5.41
C CYS A 69 0.56 6.60 6.56
N ASP A 70 0.57 7.72 7.30
CA ASP A 70 -0.32 7.89 8.43
C ASP A 70 -1.77 7.68 8.02
N ASP A 71 -2.06 7.92 6.74
CA ASP A 71 -3.41 7.75 6.21
C ASP A 71 -3.95 6.37 6.55
N LEU A 72 -3.21 5.33 6.16
CA LEU A 72 -3.63 3.96 6.41
C LEU A 72 -3.85 3.72 7.90
N TYR A 73 -3.02 4.36 8.72
CA TYR A 73 -3.13 4.21 10.18
C TYR A 73 -4.43 4.84 10.68
N ALA A 74 -4.65 6.09 10.33
CA ALA A 74 -5.86 6.80 10.75
C ALA A 74 -7.12 6.02 10.37
N LEU A 75 -7.21 5.67 9.09
CA LEU A 75 -8.36 4.91 8.60
C LEU A 75 -8.55 3.62 9.38
N GLU A 76 -7.46 2.88 9.54
CA GLU A 76 -7.49 1.61 10.27
C GLU A 76 -8.03 1.81 11.68
N ASN A 77 -7.72 2.96 12.27
CA ASN A 77 -8.17 3.28 13.62
C ASN A 77 -9.59 3.84 13.60
N LYS A 78 -10.00 4.38 12.46
CA LYS A 78 -11.33 4.94 12.31
C LYS A 78 -12.36 3.85 12.08
N GLY A 79 -11.91 2.70 11.61
CA GLY A 79 -12.80 1.59 11.35
C GLY A 79 -12.56 0.94 10.00
N LYS A 80 -11.60 1.47 9.25
CA LYS A 80 -11.27 0.95 7.93
C LYS A 80 -10.29 -0.21 8.05
N LEU A 81 -9.98 -0.60 9.27
CA LEU A 81 -9.05 -1.70 9.51
C LEU A 81 -9.45 -2.94 8.71
N ASP A 82 -10.72 -3.30 8.79
CA ASP A 82 -11.23 -4.46 8.06
C ASP A 82 -10.83 -4.40 6.60
N SER A 83 -10.93 -3.22 6.00
CA SER A 83 -10.59 -3.03 4.60
C SER A 83 -9.09 -3.20 4.39
N LEU A 84 -8.30 -2.52 5.21
CA LEU A 84 -6.84 -2.60 5.11
C LEU A 84 -6.36 -4.04 5.26
N LEU A 85 -6.78 -4.68 6.34
CA LEU A 85 -6.39 -6.06 6.60
C LEU A 85 -6.87 -6.98 5.48
N GLN A 86 -8.07 -6.74 4.99
CA GLN A 86 -8.66 -7.54 3.92
C GLN A 86 -7.96 -7.26 2.59
N ASP A 87 -7.33 -6.09 2.50
CA ASP A 87 -6.63 -5.69 1.28
C ASP A 87 -5.20 -6.22 1.30
N VAL A 88 -4.61 -6.29 2.48
CA VAL A 88 -3.24 -6.76 2.63
C VAL A 88 -3.20 -8.27 2.80
N HIS A 89 -4.30 -8.84 3.28
CA HIS A 89 -4.40 -10.28 3.49
C HIS A 89 -5.13 -10.94 2.32
N GLY A 1 -3.27 -26.23 -5.04
CA GLY A 1 -2.89 -25.05 -5.81
C GLY A 1 -3.09 -23.77 -5.03
N PRO A 2 -2.96 -22.63 -5.73
CA PRO A 2 -3.12 -21.30 -5.12
C PRO A 2 -4.56 -21.01 -4.72
N GLY A 3 -4.79 -19.83 -4.17
CA GLY A 3 -6.14 -19.45 -3.76
C GLY A 3 -6.49 -18.03 -4.16
N SER A 4 -7.22 -17.34 -3.30
CA SER A 4 -7.64 -15.97 -3.58
C SER A 4 -7.32 -15.06 -2.39
N MET A 5 -6.70 -13.91 -2.69
CA MET A 5 -6.34 -12.96 -1.64
C MET A 5 -5.79 -11.68 -2.26
N LYS A 6 -6.02 -10.55 -1.58
CA LYS A 6 -5.55 -9.27 -2.06
C LYS A 6 -4.06 -9.09 -1.77
N GLU A 7 -3.51 -7.95 -2.20
CA GLU A 7 -2.10 -7.66 -1.98
C GLU A 7 -1.89 -6.18 -1.68
N ILE A 8 -0.90 -5.89 -0.84
CA ILE A 8 -0.59 -4.51 -0.47
C ILE A 8 0.72 -4.05 -1.11
N ILE A 9 0.72 -2.83 -1.63
CA ILE A 9 1.91 -2.26 -2.27
C ILE A 9 2.16 -0.84 -1.80
N LEU A 10 3.43 -0.45 -1.78
CA LEU A 10 3.81 0.90 -1.36
C LEU A 10 4.63 1.61 -2.43
N TYR A 11 4.07 2.66 -3.00
CA TYR A 11 4.73 3.43 -4.05
C TYR A 11 5.46 4.64 -3.45
N THR A 12 6.79 4.56 -3.42
CA THR A 12 7.60 5.64 -2.87
C THR A 12 9.09 5.30 -2.95
N ARG A 13 9.92 6.22 -2.46
CA ARG A 13 11.37 6.01 -2.48
C ARG A 13 11.81 5.27 -1.23
N PRO A 14 12.97 4.60 -1.33
CA PRO A 14 13.54 3.81 -0.23
C PRO A 14 14.05 4.71 0.91
N ASN A 15 14.06 6.02 0.65
CA ASN A 15 14.52 6.98 1.65
C ASN A 15 13.35 7.51 2.48
N CYS A 16 12.57 6.61 3.04
CA CYS A 16 11.42 6.98 3.85
C CYS A 16 11.52 6.36 5.25
N PRO A 17 11.99 7.17 6.22
CA PRO A 17 12.13 6.72 7.60
C PRO A 17 10.79 6.51 8.29
N TYR A 18 9.71 6.90 7.62
CA TYR A 18 8.37 6.75 8.16
C TYR A 18 7.71 5.47 7.67
N CYS A 19 8.22 4.94 6.57
CA CYS A 19 7.69 3.70 6.00
C CYS A 19 7.68 2.58 7.03
N LYS A 20 8.57 2.68 8.02
CA LYS A 20 8.65 1.68 9.07
C LYS A 20 7.28 1.40 9.67
N ARG A 21 6.47 2.44 9.79
CA ARG A 21 5.13 2.32 10.36
C ARG A 21 4.26 1.43 9.47
N ALA A 22 4.23 1.72 8.18
CA ALA A 22 3.43 0.96 7.23
C ALA A 22 3.85 -0.51 7.24
N ARG A 23 5.14 -0.76 7.02
CA ARG A 23 5.66 -2.12 6.99
C ARG A 23 5.45 -2.81 8.33
N ASP A 24 5.45 -2.02 9.41
CA ASP A 24 5.25 -2.57 10.75
C ASP A 24 3.83 -3.10 10.91
N LEU A 25 2.85 -2.30 10.52
CA LEU A 25 1.45 -2.70 10.63
C LEU A 25 1.18 -3.93 9.78
N LEU A 26 1.55 -3.88 8.50
CA LEU A 26 1.34 -4.99 7.59
C LEU A 26 2.06 -6.24 8.10
N ASP A 27 3.36 -6.14 8.31
CA ASP A 27 4.16 -7.26 8.80
C ASP A 27 3.59 -7.81 10.11
N LYS A 28 2.96 -6.93 10.89
CA LYS A 28 2.37 -7.32 12.17
C LYS A 28 1.15 -8.19 11.95
N LYS A 29 0.34 -7.85 10.96
CA LYS A 29 -0.87 -8.61 10.65
C LYS A 29 -0.52 -9.95 10.03
N GLY A 30 0.59 -9.99 9.30
CA GLY A 30 1.02 -11.23 8.66
C GLY A 30 0.72 -11.26 7.17
N VAL A 31 1.18 -10.24 6.46
CA VAL A 31 0.95 -10.14 5.02
C VAL A 31 2.24 -9.83 4.28
N LYS A 32 2.22 -10.00 2.96
CA LYS A 32 3.40 -9.74 2.14
C LYS A 32 3.21 -8.45 1.35
N TYR A 33 3.95 -7.40 1.76
CA TYR A 33 3.88 -6.12 1.09
C TYR A 33 4.97 -5.97 0.04
N THR A 34 4.66 -5.28 -1.05
CA THR A 34 5.61 -5.08 -2.12
C THR A 34 6.07 -3.62 -2.20
N ASP A 35 7.36 -3.40 -2.05
CA ASP A 35 7.92 -2.04 -2.09
C ASP A 35 8.22 -1.63 -3.53
N ILE A 36 7.68 -0.49 -3.94
CA ILE A 36 7.89 0.01 -5.30
C ILE A 36 8.74 1.28 -5.28
N ASP A 37 9.91 1.20 -5.92
CA ASP A 37 10.81 2.33 -5.97
C ASP A 37 10.10 3.58 -6.51
N ALA A 38 10.46 4.74 -5.98
CA ALA A 38 9.85 5.99 -6.39
C ALA A 38 10.10 6.26 -7.88
N SER A 39 11.08 5.56 -8.44
CA SER A 39 11.42 5.71 -9.85
C SER A 39 10.17 5.63 -10.71
N THR A 40 9.79 6.77 -11.29
CA THR A 40 8.61 6.84 -12.15
C THR A 40 8.78 5.97 -13.39
N SER A 41 10.03 5.72 -13.77
CA SER A 41 10.34 4.90 -14.94
C SER A 41 9.55 3.59 -14.90
N LEU A 42 9.30 3.10 -13.70
CA LEU A 42 8.57 1.85 -13.53
C LEU A 42 7.36 2.05 -12.61
N ARG A 43 7.52 2.92 -11.61
CA ARG A 43 6.45 3.20 -10.66
C ARG A 43 5.24 3.79 -11.38
N GLN A 44 5.50 4.61 -12.39
CA GLN A 44 4.43 5.24 -13.16
C GLN A 44 3.61 4.20 -13.91
N GLU A 45 4.29 3.22 -14.49
CA GLU A 45 3.63 2.16 -15.24
C GLU A 45 2.86 1.23 -14.31
N MET A 46 3.41 1.00 -13.13
CA MET A 46 2.79 0.13 -12.15
C MET A 46 1.58 0.82 -11.50
N VAL A 47 1.80 2.03 -11.02
CA VAL A 47 0.73 2.79 -10.37
C VAL A 47 -0.41 3.06 -11.34
N GLN A 48 -0.07 3.31 -12.61
CA GLN A 48 -1.07 3.59 -13.63
C GLN A 48 -1.76 2.29 -14.07
N ARG A 49 -1.02 1.20 -14.09
CA ARG A 49 -1.55 -0.09 -14.49
C ARG A 49 -2.33 -0.73 -13.34
N ALA A 50 -2.14 -0.21 -12.14
CA ALA A 50 -2.81 -0.73 -10.95
C ALA A 50 -3.99 0.17 -10.56
N ASN A 51 -3.78 1.47 -10.65
CA ASN A 51 -4.83 2.43 -10.30
C ASN A 51 -5.59 2.88 -11.56
N GLY A 52 -4.85 3.07 -12.65
CA GLY A 52 -5.48 3.51 -13.89
C GLY A 52 -4.68 4.59 -14.59
N ARG A 53 -4.75 5.81 -14.06
CA ARG A 53 -4.04 6.94 -14.64
C ARG A 53 -2.83 7.32 -13.79
N ASN A 54 -1.66 7.40 -14.42
CA ASN A 54 -0.44 7.76 -13.71
C ASN A 54 -0.64 9.02 -12.87
N THR A 55 -0.08 9.02 -11.66
CA THR A 55 -0.20 10.16 -10.76
C THR A 55 0.87 10.12 -9.68
N PHE A 56 0.73 10.99 -8.68
CA PHE A 56 1.69 11.05 -7.58
C PHE A 56 1.74 9.72 -6.84
N PRO A 57 2.83 9.51 -6.09
CA PRO A 57 3.03 8.28 -5.31
C PRO A 57 2.08 8.18 -4.12
N GLN A 58 1.92 6.96 -3.61
CA GLN A 58 1.03 6.73 -2.48
C GLN A 58 1.06 5.26 -2.06
N ILE A 59 0.29 4.93 -1.03
CA ILE A 59 0.22 3.56 -0.53
C ILE A 59 -0.97 2.82 -1.12
N PHE A 60 -0.68 1.77 -1.88
CA PHE A 60 -1.73 0.97 -2.49
C PHE A 60 -2.08 -0.24 -1.63
N ILE A 61 -3.37 -0.51 -1.49
CA ILE A 61 -3.84 -1.64 -0.69
C ILE A 61 -5.02 -2.33 -1.35
N GLY A 62 -4.87 -3.63 -1.62
CA GLY A 62 -5.94 -4.38 -2.25
C GLY A 62 -6.51 -3.68 -3.46
N ASP A 63 -5.63 -3.14 -4.29
CA ASP A 63 -6.06 -2.43 -5.51
C ASP A 63 -6.82 -1.16 -5.15
N TYR A 64 -6.44 -0.55 -4.03
CA TYR A 64 -7.09 0.68 -3.57
C TYR A 64 -6.07 1.65 -3.00
N HIS A 65 -5.81 2.73 -3.75
CA HIS A 65 -4.85 3.75 -3.31
C HIS A 65 -5.32 4.43 -2.03
N VAL A 66 -4.37 4.73 -1.15
CA VAL A 66 -4.70 5.39 0.12
C VAL A 66 -4.32 6.86 0.08
N GLY A 67 -3.27 7.19 -0.67
CA GLY A 67 -2.84 8.57 -0.78
C GLY A 67 -1.63 8.86 0.08
N GLY A 68 -1.85 8.95 1.40
CA GLY A 68 -0.76 9.22 2.31
C GLY A 68 -0.58 8.14 3.35
N CYS A 69 0.65 7.96 3.82
CA CYS A 69 0.96 6.94 4.81
C CYS A 69 0.18 7.18 6.10
N ASP A 70 -0.02 8.45 6.43
CA ASP A 70 -0.75 8.82 7.64
C ASP A 70 -2.22 8.47 7.51
N ASP A 71 -2.71 8.41 6.28
CA ASP A 71 -4.10 8.08 6.01
C ASP A 71 -4.38 6.62 6.33
N LEU A 72 -3.42 5.77 6.03
CA LEU A 72 -3.55 4.34 6.28
C LEU A 72 -3.57 4.04 7.78
N TYR A 73 -2.81 4.82 8.54
CA TYR A 73 -2.73 4.64 9.98
C TYR A 73 -4.01 5.13 10.66
N ALA A 74 -4.40 6.36 10.36
CA ALA A 74 -5.60 6.95 10.94
C ALA A 74 -6.84 6.15 10.55
N LEU A 75 -6.87 5.69 9.30
CA LEU A 75 -8.00 4.90 8.80
C LEU A 75 -8.10 3.56 9.53
N GLU A 76 -6.99 2.83 9.55
CA GLU A 76 -6.96 1.52 10.22
C GLU A 76 -7.39 1.66 11.68
N ASN A 77 -6.98 2.75 12.32
CA ASN A 77 -7.32 2.99 13.71
C ASN A 77 -8.73 3.58 13.83
N LYS A 78 -9.21 4.18 12.75
CA LYS A 78 -10.53 4.78 12.73
C LYS A 78 -11.62 3.73 12.55
N GLY A 79 -11.23 2.58 11.98
CA GLY A 79 -12.18 1.51 11.76
C GLY A 79 -12.06 0.91 10.38
N LYS A 80 -11.17 1.47 9.57
CA LYS A 80 -10.97 0.98 8.21
C LYS A 80 -10.04 -0.23 8.20
N LEU A 81 -9.64 -0.67 9.39
CA LEU A 81 -8.76 -1.83 9.52
C LEU A 81 -9.30 -3.01 8.72
N ASP A 82 -10.60 -3.25 8.82
CA ASP A 82 -11.23 -4.34 8.10
C ASP A 82 -10.83 -4.33 6.63
N SER A 83 -10.96 -3.17 6.00
CA SER A 83 -10.63 -3.03 4.59
C SER A 83 -9.12 -3.23 4.37
N LEU A 84 -8.32 -2.68 5.28
CA LEU A 84 -6.88 -2.79 5.18
C LEU A 84 -6.44 -4.26 5.23
N LEU A 85 -7.02 -5.00 6.16
CA LEU A 85 -6.70 -6.41 6.32
C LEU A 85 -7.14 -7.22 5.10
N GLN A 86 -8.34 -6.93 4.61
CA GLN A 86 -8.87 -7.61 3.44
C GLN A 86 -8.14 -7.19 2.18
N ASP A 87 -7.50 -6.03 2.23
CA ASP A 87 -6.75 -5.51 1.08
C ASP A 87 -5.31 -6.01 1.11
N VAL A 88 -4.76 -6.15 2.30
CA VAL A 88 -3.39 -6.62 2.45
C VAL A 88 -3.32 -8.15 2.46
N HIS A 89 -4.45 -8.77 2.76
CA HIS A 89 -4.52 -10.24 2.80
C HIS A 89 -5.10 -10.79 1.50
N GLY A 1 3.01 -23.29 -2.49
CA GLY A 1 1.63 -23.69 -2.28
C GLY A 1 0.64 -22.71 -2.91
N PRO A 2 -0.64 -23.10 -2.92
CA PRO A 2 -1.70 -22.27 -3.49
C PRO A 2 -1.98 -21.03 -2.64
N GLY A 3 -3.00 -20.27 -3.04
CA GLY A 3 -3.35 -19.06 -2.30
C GLY A 3 -3.98 -18.01 -3.19
N SER A 4 -5.20 -17.60 -2.85
CA SER A 4 -5.92 -16.60 -3.61
C SER A 4 -6.45 -15.49 -2.72
N MET A 5 -5.66 -14.45 -2.53
CA MET A 5 -6.05 -13.33 -1.68
C MET A 5 -5.53 -12.01 -2.26
N LYS A 6 -6.01 -10.90 -1.70
CA LYS A 6 -5.58 -9.58 -2.15
C LYS A 6 -4.11 -9.34 -1.84
N GLU A 7 -3.58 -8.22 -2.33
CA GLU A 7 -2.18 -7.88 -2.10
C GLU A 7 -2.02 -6.38 -1.90
N ILE A 8 -1.05 -6.01 -1.06
CA ILE A 8 -0.79 -4.60 -0.79
C ILE A 8 0.54 -4.16 -1.39
N ILE A 9 0.54 -2.97 -1.99
CA ILE A 9 1.74 -2.44 -2.61
C ILE A 9 2.02 -1.01 -2.15
N LEU A 10 3.29 -0.64 -2.08
CA LEU A 10 3.68 0.69 -1.65
C LEU A 10 4.36 1.45 -2.79
N TYR A 11 4.05 2.73 -2.92
CA TYR A 11 4.63 3.57 -3.95
C TYR A 11 5.32 4.79 -3.36
N THR A 12 6.65 4.77 -3.35
CA THR A 12 7.43 5.87 -2.81
C THR A 12 8.93 5.64 -3.02
N ARG A 13 9.74 6.57 -2.52
CA ARG A 13 11.18 6.46 -2.65
C ARG A 13 11.77 5.64 -1.52
N PRO A 14 12.97 5.07 -1.75
CA PRO A 14 13.66 4.25 -0.75
C PRO A 14 14.18 5.08 0.42
N ASN A 15 14.07 6.40 0.30
CA ASN A 15 14.54 7.30 1.35
C ASN A 15 13.37 7.71 2.26
N CYS A 16 12.60 6.73 2.70
CA CYS A 16 11.47 6.98 3.57
C CYS A 16 11.69 6.37 4.95
N PRO A 17 12.20 7.19 5.89
CA PRO A 17 12.47 6.75 7.26
C PRO A 17 11.19 6.48 8.05
N TYR A 18 10.06 6.83 7.45
CA TYR A 18 8.76 6.62 8.10
C TYR A 18 8.09 5.36 7.59
N CYS A 19 8.64 4.80 6.51
CA CYS A 19 8.09 3.58 5.91
C CYS A 19 7.98 2.47 6.95
N LYS A 20 8.83 2.54 7.97
CA LYS A 20 8.83 1.54 9.03
C LYS A 20 7.43 1.31 9.57
N ARG A 21 6.64 2.39 9.63
CA ARG A 21 5.27 2.30 10.13
C ARG A 21 4.42 1.42 9.23
N ALA A 22 4.46 1.68 7.92
CA ALA A 22 3.70 0.91 6.96
C ALA A 22 4.06 -0.57 7.02
N ARG A 23 5.35 -0.86 6.89
CA ARG A 23 5.83 -2.24 6.93
C ARG A 23 5.53 -2.88 8.27
N ASP A 24 5.51 -2.07 9.32
CA ASP A 24 5.23 -2.55 10.67
C ASP A 24 3.80 -3.06 10.78
N LEU A 25 2.85 -2.24 10.32
CA LEU A 25 1.44 -2.61 10.37
C LEU A 25 1.17 -3.86 9.53
N LEU A 26 1.59 -3.81 8.26
CA LEU A 26 1.40 -4.94 7.36
C LEU A 26 2.02 -6.21 7.93
N ASP A 27 3.33 -6.15 8.22
CA ASP A 27 4.04 -7.30 8.77
C ASP A 27 3.38 -7.78 10.06
N LYS A 28 3.02 -6.83 10.92
CA LYS A 28 2.38 -7.17 12.19
C LYS A 28 1.12 -8.00 11.97
N LYS A 29 0.35 -7.64 10.94
CA LYS A 29 -0.88 -8.36 10.62
C LYS A 29 -0.56 -9.73 10.03
N GLY A 30 0.55 -9.81 9.30
CA GLY A 30 0.94 -11.07 8.69
C GLY A 30 0.60 -11.13 7.21
N VAL A 31 1.06 -10.13 6.47
CA VAL A 31 0.81 -10.07 5.03
C VAL A 31 2.10 -9.83 4.26
N LYS A 32 1.98 -9.69 2.94
CA LYS A 32 3.13 -9.45 2.09
C LYS A 32 2.97 -8.15 1.30
N TYR A 33 3.77 -7.15 1.65
CA TYR A 33 3.71 -5.85 0.98
C TYR A 33 4.83 -5.72 -0.04
N THR A 34 4.53 -5.11 -1.18
CA THR A 34 5.51 -4.91 -2.24
C THR A 34 5.90 -3.45 -2.37
N ASP A 35 7.12 -3.12 -2.00
CA ASP A 35 7.61 -1.75 -2.09
C ASP A 35 7.99 -1.40 -3.52
N ILE A 36 7.61 -0.20 -3.94
CA ILE A 36 7.90 0.27 -5.30
C ILE A 36 8.72 1.55 -5.27
N ASP A 37 9.91 1.51 -5.87
CA ASP A 37 10.79 2.66 -5.92
C ASP A 37 10.09 3.84 -6.59
N ALA A 38 10.38 5.05 -6.10
CA ALA A 38 9.78 6.25 -6.66
C ALA A 38 10.43 6.64 -7.99
N SER A 39 10.37 5.73 -8.96
CA SER A 39 10.96 5.98 -10.27
C SER A 39 9.93 5.74 -11.37
N THR A 40 9.44 6.84 -11.95
CA THR A 40 8.46 6.76 -13.03
C THR A 40 8.86 5.74 -14.07
N SER A 41 10.17 5.54 -14.23
CA SER A 41 10.68 4.58 -15.21
C SER A 41 9.96 3.25 -15.10
N LEU A 42 9.52 2.92 -13.89
CA LEU A 42 8.81 1.66 -13.66
C LEU A 42 7.52 1.91 -12.88
N ARG A 43 7.58 2.82 -11.92
CA ARG A 43 6.41 3.16 -11.10
C ARG A 43 5.26 3.63 -11.98
N GLN A 44 5.59 4.30 -13.07
CA GLN A 44 4.58 4.81 -13.99
C GLN A 44 3.77 3.67 -14.60
N GLU A 45 4.47 2.61 -15.01
CA GLU A 45 3.81 1.45 -15.61
C GLU A 45 3.00 0.69 -14.58
N MET A 46 3.60 0.47 -13.41
CA MET A 46 2.94 -0.24 -12.33
C MET A 46 1.70 0.51 -11.85
N VAL A 47 1.89 1.78 -11.51
CA VAL A 47 0.79 2.62 -11.04
C VAL A 47 -0.29 2.77 -12.12
N GLN A 48 0.14 2.78 -13.37
CA GLN A 48 -0.79 2.91 -14.49
C GLN A 48 -1.71 1.71 -14.58
N ARG A 49 -1.13 0.51 -14.58
CA ARG A 49 -1.90 -0.72 -14.67
C ARG A 49 -2.51 -1.07 -13.32
N ALA A 50 -2.08 -0.37 -12.27
CA ALA A 50 -2.59 -0.61 -10.93
C ALA A 50 -3.90 0.14 -10.69
N ASN A 51 -3.96 1.39 -11.16
CA ASN A 51 -5.16 2.21 -11.00
C ASN A 51 -5.54 2.86 -12.33
N GLY A 52 -4.54 3.25 -13.11
CA GLY A 52 -4.79 3.90 -14.39
C GLY A 52 -3.71 4.88 -14.77
N ARG A 53 -3.46 5.85 -13.89
CA ARG A 53 -2.45 6.87 -14.14
C ARG A 53 -2.25 7.75 -12.91
N ASN A 54 -1.01 7.84 -12.45
CA ASN A 54 -0.68 8.64 -11.28
C ASN A 54 0.64 9.38 -11.48
N THR A 55 0.96 10.26 -10.53
CA THR A 55 2.20 11.03 -10.61
C THR A 55 2.60 11.55 -9.23
N PHE A 56 2.25 10.80 -8.19
CA PHE A 56 2.58 11.18 -6.83
C PHE A 56 2.73 9.95 -5.94
N PRO A 57 3.56 10.06 -4.90
CA PRO A 57 3.80 8.98 -3.95
C PRO A 57 2.58 8.68 -3.07
N GLN A 58 2.38 7.40 -2.76
CA GLN A 58 1.25 7.00 -1.94
C GLN A 58 1.26 5.49 -1.71
N ILE A 59 0.30 5.00 -0.93
CA ILE A 59 0.20 3.58 -0.63
C ILE A 59 -0.95 2.93 -1.39
N PHE A 60 -0.68 1.80 -2.03
CA PHE A 60 -1.69 1.09 -2.79
C PHE A 60 -2.19 -0.12 -2.02
N ILE A 61 -3.51 -0.32 -2.01
CA ILE A 61 -4.11 -1.45 -1.31
C ILE A 61 -4.96 -2.29 -2.25
N GLY A 62 -4.41 -3.42 -2.68
CA GLY A 62 -5.14 -4.29 -3.59
C GLY A 62 -5.66 -3.56 -4.81
N ASP A 63 -6.96 -3.26 -4.80
CA ASP A 63 -7.58 -2.56 -5.92
C ASP A 63 -8.06 -1.18 -5.49
N TYR A 64 -7.29 -0.53 -4.63
CA TYR A 64 -7.64 0.80 -4.13
C TYR A 64 -6.40 1.62 -3.83
N HIS A 65 -6.48 2.93 -4.03
CA HIS A 65 -5.36 3.82 -3.78
C HIS A 65 -5.63 4.70 -2.56
N VAL A 66 -4.78 4.57 -1.55
CA VAL A 66 -4.93 5.35 -0.32
C VAL A 66 -4.54 6.81 -0.55
N GLY A 67 -3.24 7.06 -0.66
CA GLY A 67 -2.77 8.41 -0.87
C GLY A 67 -1.71 8.83 0.14
N GLY A 68 -2.00 8.58 1.41
CA GLY A 68 -1.05 8.95 2.46
C GLY A 68 -0.88 7.84 3.49
N CYS A 69 0.34 7.70 4.00
CA CYS A 69 0.63 6.68 4.99
C CYS A 69 -0.13 6.93 6.29
N ASP A 70 -0.27 8.21 6.64
CA ASP A 70 -0.98 8.59 7.86
C ASP A 70 -2.47 8.27 7.74
N ASP A 71 -2.96 8.26 6.51
CA ASP A 71 -4.38 7.97 6.26
C ASP A 71 -4.69 6.51 6.56
N LEU A 72 -3.75 5.62 6.27
CA LEU A 72 -3.94 4.19 6.51
C LEU A 72 -3.92 3.90 8.00
N TYR A 73 -3.10 4.63 8.74
CA TYR A 73 -2.99 4.44 10.18
C TYR A 73 -4.24 4.95 10.89
N ALA A 74 -4.59 6.20 10.62
CA ALA A 74 -5.77 6.82 11.24
C ALA A 74 -7.03 6.04 10.88
N LEU A 75 -7.17 5.70 9.60
CA LEU A 75 -8.35 4.97 9.13
C LEU A 75 -8.45 3.62 9.83
N GLU A 76 -7.35 2.88 9.86
CA GLU A 76 -7.32 1.57 10.51
C GLU A 76 -7.76 1.66 11.96
N ASN A 77 -7.30 2.70 12.65
CA ASN A 77 -7.63 2.91 14.05
C ASN A 77 -9.03 3.50 14.18
N LYS A 78 -9.52 4.10 13.11
CA LYS A 78 -10.86 4.71 13.10
C LYS A 78 -11.93 3.64 12.90
N GLY A 79 -11.55 2.51 12.32
CA GLY A 79 -12.49 1.44 12.08
C GLY A 79 -12.29 0.78 10.73
N LYS A 80 -11.43 1.37 9.91
CA LYS A 80 -11.15 0.84 8.58
C LYS A 80 -10.22 -0.37 8.65
N LEU A 81 -9.80 -0.72 9.86
CA LEU A 81 -8.91 -1.85 10.07
C LEU A 81 -9.44 -3.10 9.38
N ASP A 82 -10.76 -3.29 9.46
CA ASP A 82 -11.40 -4.45 8.83
C ASP A 82 -11.06 -4.51 7.35
N SER A 83 -11.24 -3.40 6.65
CA SER A 83 -10.98 -3.33 5.22
C SER A 83 -9.48 -3.45 4.95
N LEU A 84 -8.68 -2.69 5.70
CA LEU A 84 -7.23 -2.70 5.55
C LEU A 84 -6.69 -4.13 5.67
N LEU A 85 -7.07 -4.80 6.75
CA LEU A 85 -6.61 -6.17 6.99
C LEU A 85 -7.14 -7.11 5.91
N GLN A 86 -8.43 -7.00 5.61
CA GLN A 86 -9.06 -7.83 4.59
C GLN A 86 -8.40 -7.61 3.23
N ASP A 87 -7.82 -6.44 3.04
CA ASP A 87 -7.16 -6.10 1.78
C ASP A 87 -5.71 -6.59 1.78
N VAL A 88 -4.91 -6.04 2.69
CA VAL A 88 -3.50 -6.41 2.80
C VAL A 88 -3.34 -7.92 2.90
N HIS A 89 -4.33 -8.58 3.51
CA HIS A 89 -4.28 -10.02 3.67
C HIS A 89 -4.03 -10.71 2.33
N GLY A 1 -15.42 -10.09 9.39
CA GLY A 1 -15.77 -10.09 7.99
C GLY A 1 -15.58 -11.45 7.34
N PRO A 2 -16.11 -11.60 6.11
CA PRO A 2 -16.02 -12.86 5.37
C PRO A 2 -14.60 -13.16 4.90
N GLY A 3 -14.45 -14.20 4.09
CA GLY A 3 -13.14 -14.57 3.59
C GLY A 3 -12.68 -13.67 2.46
N SER A 4 -11.37 -13.51 2.32
CA SER A 4 -10.80 -12.66 1.28
C SER A 4 -9.27 -12.67 1.35
N MET A 5 -8.63 -12.44 0.20
CA MET A 5 -7.18 -12.41 0.14
C MET A 5 -6.71 -11.45 -0.95
N LYS A 6 -5.99 -10.41 -0.55
CA LYS A 6 -5.48 -9.42 -1.50
C LYS A 6 -4.00 -9.14 -1.24
N GLU A 7 -3.42 -8.28 -2.07
CA GLU A 7 -2.01 -7.94 -1.93
C GLU A 7 -1.84 -6.44 -1.66
N ILE A 8 -0.82 -6.10 -0.89
CA ILE A 8 -0.54 -4.70 -0.56
C ILE A 8 0.75 -4.23 -1.20
N ILE A 9 0.73 -3.00 -1.73
CA ILE A 9 1.90 -2.43 -2.38
C ILE A 9 2.14 -1.00 -1.90
N LEU A 10 3.41 -0.60 -1.91
CA LEU A 10 3.78 0.74 -1.48
C LEU A 10 4.60 1.46 -2.55
N TYR A 11 4.03 2.52 -3.12
CA TYR A 11 4.70 3.28 -4.16
C TYR A 11 5.41 4.50 -3.57
N THR A 12 6.73 4.44 -3.51
CA THR A 12 7.53 5.54 -2.97
C THR A 12 9.01 5.22 -3.04
N ARG A 13 9.83 6.16 -2.55
CA ARG A 13 11.28 5.97 -2.56
C ARG A 13 11.74 5.21 -1.31
N PRO A 14 12.91 4.58 -1.41
CA PRO A 14 13.49 3.81 -0.29
C PRO A 14 13.96 4.72 0.85
N ASN A 15 13.91 6.02 0.62
CA ASN A 15 14.33 6.98 1.64
C ASN A 15 13.13 7.57 2.36
N CYS A 16 12.28 6.70 2.89
CA CYS A 16 11.08 7.13 3.61
C CYS A 16 11.09 6.61 5.04
N PRO A 17 11.45 7.50 5.99
CA PRO A 17 11.50 7.16 7.41
C PRO A 17 10.12 6.93 8.01
N TYR A 18 9.09 7.22 7.23
CA TYR A 18 7.71 7.05 7.68
C TYR A 18 7.18 5.68 7.30
N CYS A 19 7.74 5.11 6.24
CA CYS A 19 7.33 3.79 5.76
C CYS A 19 7.44 2.76 6.88
N LYS A 20 8.32 3.02 7.84
CA LYS A 20 8.51 2.11 8.96
C LYS A 20 7.18 1.73 9.60
N ARG A 21 6.28 2.71 9.70
CA ARG A 21 4.96 2.47 10.29
C ARG A 21 4.15 1.49 9.44
N ALA A 22 4.03 1.79 8.15
CA ALA A 22 3.28 0.94 7.24
C ALA A 22 3.87 -0.47 7.21
N ARG A 23 5.16 -0.57 6.91
CA ARG A 23 5.84 -1.85 6.84
C ARG A 23 5.69 -2.61 8.17
N ASP A 24 5.68 -1.87 9.26
CA ASP A 24 5.55 -2.47 10.59
C ASP A 24 4.16 -3.06 10.79
N LEU A 25 3.15 -2.35 10.29
CA LEU A 25 1.76 -2.80 10.42
C LEU A 25 1.55 -4.09 9.63
N LEU A 26 2.03 -4.11 8.39
CA LEU A 26 1.89 -5.28 7.53
C LEU A 26 2.72 -6.45 8.07
N ASP A 27 3.97 -6.17 8.39
CA ASP A 27 4.88 -7.19 8.91
C ASP A 27 4.37 -7.74 10.24
N LYS A 28 3.66 -6.90 10.98
CA LYS A 28 3.12 -7.30 12.28
C LYS A 28 1.89 -8.18 12.11
N LYS A 29 1.06 -7.84 11.12
CA LYS A 29 -0.15 -8.61 10.85
C LYS A 29 0.19 -9.96 10.25
N GLY A 30 1.27 -10.01 9.48
CA GLY A 30 1.68 -11.25 8.84
C GLY A 30 1.30 -11.33 7.39
N VAL A 31 1.62 -10.27 6.64
CA VAL A 31 1.31 -10.21 5.21
C VAL A 31 2.55 -9.94 4.39
N LYS A 32 2.41 -10.02 3.06
CA LYS A 32 3.53 -9.78 2.16
C LYS A 32 3.31 -8.51 1.35
N TYR A 33 4.05 -7.46 1.72
CA TYR A 33 3.95 -6.18 1.03
C TYR A 33 5.04 -6.03 -0.02
N THR A 34 4.70 -5.38 -1.12
CA THR A 34 5.65 -5.16 -2.22
C THR A 34 6.09 -3.71 -2.28
N ASP A 35 7.39 -3.47 -2.08
CA ASP A 35 7.93 -2.12 -2.12
C ASP A 35 8.26 -1.70 -3.55
N ILE A 36 7.64 -0.62 -4.00
CA ILE A 36 7.86 -0.12 -5.35
C ILE A 36 8.71 1.14 -5.33
N ASP A 37 9.86 1.08 -5.98
CA ASP A 37 10.77 2.22 -6.05
C ASP A 37 10.05 3.45 -6.59
N ALA A 38 10.40 4.62 -6.05
CA ALA A 38 9.78 5.87 -6.49
C ALA A 38 10.05 6.13 -7.97
N SER A 39 11.05 5.44 -8.51
CA SER A 39 11.42 5.60 -9.92
C SER A 39 10.18 5.50 -10.81
N THR A 40 9.72 6.65 -11.30
CA THR A 40 8.55 6.69 -12.16
C THR A 40 8.71 5.76 -13.37
N SER A 41 9.96 5.52 -13.75
CA SER A 41 10.26 4.65 -14.88
C SER A 41 9.49 3.33 -14.77
N LEU A 42 9.26 2.89 -13.54
CA LEU A 42 8.55 1.64 -13.29
C LEU A 42 7.31 1.89 -12.44
N ARG A 43 7.42 2.83 -11.51
CA ARG A 43 6.30 3.17 -10.63
C ARG A 43 5.13 3.75 -11.42
N GLN A 44 5.44 4.68 -12.31
CA GLN A 44 4.41 5.32 -13.13
C GLN A 44 3.60 4.27 -13.90
N GLU A 45 4.30 3.27 -14.42
CA GLU A 45 3.65 2.19 -15.18
C GLU A 45 2.77 1.35 -14.27
N MET A 46 3.34 0.91 -13.14
CA MET A 46 2.61 0.08 -12.20
C MET A 46 1.35 0.80 -11.70
N VAL A 47 1.53 2.03 -11.23
CA VAL A 47 0.41 2.83 -10.73
C VAL A 47 -0.59 3.13 -11.83
N GLN A 48 -0.08 3.30 -13.05
CA GLN A 48 -0.93 3.61 -14.20
C GLN A 48 -1.92 2.46 -14.46
N ARG A 49 -1.40 1.24 -14.54
CA ARG A 49 -2.23 0.07 -14.78
C ARG A 49 -2.90 -0.39 -13.50
N ALA A 50 -2.45 0.15 -12.37
CA ALA A 50 -3.01 -0.22 -11.07
C ALA A 50 -4.34 0.49 -10.84
N ASN A 51 -4.41 1.76 -11.22
CA ASN A 51 -5.62 2.54 -11.05
C ASN A 51 -6.13 3.06 -12.39
N GLY A 52 -5.21 3.56 -13.21
CA GLY A 52 -5.58 4.08 -14.51
C GLY A 52 -5.09 5.50 -14.74
N ARG A 53 -4.00 5.85 -14.07
CA ARG A 53 -3.43 7.19 -14.19
C ARG A 53 -2.13 7.31 -13.40
N ASN A 54 -1.45 8.44 -13.56
CA ASN A 54 -0.19 8.68 -12.86
C ASN A 54 -0.05 10.15 -12.49
N THR A 55 0.53 10.40 -11.32
CA THR A 55 0.73 11.76 -10.83
C THR A 55 1.68 11.78 -9.64
N PHE A 56 1.20 11.29 -8.50
CA PHE A 56 2.00 11.26 -7.27
C PHE A 56 1.98 9.87 -6.65
N PRO A 57 3.03 9.54 -5.89
CA PRO A 57 3.15 8.24 -5.22
C PRO A 57 2.17 8.10 -4.07
N GLN A 58 2.00 6.87 -3.59
CA GLN A 58 1.09 6.60 -2.49
C GLN A 58 1.12 5.12 -2.11
N ILE A 59 0.35 4.76 -1.09
CA ILE A 59 0.29 3.37 -0.63
C ILE A 59 -0.93 2.66 -1.22
N PHE A 60 -0.67 1.61 -1.99
CA PHE A 60 -1.74 0.83 -2.61
C PHE A 60 -2.10 -0.37 -1.76
N ILE A 61 -3.40 -0.66 -1.66
CA ILE A 61 -3.87 -1.79 -0.88
C ILE A 61 -5.04 -2.49 -1.57
N GLY A 62 -4.88 -3.78 -1.86
CA GLY A 62 -5.93 -4.53 -2.52
C GLY A 62 -6.49 -3.81 -3.73
N ASP A 63 -5.60 -3.23 -4.54
CA ASP A 63 -6.01 -2.51 -5.74
C ASP A 63 -6.77 -1.24 -5.37
N TYR A 64 -6.41 -0.65 -4.24
CA TYR A 64 -7.06 0.58 -3.78
C TYR A 64 -6.04 1.53 -3.16
N HIS A 65 -5.75 2.61 -3.88
CA HIS A 65 -4.80 3.61 -3.41
C HIS A 65 -5.28 4.26 -2.12
N VAL A 66 -4.35 4.55 -1.22
CA VAL A 66 -4.68 5.17 0.06
C VAL A 66 -4.36 6.66 0.05
N GLY A 67 -3.07 6.98 0.01
CA GLY A 67 -2.64 8.37 -0.01
C GLY A 67 -1.29 8.57 0.63
N GLY A 68 -1.21 8.38 1.94
CA GLY A 68 0.04 8.54 2.65
C GLY A 68 0.31 7.42 3.64
N CYS A 69 1.38 7.55 4.40
CA CYS A 69 1.75 6.54 5.39
C CYS A 69 0.78 6.55 6.57
N ASP A 70 0.77 7.65 7.31
CA ASP A 70 -0.11 7.79 8.46
C ASP A 70 -1.56 7.54 8.07
N ASP A 71 -1.88 7.79 6.80
CA ASP A 71 -3.24 7.59 6.30
C ASP A 71 -3.75 6.19 6.64
N LEU A 72 -2.99 5.17 6.23
CA LEU A 72 -3.36 3.79 6.49
C LEU A 72 -3.67 3.58 7.97
N TYR A 73 -2.88 4.23 8.83
CA TYR A 73 -3.06 4.11 10.27
C TYR A 73 -4.37 4.76 10.72
N ALA A 74 -4.57 6.01 10.29
CA ALA A 74 -5.79 6.75 10.63
C ALA A 74 -7.04 6.02 10.15
N LEU A 75 -6.95 5.44 8.95
CA LEU A 75 -8.07 4.72 8.38
C LEU A 75 -8.40 3.47 9.20
N GLU A 76 -7.39 2.61 9.38
CA GLU A 76 -7.58 1.39 10.16
C GLU A 76 -8.06 1.70 11.57
N ASN A 77 -7.71 2.89 12.06
CA ASN A 77 -8.11 3.30 13.40
C ASN A 77 -9.49 3.96 13.38
N LYS A 78 -9.87 4.48 12.21
CA LYS A 78 -11.16 5.14 12.06
C LYS A 78 -12.27 4.11 11.86
N GLY A 79 -11.90 2.92 11.41
CA GLY A 79 -12.87 1.86 11.19
C GLY A 79 -12.68 1.17 9.85
N LYS A 80 -11.70 1.63 9.09
CA LYS A 80 -11.42 1.04 7.79
C LYS A 80 -10.45 -0.14 7.91
N LEU A 81 -10.22 -0.58 9.14
CA LEU A 81 -9.32 -1.69 9.40
C LEU A 81 -9.75 -2.93 8.62
N ASP A 82 -11.05 -3.16 8.54
CA ASP A 82 -11.60 -4.30 7.82
C ASP A 82 -11.09 -4.32 6.39
N SER A 83 -11.21 -3.19 5.70
CA SER A 83 -10.79 -3.08 4.32
C SER A 83 -9.27 -3.24 4.20
N LEU A 84 -8.54 -2.52 5.03
CA LEU A 84 -7.08 -2.58 5.03
C LEU A 84 -6.60 -4.02 5.22
N LEU A 85 -7.11 -4.68 6.25
CA LEU A 85 -6.74 -6.06 6.53
C LEU A 85 -7.12 -6.98 5.38
N GLN A 86 -8.29 -6.73 4.80
CA GLN A 86 -8.78 -7.53 3.68
C GLN A 86 -7.95 -7.27 2.43
N ASP A 87 -7.33 -6.10 2.37
CA ASP A 87 -6.51 -5.73 1.22
C ASP A 87 -5.09 -6.28 1.37
N VAL A 88 -4.55 -6.21 2.58
CA VAL A 88 -3.21 -6.70 2.84
C VAL A 88 -3.19 -8.23 2.96
N HIS A 89 -4.28 -8.79 3.48
CA HIS A 89 -4.39 -10.23 3.64
C HIS A 89 -4.13 -10.95 2.31
N GLY A 1 -0.80 -21.68 -2.10
CA GLY A 1 -1.93 -20.77 -2.21
C GLY A 1 -2.66 -20.62 -0.89
N PRO A 2 -2.00 -20.00 0.09
CA PRO A 2 -2.58 -19.78 1.43
C PRO A 2 -3.69 -18.74 1.40
N GLY A 3 -4.16 -18.35 2.59
CA GLY A 3 -5.22 -17.36 2.68
C GLY A 3 -4.81 -16.02 2.12
N SER A 4 -5.21 -15.75 0.88
CA SER A 4 -4.87 -14.48 0.24
C SER A 4 -5.98 -14.06 -0.73
N MET A 5 -6.57 -12.89 -0.48
CA MET A 5 -7.63 -12.38 -1.33
C MET A 5 -7.20 -11.08 -2.01
N LYS A 6 -6.26 -10.37 -1.39
CA LYS A 6 -5.76 -9.12 -1.94
C LYS A 6 -4.27 -8.96 -1.66
N GLU A 7 -3.70 -7.86 -2.14
CA GLU A 7 -2.28 -7.58 -1.93
C GLU A 7 -2.04 -6.10 -1.71
N ILE A 8 -1.04 -5.78 -0.91
CA ILE A 8 -0.70 -4.39 -0.61
C ILE A 8 0.56 -3.96 -1.33
N ILE A 9 0.54 -2.75 -1.89
CA ILE A 9 1.70 -2.22 -2.61
C ILE A 9 1.92 -0.75 -2.28
N LEU A 10 3.04 -0.45 -1.63
CA LEU A 10 3.37 0.93 -1.26
C LEU A 10 4.15 1.61 -2.37
N TYR A 11 3.71 2.81 -2.75
CA TYR A 11 4.36 3.58 -3.80
C TYR A 11 5.14 4.75 -3.22
N THR A 12 6.47 4.64 -3.22
CA THR A 12 7.33 5.69 -2.70
C THR A 12 8.79 5.32 -2.83
N ARG A 13 9.67 6.26 -2.49
CA ARG A 13 11.11 6.03 -2.57
C ARG A 13 11.63 5.42 -1.28
N PRO A 14 12.77 4.72 -1.36
CA PRO A 14 13.40 4.07 -0.21
C PRO A 14 13.98 5.08 0.78
N ASN A 15 14.49 4.57 1.90
CA ASN A 15 15.08 5.42 2.92
C ASN A 15 14.01 6.31 3.57
N CYS A 16 12.75 5.99 3.31
CA CYS A 16 11.63 6.75 3.86
C CYS A 16 11.29 6.27 5.27
N PRO A 17 11.49 7.16 6.26
CA PRO A 17 11.21 6.84 7.66
C PRO A 17 9.71 6.73 7.95
N TYR A 18 8.91 7.25 7.02
CA TYR A 18 7.46 7.20 7.16
C TYR A 18 6.91 5.81 6.83
N CYS A 19 7.54 5.16 5.85
CA CYS A 19 7.12 3.83 5.43
C CYS A 19 7.27 2.82 6.57
N LYS A 20 8.18 3.13 7.50
CA LYS A 20 8.43 2.25 8.64
C LYS A 20 7.11 1.87 9.32
N ARG A 21 6.20 2.82 9.42
CA ARG A 21 4.90 2.57 10.05
C ARG A 21 4.09 1.56 9.23
N ALA A 22 3.93 1.86 7.95
CA ALA A 22 3.18 0.98 7.06
C ALA A 22 3.76 -0.42 7.02
N ARG A 23 5.06 -0.51 6.72
CA ARG A 23 5.75 -1.79 6.66
C ARG A 23 5.67 -2.51 8.01
N ASP A 24 5.67 -1.75 9.09
CA ASP A 24 5.59 -2.32 10.43
C ASP A 24 4.26 -3.03 10.64
N LEU A 25 3.17 -2.35 10.30
CA LEU A 25 1.83 -2.90 10.46
C LEU A 25 1.66 -4.16 9.60
N LEU A 26 2.07 -4.06 8.35
CA LEU A 26 1.98 -5.20 7.42
C LEU A 26 2.74 -6.40 7.95
N ASP A 27 4.04 -6.21 8.18
CA ASP A 27 4.89 -7.27 8.68
C ASP A 27 4.35 -7.84 9.99
N LYS A 28 3.80 -6.96 10.82
CA LYS A 28 3.24 -7.36 12.10
C LYS A 28 2.02 -8.25 11.91
N LYS A 29 1.22 -7.95 10.90
CA LYS A 29 0.04 -8.73 10.60
C LYS A 29 0.40 -10.09 10.01
N GLY A 30 1.50 -10.13 9.26
CA GLY A 30 1.95 -11.37 8.66
C GLY A 30 1.58 -11.46 7.19
N VAL A 31 1.82 -10.39 6.46
CA VAL A 31 1.51 -10.36 5.03
C VAL A 31 2.74 -9.96 4.21
N LYS A 32 2.62 -10.06 2.88
CA LYS A 32 3.70 -9.71 1.99
C LYS A 32 3.41 -8.40 1.26
N TYR A 33 4.09 -7.34 1.65
CA TYR A 33 3.91 -6.03 1.04
C TYR A 33 4.90 -5.81 -0.09
N THR A 34 4.45 -5.10 -1.13
CA THR A 34 5.29 -4.83 -2.29
C THR A 34 5.78 -3.37 -2.28
N ASP A 35 7.09 -3.20 -2.34
CA ASP A 35 7.68 -1.86 -2.34
C ASP A 35 7.96 -1.39 -3.76
N ILE A 36 7.38 -0.25 -4.12
CA ILE A 36 7.56 0.31 -5.45
C ILE A 36 8.43 1.56 -5.42
N ASP A 37 9.59 1.49 -6.06
CA ASP A 37 10.51 2.62 -6.11
C ASP A 37 9.89 3.81 -6.82
N ALA A 38 10.19 5.00 -6.35
CA ALA A 38 9.66 6.22 -6.94
C ALA A 38 9.95 6.28 -8.43
N SER A 39 10.97 5.55 -8.86
CA SER A 39 11.36 5.51 -10.26
C SER A 39 10.13 5.29 -11.16
N THR A 40 9.75 6.33 -11.90
CA THR A 40 8.60 6.24 -12.79
C THR A 40 8.72 5.05 -13.73
N SER A 41 9.95 4.63 -13.99
CA SER A 41 10.21 3.50 -14.89
C SER A 41 9.33 2.31 -14.51
N LEU A 42 9.04 2.17 -13.22
CA LEU A 42 8.21 1.09 -12.73
C LEU A 42 7.03 1.61 -11.92
N ARG A 43 7.24 2.72 -11.22
CA ARG A 43 6.20 3.33 -10.40
C ARG A 43 5.06 3.84 -11.28
N GLN A 44 5.41 4.45 -12.41
CA GLN A 44 4.42 4.98 -13.33
C GLN A 44 3.70 3.86 -14.06
N GLU A 45 4.47 2.87 -14.54
CA GLU A 45 3.90 1.74 -15.26
C GLU A 45 3.03 0.88 -14.34
N MET A 46 3.51 0.67 -13.12
CA MET A 46 2.77 -0.13 -12.14
C MET A 46 1.50 0.58 -11.70
N VAL A 47 1.65 1.83 -11.28
CA VAL A 47 0.50 2.63 -10.84
C VAL A 47 -0.51 2.82 -11.96
N GLN A 48 -0.01 2.85 -13.20
CA GLN A 48 -0.86 3.03 -14.36
C GLN A 48 -1.69 1.77 -14.63
N ARG A 49 -1.02 0.62 -14.63
CA ARG A 49 -1.70 -0.65 -14.88
C ARG A 49 -2.43 -1.13 -13.62
N ALA A 50 -2.18 -0.46 -12.51
CA ALA A 50 -2.82 -0.81 -11.25
C ALA A 50 -4.03 0.09 -10.98
N ASN A 51 -3.89 1.37 -11.27
CA ASN A 51 -4.97 2.33 -11.06
C ASN A 51 -5.53 2.82 -12.40
N GLY A 52 -4.63 3.16 -13.31
CA GLY A 52 -5.05 3.65 -14.62
C GLY A 52 -4.29 4.88 -15.05
N ARG A 53 -4.03 5.77 -14.10
CA ARG A 53 -3.30 7.01 -14.38
C ARG A 53 -3.04 7.79 -13.10
N ASN A 54 -1.79 7.77 -12.64
CA ASN A 54 -1.40 8.48 -11.44
C ASN A 54 0.07 8.87 -11.48
N THR A 55 0.42 9.92 -10.74
CA THR A 55 1.79 10.39 -10.69
C THR A 55 2.13 10.97 -9.31
N PHE A 56 1.32 10.63 -8.32
CA PHE A 56 1.53 11.10 -6.96
C PHE A 56 1.81 9.93 -6.02
N PRO A 57 2.63 10.19 -4.98
CA PRO A 57 2.99 9.17 -3.99
C PRO A 57 1.81 8.80 -3.09
N GLN A 58 1.71 7.52 -2.76
CA GLN A 58 0.64 7.03 -1.90
C GLN A 58 0.78 5.54 -1.65
N ILE A 59 -0.13 4.98 -0.86
CA ILE A 59 -0.11 3.56 -0.54
C ILE A 59 -1.25 2.82 -1.24
N PHE A 60 -0.91 1.79 -1.99
CA PHE A 60 -1.90 0.99 -2.70
C PHE A 60 -2.31 -0.23 -1.89
N ILE A 61 -3.62 -0.48 -1.84
CA ILE A 61 -4.15 -1.62 -1.10
C ILE A 61 -5.35 -2.24 -1.81
N GLY A 62 -5.26 -3.53 -2.11
CA GLY A 62 -6.34 -4.21 -2.79
C GLY A 62 -6.87 -3.44 -3.98
N ASP A 63 -5.95 -2.88 -4.77
CA ASP A 63 -6.32 -2.10 -5.95
C ASP A 63 -7.05 -0.82 -5.55
N TYR A 64 -6.64 -0.25 -4.42
CA TYR A 64 -7.25 0.99 -3.92
C TYR A 64 -6.21 1.89 -3.29
N HIS A 65 -5.96 3.03 -3.92
CA HIS A 65 -4.99 3.99 -3.42
C HIS A 65 -5.47 4.64 -2.13
N VAL A 66 -4.55 4.88 -1.20
CA VAL A 66 -4.89 5.50 0.07
C VAL A 66 -4.34 6.91 0.16
N GLY A 67 -3.02 7.02 0.27
CA GLY A 67 -2.40 8.34 0.36
C GLY A 67 -1.14 8.32 1.24
N GLY A 68 -1.03 9.31 2.11
CA GLY A 68 0.12 9.38 2.99
C GLY A 68 0.30 8.13 3.83
N CYS A 69 1.33 8.13 4.67
CA CYS A 69 1.62 6.99 5.52
C CYS A 69 0.65 6.93 6.70
N ASP A 70 0.60 8.02 7.48
CA ASP A 70 -0.28 8.09 8.64
C ASP A 70 -1.73 7.82 8.23
N ASP A 71 -2.05 8.08 6.96
CA ASP A 71 -3.40 7.85 6.46
C ASP A 71 -3.86 6.43 6.76
N LEU A 72 -3.08 5.46 6.32
CA LEU A 72 -3.41 4.05 6.54
C LEU A 72 -3.66 3.78 8.03
N TYR A 73 -2.88 4.42 8.88
CA TYR A 73 -3.01 4.25 10.33
C TYR A 73 -4.32 4.85 10.83
N ALA A 74 -4.55 6.12 10.49
CA ALA A 74 -5.77 6.81 10.90
C ALA A 74 -7.02 6.06 10.44
N LEU A 75 -7.07 5.75 9.15
CA LEU A 75 -8.21 5.02 8.59
C LEU A 75 -8.40 3.68 9.29
N GLU A 76 -7.30 2.95 9.45
CA GLU A 76 -7.35 1.64 10.11
C GLU A 76 -7.96 1.75 11.49
N ASN A 77 -7.61 2.82 12.21
CA ASN A 77 -8.13 3.04 13.55
C ASN A 77 -9.54 3.64 13.50
N LYS A 78 -9.88 4.23 12.36
CA LYS A 78 -11.19 4.85 12.19
C LYS A 78 -12.24 3.80 11.87
N GLY A 79 -11.79 2.66 11.36
CA GLY A 79 -12.72 1.59 11.02
C GLY A 79 -12.39 0.94 9.68
N LYS A 80 -11.40 1.49 8.99
CA LYS A 80 -10.99 0.96 7.70
C LYS A 80 -10.11 -0.28 7.86
N LEU A 81 -9.86 -0.65 9.12
CA LEU A 81 -9.03 -1.82 9.41
C LEU A 81 -9.49 -3.03 8.60
N ASP A 82 -10.79 -3.27 8.58
CA ASP A 82 -11.35 -4.39 7.84
C ASP A 82 -10.88 -4.37 6.38
N SER A 83 -10.90 -3.18 5.78
CA SER A 83 -10.49 -3.02 4.39
C SER A 83 -8.97 -3.16 4.26
N LEU A 84 -8.24 -2.37 5.05
CA LEU A 84 -6.79 -2.40 5.03
C LEU A 84 -6.26 -3.82 5.22
N LEU A 85 -6.72 -4.48 6.28
CA LEU A 85 -6.31 -5.85 6.57
C LEU A 85 -6.70 -6.80 5.44
N GLN A 86 -7.97 -6.75 5.06
CA GLN A 86 -8.48 -7.60 3.99
C GLN A 86 -7.73 -7.34 2.69
N ASP A 87 -7.13 -6.16 2.58
CA ASP A 87 -6.38 -5.79 1.39
C ASP A 87 -4.96 -6.37 1.43
N VAL A 88 -4.25 -6.12 2.53
CA VAL A 88 -2.89 -6.61 2.69
C VAL A 88 -2.87 -8.14 2.78
N HIS A 89 -4.00 -8.72 3.15
CA HIS A 89 -4.12 -10.17 3.27
C HIS A 89 -4.34 -10.81 1.90
N GLY A 1 -8.39 -20.99 -14.85
CA GLY A 1 -9.24 -20.15 -14.03
C GLY A 1 -8.46 -19.05 -13.32
N PRO A 2 -7.97 -18.07 -14.09
CA PRO A 2 -7.21 -16.95 -13.55
C PRO A 2 -8.06 -16.00 -12.73
N GLY A 3 -7.47 -15.44 -11.68
CA GLY A 3 -8.20 -14.52 -10.82
C GLY A 3 -7.32 -13.42 -10.26
N SER A 4 -7.88 -12.62 -9.35
CA SER A 4 -7.12 -11.52 -8.74
C SER A 4 -6.96 -11.76 -7.24
N MET A 5 -5.71 -11.71 -6.78
CA MET A 5 -5.41 -11.91 -5.36
C MET A 5 -5.19 -10.58 -4.66
N LYS A 6 -5.85 -10.38 -3.53
CA LYS A 6 -5.72 -9.15 -2.76
C LYS A 6 -4.31 -9.01 -2.20
N GLU A 7 -3.59 -7.99 -2.68
CA GLU A 7 -2.22 -7.75 -2.23
C GLU A 7 -2.00 -6.26 -1.96
N ILE A 8 -1.20 -5.97 -0.94
CA ILE A 8 -0.90 -4.60 -0.57
C ILE A 8 0.42 -4.14 -1.18
N ILE A 9 0.43 -2.90 -1.68
CA ILE A 9 1.63 -2.34 -2.29
C ILE A 9 1.89 -0.92 -1.78
N LEU A 10 3.16 -0.54 -1.77
CA LEU A 10 3.55 0.79 -1.30
C LEU A 10 4.45 1.48 -2.32
N TYR A 11 3.95 2.57 -2.90
CA TYR A 11 4.71 3.31 -3.90
C TYR A 11 5.45 4.48 -3.25
N THR A 12 6.79 4.37 -3.20
CA THR A 12 7.61 5.41 -2.60
C THR A 12 9.09 5.07 -2.70
N ARG A 13 9.94 5.93 -2.17
CA ARG A 13 11.38 5.72 -2.21
C ARG A 13 11.83 4.89 -1.01
N PRO A 14 13.00 4.26 -1.14
CA PRO A 14 13.58 3.42 -0.07
C PRO A 14 14.03 4.24 1.13
N ASN A 15 14.01 5.57 0.98
CA ASN A 15 14.42 6.46 2.05
C ASN A 15 13.22 7.15 2.68
N CYS A 16 12.27 6.34 3.16
CA CYS A 16 11.08 6.86 3.79
C CYS A 16 11.03 6.50 5.28
N PRO A 17 11.44 7.45 6.13
CA PRO A 17 11.47 7.26 7.58
C PRO A 17 10.06 7.18 8.18
N TYR A 18 9.06 7.44 7.35
CA TYR A 18 7.67 7.41 7.80
C TYR A 18 6.99 6.13 7.34
N CYS A 19 7.25 5.72 6.11
CA CYS A 19 6.67 4.51 5.56
C CYS A 19 6.95 3.31 6.45
N LYS A 20 8.00 3.41 7.26
CA LYS A 20 8.37 2.33 8.17
C LYS A 20 7.17 1.85 8.96
N ARG A 21 6.32 2.78 9.37
CA ARG A 21 5.13 2.44 10.14
C ARG A 21 4.19 1.55 9.33
N ALA A 22 4.06 1.85 8.04
CA ALA A 22 3.20 1.08 7.16
C ALA A 22 3.71 -0.35 7.02
N ARG A 23 4.98 -0.49 6.62
CA ARG A 23 5.58 -1.80 6.45
C ARG A 23 5.54 -2.60 7.74
N ASP A 24 5.63 -1.90 8.87
CA ASP A 24 5.61 -2.54 10.17
C ASP A 24 4.21 -3.07 10.50
N LEU A 25 3.21 -2.25 10.21
CA LEU A 25 1.82 -2.64 10.47
C LEU A 25 1.44 -3.88 9.68
N LEU A 26 1.75 -3.87 8.38
CA LEU A 26 1.44 -5.01 7.52
C LEU A 26 2.24 -6.24 7.94
N ASP A 27 3.55 -6.10 7.95
CA ASP A 27 4.44 -7.21 8.33
C ASP A 27 4.02 -7.79 9.69
N LYS A 28 3.55 -6.93 10.58
CA LYS A 28 3.12 -7.35 11.91
C LYS A 28 1.74 -7.99 11.85
N LYS A 29 0.94 -7.57 10.88
CA LYS A 29 -0.41 -8.10 10.71
C LYS A 29 -0.37 -9.53 10.20
N GLY A 30 0.65 -9.84 9.40
CA GLY A 30 0.78 -11.19 8.87
C GLY A 30 0.46 -11.25 7.38
N VAL A 31 1.14 -10.42 6.60
CA VAL A 31 0.94 -10.37 5.15
C VAL A 31 2.23 -10.05 4.42
N LYS A 32 2.16 -10.04 3.09
CA LYS A 32 3.33 -9.73 2.28
C LYS A 32 3.09 -8.48 1.43
N TYR A 33 3.74 -7.38 1.82
CA TYR A 33 3.59 -6.13 1.10
C TYR A 33 4.68 -5.98 0.04
N THR A 34 4.32 -5.35 -1.08
CA THR A 34 5.26 -5.15 -2.17
C THR A 34 5.73 -3.70 -2.23
N ASP A 35 7.03 -3.49 -2.00
CA ASP A 35 7.60 -2.16 -2.03
C ASP A 35 7.97 -1.75 -3.45
N ILE A 36 7.46 -0.60 -3.88
CA ILE A 36 7.73 -0.10 -5.22
C ILE A 36 8.64 1.12 -5.18
N ASP A 37 9.82 1.00 -5.78
CA ASP A 37 10.78 2.10 -5.80
C ASP A 37 10.13 3.37 -6.32
N ALA A 38 10.52 4.50 -5.74
CA ALA A 38 9.99 5.79 -6.15
C ALA A 38 10.28 6.08 -7.62
N SER A 39 11.25 5.36 -8.17
CA SER A 39 11.64 5.54 -9.56
C SER A 39 10.41 5.47 -10.48
N THR A 40 10.09 6.59 -11.13
CA THR A 40 8.96 6.66 -12.03
C THR A 40 9.16 5.78 -13.25
N SER A 41 10.43 5.52 -13.58
CA SER A 41 10.76 4.69 -14.73
C SER A 41 9.98 3.38 -14.71
N LEU A 42 9.69 2.90 -13.51
CA LEU A 42 8.95 1.65 -13.34
C LEU A 42 7.69 1.87 -12.50
N ARG A 43 7.79 2.77 -11.53
CA ARG A 43 6.66 3.07 -10.65
C ARG A 43 5.49 3.64 -11.46
N GLN A 44 5.81 4.49 -12.43
CA GLN A 44 4.78 5.10 -13.27
C GLN A 44 3.96 4.03 -13.99
N GLU A 45 4.64 2.99 -14.46
CA GLU A 45 3.97 1.91 -15.17
C GLU A 45 3.12 1.08 -14.22
N MET A 46 3.72 0.66 -13.10
CA MET A 46 3.02 -0.15 -12.11
C MET A 46 1.80 0.61 -11.57
N VAL A 47 2.00 1.84 -11.13
CA VAL A 47 0.92 2.66 -10.60
C VAL A 47 -0.13 2.94 -11.66
N GLN A 48 0.32 3.10 -12.91
CA GLN A 48 -0.58 3.37 -14.02
C GLN A 48 -1.57 2.22 -14.20
N ARG A 49 -1.06 1.00 -14.26
CA ARG A 49 -1.89 -0.18 -14.45
C ARG A 49 -2.51 -0.62 -13.12
N ALA A 50 -2.01 -0.04 -12.03
CA ALA A 50 -2.51 -0.37 -10.69
C ALA A 50 -3.84 0.33 -10.41
N ASN A 51 -3.93 1.60 -10.81
CA ASN A 51 -5.15 2.37 -10.60
C ASN A 51 -5.79 2.73 -11.92
N GLY A 52 -4.97 3.05 -12.92
CA GLY A 52 -5.49 3.40 -14.23
C GLY A 52 -5.10 4.81 -14.65
N ARG A 53 -4.01 5.31 -14.07
CA ARG A 53 -3.54 6.65 -14.39
C ARG A 53 -2.22 6.94 -13.69
N ASN A 54 -1.54 7.99 -14.12
CA ASN A 54 -0.26 8.38 -13.54
C ASN A 54 -0.42 9.59 -12.62
N THR A 55 0.17 9.51 -11.43
CA THR A 55 0.09 10.60 -10.46
C THR A 55 1.14 10.44 -9.37
N PHE A 56 1.03 11.26 -8.33
CA PHE A 56 1.97 11.21 -7.22
C PHE A 56 1.95 9.85 -6.55
N PRO A 57 3.05 9.51 -5.85
CA PRO A 57 3.18 8.23 -5.16
C PRO A 57 2.25 8.13 -3.94
N GLN A 58 1.97 6.91 -3.51
CA GLN A 58 1.10 6.69 -2.37
C GLN A 58 1.05 5.20 -2.01
N ILE A 59 0.27 4.87 -0.99
CA ILE A 59 0.12 3.48 -0.54
C ILE A 59 -1.08 2.83 -1.20
N PHE A 60 -0.83 1.76 -1.96
CA PHE A 60 -1.89 1.03 -2.63
C PHE A 60 -2.34 -0.17 -1.81
N ILE A 61 -3.62 -0.51 -1.93
CA ILE A 61 -4.18 -1.65 -1.20
C ILE A 61 -5.09 -2.48 -2.08
N GLY A 62 -4.51 -3.49 -2.72
CA GLY A 62 -5.29 -4.36 -3.59
C GLY A 62 -5.80 -3.64 -4.82
N ASP A 63 -6.96 -3.00 -4.70
CA ASP A 63 -7.56 -2.27 -5.80
C ASP A 63 -7.97 -0.86 -5.37
N TYR A 64 -7.46 -0.43 -4.22
CA TYR A 64 -7.77 0.89 -3.69
C TYR A 64 -6.50 1.65 -3.34
N HIS A 65 -6.41 2.89 -3.82
CA HIS A 65 -5.24 3.73 -3.55
C HIS A 65 -5.54 4.71 -2.42
N VAL A 66 -4.80 4.57 -1.32
CA VAL A 66 -4.98 5.45 -0.17
C VAL A 66 -4.69 6.90 -0.53
N GLY A 67 -3.40 7.22 -0.69
CA GLY A 67 -3.01 8.57 -1.03
C GLY A 67 -2.00 9.15 -0.06
N GLY A 68 -1.75 8.43 1.03
CA GLY A 68 -0.80 8.89 2.03
C GLY A 68 -0.58 7.88 3.13
N CYS A 69 0.43 8.12 3.95
CA CYS A 69 0.75 7.22 5.06
C CYS A 69 -0.14 7.50 6.26
N ASP A 70 -0.18 8.77 6.67
CA ASP A 70 -0.99 9.17 7.82
C ASP A 70 -2.43 8.74 7.64
N ASP A 71 -2.85 8.57 6.39
CA ASP A 71 -4.22 8.15 6.09
C ASP A 71 -4.42 6.68 6.44
N LEU A 72 -3.42 5.86 6.13
CA LEU A 72 -3.49 4.43 6.41
C LEU A 72 -3.44 4.17 7.91
N TYR A 73 -2.63 4.95 8.61
CA TYR A 73 -2.49 4.80 10.05
C TYR A 73 -3.74 5.28 10.78
N ALA A 74 -4.17 6.49 10.49
CA ALA A 74 -5.35 7.08 11.11
C ALA A 74 -6.59 6.22 10.82
N LEU A 75 -6.81 5.93 9.55
CA LEU A 75 -7.96 5.12 9.14
C LEU A 75 -7.93 3.76 9.83
N GLU A 76 -6.77 3.11 9.80
CA GLU A 76 -6.62 1.80 10.42
C GLU A 76 -7.00 1.84 11.89
N ASN A 77 -6.63 2.93 12.56
CA ASN A 77 -6.92 3.10 13.98
C ASN A 77 -8.32 3.68 14.17
N LYS A 78 -8.91 4.17 13.08
CA LYS A 78 -10.24 4.76 13.13
C LYS A 78 -11.31 3.69 12.98
N GLY A 79 -10.94 2.56 12.37
CA GLY A 79 -11.88 1.48 12.17
C GLY A 79 -11.76 0.85 10.81
N LYS A 80 -10.92 1.44 9.96
CA LYS A 80 -10.70 0.92 8.61
C LYS A 80 -9.79 -0.30 8.63
N LEU A 81 -9.31 -0.66 9.82
CA LEU A 81 -8.43 -1.80 9.98
C LEU A 81 -9.03 -3.05 9.34
N ASP A 82 -10.33 -3.25 9.57
CA ASP A 82 -11.03 -4.40 9.01
C ASP A 82 -10.79 -4.51 7.51
N SER A 83 -10.90 -3.38 6.83
CA SER A 83 -10.71 -3.35 5.38
C SER A 83 -9.25 -3.61 5.02
N LEU A 84 -8.34 -2.89 5.67
CA LEU A 84 -6.91 -3.05 5.41
C LEU A 84 -6.48 -4.51 5.59
N LEU A 85 -6.91 -5.11 6.69
CA LEU A 85 -6.58 -6.50 6.98
C LEU A 85 -7.19 -7.43 5.94
N GLN A 86 -8.46 -7.23 5.65
CA GLN A 86 -9.16 -8.05 4.66
C GLN A 86 -8.53 -7.91 3.28
N ASP A 87 -7.86 -6.79 3.05
CA ASP A 87 -7.20 -6.54 1.78
C ASP A 87 -5.80 -7.13 1.77
N VAL A 88 -4.94 -6.63 2.66
CA VAL A 88 -3.57 -7.12 2.75
C VAL A 88 -3.52 -8.63 2.86
N HIS A 89 -4.55 -9.20 3.48
CA HIS A 89 -4.63 -10.65 3.66
C HIS A 89 -4.63 -11.36 2.31
#